data_2M2W
#
_entry.id   2M2W
#
loop_
_entity.id
_entity.type
_entity.pdbx_description
1 polymer 'Repair DNA polymerase X'
2 polymer "5'-D(P*GP*GP*CP*GP*AP*AP*GP*CP*CP*GP*GP*GP*TP*GP*CP*GP*AP*AP*GP*CP*AP*CP*(DOC))-3'"
3 non-polymer "2'-DEOXYGUANOSINE-5'-TRIPHOSPHATE"
4 non-polymer 'MAGNESIUM ION'
#
loop_
_entity_poly.entity_id
_entity_poly.type
_entity_poly.pdbx_seq_one_letter_code
_entity_poly.pdbx_strand_id
1 'polypeptide(L)'
;MLTLIQGKKIVNHLRSRLAFEYNGQLIKILSKNIVAVGSLRREEKMLNDVDLLIIVPEKKLLKHVLPNIRIKGLSFSVKV
CGERKCVLFIEWEKKTYQLDLFTALAEEKPYAIFHFTGPVSYLIRIRAALKKKNYKLNQYGLFKNQTLVPLKITTEKELI
KELGFTYRIPKKRL
;
A
2 'polydeoxyribonucleotide'
;(DG)(DG)(DC)(DG)(DA)(DA)(DG)(DC)(DC)(DG)(DG)(DG)(DT)(DG)(DC)(DG)(DA)(DA)(DG)(DC)
(DA)(DC)(DOC)
;
B
#
loop_
_chem_comp.id
_chem_comp.type
_chem_comp.name
_chem_comp.formula
DA DNA linking 2'-DEOXYADENOSINE-5'-MONOPHOSPHATE 'C10 H14 N5 O6 P'
DC DNA linking 2'-DEOXYCYTIDINE-5'-MONOPHOSPHATE 'C9 H14 N3 O7 P'
DG DNA linking 2'-DEOXYGUANOSINE-5'-MONOPHOSPHATE 'C10 H14 N5 O7 P'
DGT non-polymer 2'-DEOXYGUANOSINE-5'-TRIPHOSPHATE 'C10 H16 N5 O13 P3'
DOC DNA linking 2',3'-DIDEOXYCYTIDINE-5'-MONOPHOSPHATE 'C9 H14 N3 O6 P'
DT DNA linking THYMIDINE-5'-MONOPHOSPHATE 'C10 H15 N2 O8 P'
MG non-polymer 'MAGNESIUM ION' 'Mg 2'
#
# COMPACT_ATOMS: atom_id res chain seq x y z
N MET A 1 19.64 9.21 6.00
CA MET A 1 18.24 8.72 5.93
C MET A 1 17.30 9.79 6.47
N LEU A 2 16.02 9.45 6.60
CA LEU A 2 15.03 10.39 7.11
C LEU A 2 14.65 10.03 8.55
N THR A 3 13.80 10.85 9.17
CA THR A 3 13.39 10.59 10.54
C THR A 3 11.88 10.40 10.66
N LEU A 4 11.48 9.78 11.77
CA LEU A 4 10.07 9.50 12.05
C LEU A 4 9.23 10.77 11.98
N ILE A 5 9.70 11.84 12.63
CA ILE A 5 8.96 13.10 12.62
C ILE A 5 8.79 13.61 11.18
N GLN A 6 9.87 13.55 10.41
CA GLN A 6 9.81 13.98 9.02
C GLN A 6 8.90 13.04 8.26
N GLY A 7 9.09 11.73 8.49
CA GLY A 7 8.24 10.74 7.85
C GLY A 7 6.79 11.00 8.21
N LYS A 8 6.56 11.25 9.49
CA LYS A 8 5.22 11.53 9.98
C LYS A 8 4.74 12.83 9.37
N LYS A 9 5.61 13.84 9.38
CA LYS A 9 5.28 15.13 8.79
C LYS A 9 4.92 14.98 7.31
N ILE A 10 5.78 14.29 6.55
CA ILE A 10 5.47 14.10 5.13
C ILE A 10 4.23 13.23 5.02
N VAL A 11 4.14 12.24 5.93
CA VAL A 11 2.96 11.37 5.96
C VAL A 11 1.73 12.23 6.24
N ASN A 12 1.87 13.19 7.15
CA ASN A 12 0.77 14.10 7.51
C ASN A 12 0.47 14.98 6.31
N HIS A 13 1.54 15.53 5.73
CA HIS A 13 1.42 16.35 4.54
C HIS A 13 0.66 15.56 3.47
N LEU A 14 1.15 14.36 3.18
CA LEU A 14 0.50 13.49 2.19
C LEU A 14 -0.90 13.08 2.69
N ARG A 15 -1.00 12.90 4.00
CA ARG A 15 -2.27 12.52 4.64
C ARG A 15 -3.30 13.65 4.58
N SER A 16 -2.86 14.89 4.62
CA SER A 16 -3.80 16.01 4.59
C SER A 16 -3.76 16.86 3.30
N ARG A 17 -2.73 16.69 2.48
CA ARG A 17 -2.60 17.54 1.30
C ARG A 17 -2.44 16.86 -0.09
N LEU A 18 -2.62 15.54 -0.30
CA LEU A 18 -2.30 15.00 -1.66
C LEU A 18 -3.25 15.51 -2.75
N ALA A 19 -2.93 15.23 -4.01
CA ALA A 19 -3.81 15.62 -5.12
C ALA A 19 -3.60 14.72 -6.33
N PHE A 20 -4.58 14.70 -7.23
CA PHE A 20 -4.48 13.90 -8.44
C PHE A 20 -5.27 14.53 -9.56
N GLU A 21 -4.86 14.23 -10.80
CA GLU A 21 -5.55 14.74 -11.97
C GLU A 21 -6.81 13.96 -12.21
N TYR A 22 -7.79 14.63 -12.78
CA TYR A 22 -9.10 14.06 -13.00
C TYR A 22 -9.76 14.67 -14.23
N ASN A 23 -9.82 13.88 -15.31
CA ASN A 23 -10.43 14.28 -16.58
C ASN A 23 -10.09 15.72 -16.96
N GLY A 24 -8.82 16.06 -16.86
CA GLY A 24 -8.38 17.41 -17.18
C GLY A 24 -8.34 18.33 -15.99
N GLN A 25 -8.97 17.95 -14.87
CA GLN A 25 -8.97 18.77 -13.67
C GLN A 25 -8.14 18.08 -12.60
N LEU A 26 -8.14 18.62 -11.37
CA LEU A 26 -7.35 18.03 -10.29
C LEU A 26 -8.17 17.91 -9.01
N ILE A 27 -7.97 16.80 -8.31
CA ILE A 27 -8.67 16.52 -7.05
C ILE A 27 -7.67 16.24 -5.94
N LYS A 28 -7.90 16.79 -4.75
CA LYS A 28 -7.00 16.61 -3.61
C LYS A 28 -7.26 15.29 -2.87
N ILE A 29 -6.24 14.80 -2.15
CA ILE A 29 -6.34 13.57 -1.39
C ILE A 29 -5.94 13.78 0.07
N LEU A 30 -6.94 13.40 0.90
CA LEU A 30 -6.91 13.48 2.34
C LEU A 30 -6.83 12.09 2.99
N SER A 31 -6.90 12.11 4.31
CA SER A 31 -6.67 10.96 5.21
C SER A 31 -7.45 9.65 4.99
N LYS A 32 -8.80 9.63 4.95
CA LYS A 32 -9.54 8.35 4.87
C LYS A 32 -9.12 7.35 3.72
N ASN A 33 -8.60 7.87 2.60
CA ASN A 33 -8.23 7.02 1.42
C ASN A 33 -6.74 6.82 1.38
N ILE A 34 -6.12 7.10 2.50
CA ILE A 34 -4.67 6.96 2.57
C ILE A 34 -4.20 6.27 3.88
N VAL A 35 -3.31 5.27 3.73
CA VAL A 35 -2.73 4.52 4.85
C VAL A 35 -1.19 4.56 4.71
N ALA A 36 -0.46 4.41 5.81
CA ALA A 36 1.00 4.43 5.75
C ALA A 36 1.59 3.03 5.66
N VAL A 37 2.77 2.95 5.07
CA VAL A 37 3.48 1.68 4.91
C VAL A 37 4.98 1.88 5.06
N GLY A 38 5.66 1.05 5.82
CA GLY A 38 7.09 1.23 5.93
C GLY A 38 7.65 0.81 7.26
N SER A 39 8.81 1.35 7.56
CA SER A 39 9.49 1.10 8.80
C SER A 39 8.57 1.40 9.98
N LEU A 40 7.78 2.48 9.87
CA LEU A 40 6.84 2.87 10.93
C LEU A 40 5.93 1.71 11.35
N ARG A 41 5.39 0.97 10.39
CA ARG A 41 4.48 -0.14 10.70
C ARG A 41 5.27 -1.36 11.18
N ARG A 42 6.49 -1.48 10.68
CA ARG A 42 7.36 -2.60 11.05
C ARG A 42 8.11 -2.27 12.34
N GLU A 43 8.09 -0.99 12.70
CA GLU A 43 8.68 -0.47 13.93
C GLU A 43 10.20 -0.40 13.86
N GLU A 44 10.71 0.21 12.81
CA GLU A 44 12.14 0.37 12.66
C GLU A 44 12.57 1.75 13.14
N LYS A 45 13.79 1.84 13.66
CA LYS A 45 14.32 3.10 14.15
C LYS A 45 15.06 3.81 13.05
N MET A 46 15.32 3.10 11.97
CA MET A 46 15.98 3.73 10.86
C MET A 46 15.03 3.70 9.70
N LEU A 47 14.70 4.88 9.24
CA LEU A 47 13.81 4.97 8.12
C LEU A 47 14.58 4.99 6.82
N ASN A 48 14.44 3.89 6.09
CA ASN A 48 15.07 3.72 4.79
C ASN A 48 14.14 4.27 3.73
N ASP A 49 12.93 3.74 3.72
CA ASP A 49 11.90 4.19 2.78
C ASP A 49 10.54 4.18 3.47
N VAL A 50 9.77 5.25 3.35
CA VAL A 50 8.44 5.29 3.95
C VAL A 50 7.40 5.24 2.84
N ASP A 51 6.52 4.26 2.89
CA ASP A 51 5.50 4.06 1.88
C ASP A 51 4.10 4.37 2.42
N LEU A 52 3.12 4.24 1.56
CA LEU A 52 1.75 4.57 1.89
C LEU A 52 0.83 3.66 1.09
N LEU A 53 -0.41 3.59 1.51
CA LEU A 53 -1.40 2.77 0.85
C LEU A 53 -2.56 3.69 0.49
N ILE A 54 -2.92 3.68 -0.78
CA ILE A 54 -4.00 4.52 -1.27
C ILE A 54 -4.95 3.69 -2.12
N ILE A 55 -6.12 3.39 -1.56
CA ILE A 55 -7.13 2.59 -2.23
C ILE A 55 -8.35 3.45 -2.59
N VAL A 56 -9.02 3.11 -3.68
CA VAL A 56 -10.21 3.84 -4.12
C VAL A 56 -11.47 3.02 -3.89
N PRO A 57 -12.54 3.63 -3.32
CA PRO A 57 -13.80 2.93 -3.06
C PRO A 57 -14.73 2.92 -4.27
N GLU A 58 -14.57 3.89 -5.16
CA GLU A 58 -15.40 3.95 -6.36
C GLU A 58 -14.82 3.00 -7.40
N LYS A 59 -15.69 2.34 -8.15
CA LYS A 59 -15.23 1.36 -9.13
C LYS A 59 -14.61 2.02 -10.36
N LYS A 60 -15.04 3.23 -10.71
CA LYS A 60 -14.47 3.90 -11.88
C LYS A 60 -13.30 4.75 -11.44
N LEU A 61 -13.59 5.78 -10.59
CA LEU A 61 -12.52 6.62 -10.01
C LEU A 61 -11.33 5.82 -9.52
N LEU A 62 -11.51 4.53 -9.31
CA LEU A 62 -10.43 3.67 -8.91
C LEU A 62 -9.26 3.86 -9.88
N LYS A 63 -9.59 3.93 -11.16
CA LYS A 63 -8.59 4.13 -12.20
C LYS A 63 -8.42 5.61 -12.58
N HIS A 64 -9.11 6.51 -11.87
CA HIS A 64 -8.99 7.95 -12.18
C HIS A 64 -7.89 8.58 -11.36
N VAL A 65 -7.52 7.92 -10.27
CA VAL A 65 -6.44 8.39 -9.42
C VAL A 65 -5.12 7.99 -10.06
N LEU A 66 -5.18 6.91 -10.82
CA LEU A 66 -4.03 6.36 -11.52
C LEU A 66 -3.36 7.38 -12.45
N PRO A 67 -4.14 8.08 -13.34
CA PRO A 67 -3.63 9.09 -14.27
C PRO A 67 -2.46 9.91 -13.70
N ASN A 68 -2.74 10.98 -12.97
CA ASN A 68 -1.65 11.76 -12.40
C ASN A 68 -1.89 12.13 -10.95
N ILE A 69 -1.20 11.44 -10.04
CA ILE A 69 -1.30 11.72 -8.61
C ILE A 69 -0.10 12.58 -8.18
N ARG A 70 -0.36 13.67 -7.44
CA ARG A 70 0.72 14.57 -7.05
C ARG A 70 0.39 15.43 -5.81
N ILE A 71 1.36 16.26 -5.43
CA ILE A 71 1.23 17.18 -4.30
C ILE A 71 1.46 18.62 -4.77
N LYS A 72 0.97 19.60 -4.02
CA LYS A 72 1.10 21.01 -4.39
C LYS A 72 2.43 21.67 -3.98
N GLY A 73 3.27 22.06 -4.95
CA GLY A 73 4.47 22.83 -4.64
C GLY A 73 5.71 22.06 -4.18
N LEU A 74 5.97 20.87 -4.71
CA LEU A 74 7.16 20.12 -4.26
C LEU A 74 7.95 19.54 -5.44
N SER A 75 8.99 18.77 -5.11
CA SER A 75 9.75 18.14 -6.15
C SER A 75 9.40 16.68 -6.16
N PHE A 76 8.79 16.20 -7.22
CA PHE A 76 8.43 14.80 -7.28
C PHE A 76 8.45 14.26 -8.69
N SER A 77 8.98 13.06 -8.80
CA SER A 77 9.04 12.37 -10.06
C SER A 77 8.33 11.03 -9.91
N VAL A 78 7.24 10.85 -10.65
CA VAL A 78 6.43 9.64 -10.56
C VAL A 78 6.52 8.78 -11.82
N LYS A 79 6.96 7.54 -11.68
CA LYS A 79 7.07 6.62 -12.79
C LYS A 79 6.36 5.31 -12.43
N VAL A 80 6.11 4.47 -13.41
CA VAL A 80 5.46 3.19 -13.15
C VAL A 80 6.49 2.22 -12.52
N CYS A 81 6.01 1.36 -11.64
CA CYS A 81 6.86 0.42 -10.94
C CYS A 81 6.34 -1.01 -11.06
N GLY A 82 7.28 -1.92 -11.26
CA GLY A 82 6.97 -3.34 -11.38
C GLY A 82 5.94 -3.63 -12.44
N GLU A 83 4.79 -4.09 -12.01
CA GLU A 83 3.71 -4.42 -12.91
C GLU A 83 2.76 -3.24 -13.04
N ARG A 84 2.24 -2.77 -11.92
CA ARG A 84 1.31 -1.64 -11.90
C ARG A 84 1.54 -0.81 -10.63
N LYS A 85 2.79 -0.77 -10.18
CA LYS A 85 3.17 -0.04 -8.97
C LYS A 85 3.60 1.38 -9.32
N CYS A 86 3.63 2.26 -8.33
CA CYS A 86 3.99 3.64 -8.63
C CYS A 86 5.35 3.98 -8.01
N VAL A 87 6.33 4.34 -8.84
CA VAL A 87 7.65 4.69 -8.31
C VAL A 87 7.81 6.19 -8.36
N LEU A 88 8.01 6.76 -7.20
CA LEU A 88 8.14 8.18 -7.08
C LEU A 88 9.49 8.57 -6.50
N PHE A 89 9.99 9.66 -7.00
CA PHE A 89 11.21 10.23 -6.50
C PHE A 89 10.72 11.51 -5.90
N ILE A 90 11.00 11.76 -4.64
CA ILE A 90 10.46 12.96 -4.03
C ILE A 90 11.58 13.85 -3.55
N GLU A 91 11.48 15.10 -3.92
CA GLU A 91 12.44 16.09 -3.53
C GLU A 91 11.78 17.28 -2.85
N TRP A 92 12.41 17.58 -1.72
CA TRP A 92 12.00 18.64 -0.81
C TRP A 92 13.19 18.99 0.08
N GLU A 93 13.28 20.26 0.48
CA GLU A 93 14.38 20.72 1.34
C GLU A 93 15.71 20.35 0.71
N LYS A 94 15.73 20.41 -0.62
CA LYS A 94 16.89 20.07 -1.43
C LYS A 94 17.26 18.59 -1.26
N LYS A 95 16.32 17.78 -0.74
CA LYS A 95 16.57 16.36 -0.59
C LYS A 95 15.60 15.56 -1.45
N THR A 96 16.14 14.48 -2.05
CA THR A 96 15.38 13.60 -2.91
C THR A 96 15.31 12.19 -2.34
N TYR A 97 14.11 11.63 -2.21
CA TYR A 97 13.94 10.29 -1.71
C TYR A 97 13.14 9.45 -2.71
N GLN A 98 13.17 8.13 -2.53
CA GLN A 98 12.48 7.21 -3.43
C GLN A 98 11.24 6.61 -2.77
N LEU A 99 10.07 6.95 -3.32
CA LEU A 99 8.80 6.45 -2.81
C LEU A 99 8.16 5.48 -3.79
N ASP A 100 7.88 4.27 -3.36
CA ASP A 100 7.25 3.27 -4.21
C ASP A 100 5.82 3.05 -3.75
N LEU A 101 4.88 3.70 -4.41
CA LEU A 101 3.49 3.61 -4.04
C LEU A 101 2.74 2.56 -4.85
N PHE A 102 1.51 2.30 -4.41
CA PHE A 102 0.64 1.34 -5.04
C PHE A 102 -0.81 1.72 -4.76
N THR A 103 -1.58 1.82 -5.83
CA THR A 103 -3.00 2.13 -5.71
C THR A 103 -3.81 0.95 -6.21
N ALA A 104 -4.74 0.43 -5.41
CA ALA A 104 -5.52 -0.73 -5.79
C ALA A 104 -6.96 -0.59 -5.29
N LEU A 105 -7.77 -1.63 -5.49
CA LEU A 105 -9.16 -1.60 -5.07
C LEU A 105 -9.29 -1.68 -3.55
N ALA A 106 -10.19 -0.85 -2.99
CA ALA A 106 -10.42 -0.80 -1.55
C ALA A 106 -10.68 -2.18 -0.95
N GLU A 107 -11.19 -3.10 -1.76
CA GLU A 107 -11.46 -4.44 -1.29
C GLU A 107 -10.17 -5.24 -1.16
N GLU A 108 -9.10 -4.77 -1.82
CA GLU A 108 -7.82 -5.48 -1.76
C GLU A 108 -7.08 -5.12 -0.46
N LYS A 109 -7.52 -4.00 0.12
CA LYS A 109 -6.97 -3.44 1.36
C LYS A 109 -6.42 -4.48 2.37
N PRO A 110 -7.23 -5.45 2.87
CA PRO A 110 -6.71 -6.44 3.83
C PRO A 110 -5.52 -7.24 3.27
N TYR A 111 -5.74 -7.85 2.10
CA TYR A 111 -4.72 -8.65 1.43
C TYR A 111 -3.52 -7.77 1.14
N ALA A 112 -3.83 -6.58 0.62
CA ALA A 112 -2.82 -5.59 0.31
C ALA A 112 -2.03 -5.29 1.57
N ILE A 113 -2.75 -4.97 2.64
CA ILE A 113 -2.14 -4.68 3.92
C ILE A 113 -1.29 -5.87 4.34
N PHE A 114 -1.90 -7.07 4.36
CA PHE A 114 -1.14 -8.27 4.70
C PHE A 114 0.10 -8.41 3.84
N HIS A 115 -0.10 -8.44 2.51
CA HIS A 115 1.02 -8.53 1.55
C HIS A 115 2.06 -7.45 1.82
N PHE A 116 1.61 -6.21 1.90
CA PHE A 116 2.51 -5.07 2.10
C PHE A 116 3.14 -5.01 3.50
N THR A 117 2.43 -5.45 4.54
CA THR A 117 2.95 -5.36 5.90
C THR A 117 4.09 -6.33 6.29
N GLY A 118 4.19 -7.58 5.83
CA GLY A 118 5.34 -8.32 6.35
C GLY A 118 6.49 -8.62 5.37
N PRO A 119 6.88 -9.90 5.15
CA PRO A 119 7.97 -10.26 4.21
C PRO A 119 7.62 -11.29 3.10
N VAL A 120 8.02 -10.96 1.86
CA VAL A 120 7.83 -11.79 0.65
C VAL A 120 7.81 -13.31 0.92
N SER A 121 8.90 -13.85 1.49
CA SER A 121 8.96 -15.28 1.82
C SER A 121 7.73 -15.75 2.61
N TYR A 122 7.27 -14.90 3.53
CA TYR A 122 6.11 -15.22 4.36
C TYR A 122 4.93 -15.19 3.43
N LEU A 123 4.93 -14.14 2.63
CA LEU A 123 3.92 -13.96 1.62
C LEU A 123 3.86 -15.21 0.77
N ILE A 124 4.99 -15.65 0.17
CA ILE A 124 5.01 -16.88 -0.62
C ILE A 124 4.62 -18.08 0.22
N ARG A 125 5.31 -18.26 1.36
CA ARG A 125 4.96 -19.36 2.26
C ARG A 125 3.45 -19.36 2.52
N ILE A 126 2.95 -18.19 2.84
CA ILE A 126 1.52 -18.01 3.09
C ILE A 126 0.76 -18.33 1.79
N ARG A 127 1.27 -17.79 0.68
CA ARG A 127 0.66 -18.04 -0.62
C ARG A 127 0.61 -19.53 -0.92
N ALA A 128 1.76 -20.22 -0.88
CA ALA A 128 1.78 -21.66 -1.09
C ALA A 128 0.99 -22.39 -0.03
N ALA A 129 1.31 -22.10 1.24
CA ALA A 129 0.60 -22.69 2.36
C ALA A 129 -0.88 -22.58 2.10
N LEU A 130 -1.34 -21.37 1.78
CA LEU A 130 -2.74 -21.19 1.46
C LEU A 130 -3.11 -21.92 0.16
N LYS A 131 -2.29 -21.81 -0.90
CA LYS A 131 -2.62 -22.49 -2.15
C LYS A 131 -2.83 -23.96 -1.88
N LYS A 132 -1.87 -24.58 -1.21
CA LYS A 132 -2.00 -25.99 -0.85
C LYS A 132 -3.31 -26.26 -0.10
N LYS A 133 -4.04 -25.22 0.32
CA LYS A 133 -5.33 -25.44 0.96
C LYS A 133 -6.42 -25.45 -0.11
N ASN A 134 -5.95 -25.50 -1.38
CA ASN A 134 -6.80 -25.56 -2.57
C ASN A 134 -7.49 -24.23 -2.83
N TYR A 135 -6.74 -23.15 -2.60
CA TYR A 135 -7.22 -21.81 -2.81
C TYR A 135 -6.02 -20.92 -3.13
N LYS A 136 -6.14 -20.06 -4.12
CA LYS A 136 -5.04 -19.17 -4.47
C LYS A 136 -5.34 -17.78 -3.95
N LEU A 137 -4.45 -17.26 -3.11
CA LEU A 137 -4.67 -15.98 -2.48
C LEU A 137 -3.88 -14.88 -3.17
N ASN A 138 -4.58 -13.93 -3.78
CA ASN A 138 -3.88 -12.83 -4.42
C ASN A 138 -4.60 -11.52 -4.10
N GLN A 139 -3.93 -10.39 -4.37
CA GLN A 139 -4.48 -9.05 -4.11
C GLN A 139 -5.96 -8.98 -4.50
N TYR A 140 -6.26 -9.53 -5.65
CA TYR A 140 -7.60 -9.57 -6.20
C TYR A 140 -8.55 -10.40 -5.34
N GLY A 141 -8.03 -11.39 -4.64
CA GLY A 141 -8.90 -12.23 -3.85
C GLY A 141 -8.37 -13.64 -3.72
N LEU A 142 -9.32 -14.57 -3.79
CA LEU A 142 -9.01 -15.98 -3.71
C LEU A 142 -9.36 -16.61 -5.05
N PHE A 143 -8.38 -17.20 -5.69
CA PHE A 143 -8.59 -17.88 -6.95
C PHE A 143 -8.66 -19.38 -6.71
N LYS A 144 -9.66 -20.01 -7.29
CA LYS A 144 -9.85 -21.43 -7.16
C LYS A 144 -10.11 -22.04 -8.52
N ASN A 145 -9.18 -22.87 -8.99
CA ASN A 145 -9.30 -23.51 -10.30
C ASN A 145 -9.72 -22.48 -11.35
N GLN A 146 -8.97 -21.36 -11.36
CA GLN A 146 -9.20 -20.26 -12.29
C GLN A 146 -10.45 -19.44 -11.90
N THR A 147 -11.14 -19.86 -10.85
CA THR A 147 -12.33 -19.13 -10.40
C THR A 147 -11.91 -18.06 -9.39
N LEU A 148 -12.59 -16.92 -9.45
CA LEU A 148 -12.27 -15.81 -8.57
C LEU A 148 -13.24 -15.73 -7.39
N VAL A 149 -12.68 -15.61 -6.19
CA VAL A 149 -13.46 -15.50 -4.97
C VAL A 149 -12.97 -14.29 -4.17
N PRO A 150 -13.83 -13.27 -4.00
CA PRO A 150 -13.48 -12.06 -3.26
C PRO A 150 -13.60 -12.21 -1.74
N LEU A 151 -13.01 -11.25 -1.04
CA LEU A 151 -12.98 -11.20 0.42
C LEU A 151 -14.30 -10.70 1.00
N LYS A 152 -14.60 -11.10 2.23
CA LYS A 152 -15.82 -10.69 2.90
C LYS A 152 -15.53 -9.79 4.10
N ILE A 153 -14.25 -9.61 4.43
CA ILE A 153 -13.87 -8.77 5.56
C ILE A 153 -13.18 -7.47 5.14
N THR A 154 -12.76 -6.68 6.13
CA THR A 154 -12.07 -5.43 5.86
C THR A 154 -10.97 -5.17 6.91
N THR A 155 -10.74 -6.12 7.82
CA THR A 155 -9.72 -5.94 8.86
C THR A 155 -8.66 -7.06 8.85
N GLU A 156 -7.63 -6.90 9.68
CA GLU A 156 -6.49 -7.81 9.73
C GLU A 156 -6.83 -9.14 10.40
N LYS A 157 -7.33 -9.10 11.66
CA LYS A 157 -7.64 -10.33 12.35
C LYS A 157 -8.79 -10.95 11.60
N GLU A 158 -9.58 -10.06 11.01
CA GLU A 158 -10.68 -10.43 10.18
C GLU A 158 -10.12 -11.18 8.98
N LEU A 159 -9.13 -10.60 8.29
CA LEU A 159 -8.53 -11.27 7.14
C LEU A 159 -7.88 -12.59 7.57
N ILE A 160 -7.15 -12.56 8.71
CA ILE A 160 -6.51 -13.80 9.11
C ILE A 160 -7.59 -14.79 9.51
N LYS A 161 -8.53 -14.39 10.36
CA LYS A 161 -9.66 -15.26 10.71
C LYS A 161 -10.49 -15.56 9.47
N GLU A 162 -10.40 -14.71 8.46
CA GLU A 162 -11.14 -14.95 7.24
C GLU A 162 -10.46 -16.09 6.50
N LEU A 163 -9.13 -16.01 6.30
CA LEU A 163 -8.45 -17.11 5.60
C LEU A 163 -8.19 -18.30 6.52
N GLY A 164 -8.04 -18.04 7.80
CA GLY A 164 -7.78 -19.12 8.75
C GLY A 164 -6.31 -19.22 9.13
N PHE A 165 -5.70 -18.07 9.41
CA PHE A 165 -4.30 -18.03 9.79
C PHE A 165 -4.12 -17.16 11.03
N THR A 166 -2.88 -17.09 11.52
CA THR A 166 -2.57 -16.30 12.70
C THR A 166 -1.75 -15.07 12.30
N TYR A 167 -1.90 -14.01 13.07
CA TYR A 167 -1.18 -12.76 12.82
C TYR A 167 0.21 -12.81 13.45
N ARG A 168 1.23 -12.84 12.61
CA ARG A 168 2.62 -12.89 13.09
C ARG A 168 3.24 -11.50 12.98
N ILE A 169 3.82 -11.03 14.07
CA ILE A 169 4.44 -9.70 14.07
C ILE A 169 5.81 -9.74 13.41
N PRO A 170 6.02 -8.85 12.40
CA PRO A 170 7.27 -8.76 11.64
C PRO A 170 8.51 -8.92 12.52
N LYS A 171 8.51 -8.25 13.66
CA LYS A 171 9.62 -8.32 14.61
C LYS A 171 9.96 -9.76 14.97
N LYS A 172 9.04 -10.69 14.78
CA LYS A 172 9.34 -12.07 15.10
C LYS A 172 9.96 -12.78 13.90
N ARG A 173 9.97 -12.09 12.75
CA ARG A 173 10.53 -12.64 11.52
C ARG A 173 9.86 -13.95 11.16
N LEU A 174 8.63 -13.84 10.64
CA LEU A 174 7.84 -15.01 10.26
C LEU A 174 7.46 -15.83 11.48
N1 DOC B 23 8.72 -5.11 -6.24
C2 DOC B 23 7.88 -6.07 -6.82
N3 DOC B 23 8.38 -7.28 -7.12
C4 DOC B 23 9.66 -7.56 -6.85
C5 DOC B 23 10.54 -6.61 -6.27
C6 DOC B 23 10.02 -5.39 -5.98
O2 DOC B 23 6.70 -5.77 -7.04
N4 DOC B 23 10.12 -8.78 -7.17
C1' DOC B 23 8.14 -3.79 -5.92
C2' DOC B 23 8.22 -3.39 -4.45
C3' DOC B 23 9.44 -2.51 -4.35
C4' DOC B 23 9.72 -2.03 -5.78
O4' DOC B 23 8.86 -2.82 -6.65
C5' DOC B 23 11.15 -2.21 -6.23
O5' DOC B 23 11.49 -1.21 -7.18
P DOC B 23 13.02 -0.88 -7.50
OP1 DOC B 23 13.11 0.41 -8.21
OP2 DOC B 23 13.81 -1.08 -6.25
H5 DOC B 23 11.59 -6.84 -6.06
H6 DOC B 23 10.67 -4.64 -5.52
HN41 DOC B 23 11.07 -9.03 -6.99
HN42 DOC B 23 9.49 -9.47 -7.55
H1' DOC B 23 7.12 -3.78 -6.28
H2' DOC B 23 8.30 -4.25 -3.79
H2'' DOC B 23 7.31 -2.85 -4.17
H3'1 DOC B 23 10.30 -3.08 -3.96
H3'2 DOC B 23 9.25 -1.65 -3.70
H4' DOC B 23 9.50 -0.97 -5.80
H5' DOC B 23 11.81 -2.13 -5.36
H5'' DOC B 23 11.27 -3.20 -6.67
PG DGT C . 10.08 -1.18 4.31
O1G DGT C . 11.65 -0.90 4.50
O2G DGT C . 9.36 -1.30 5.59
O3G DGT C . 9.53 0.07 3.44
O3B DGT C . 9.96 -2.48 3.37
PB DGT C . 8.85 -2.54 2.21
O1B DGT C . 8.31 -3.92 2.19
O2B DGT C . 7.90 -1.42 2.40
O3A DGT C . 9.72 -2.29 0.88
PA DGT C . 9.32 -1.16 -0.20
O1A DGT C . 9.45 0.18 0.43
O2A DGT C . 10.10 -1.42 -1.44
O5' DGT C . 7.77 -1.46 -0.48
C5' DGT C . 7.39 -2.47 -1.41
C4' DGT C . 5.87 -2.70 -1.35
O4' DGT C . 5.56 -3.88 -2.12
C3' DGT C . 5.56 -3.10 0.09
O3' DGT C . 4.15 -3.22 0.26
C2' DGT C . 6.20 -4.50 0.06
C1' DGT C . 5.52 -5.00 -1.21
N9 DGT C . 6.23 -6.17 -1.77
C8 DGT C . 5.71 -7.38 -1.94
N7 DGT C . 6.62 -8.19 -2.47
C5 DGT C . 7.74 -7.50 -2.62
C6 DGT C . 9.01 -7.81 -3.12
O6 DGT C . 9.26 -8.95 -3.52
N1 DGT C . 9.99 -6.83 -3.14
C2 DGT C . 9.68 -5.54 -2.68
N2 DGT C . 10.61 -4.59 -2.69
N3 DGT C . 8.45 -5.26 -2.20
C4 DGT C . 7.50 -6.20 -2.18
HO3' DGT C . 3.70 -2.41 -0.10
HN2 DGT C . 10.40 -3.68 -2.36
HN2A DGT C . 11.53 -4.80 -3.04
H16 DGT C . 10.91 -7.03 -3.49
MG MG D . 8.98 2.10 -0.81
MG MG E . 8.96 0.70 2.42
N MET A 1 17.97 7.96 7.31
CA MET A 1 18.19 9.02 6.31
C MET A 1 17.43 10.29 6.70
N LEU A 2 16.14 10.15 6.95
CA LEU A 2 15.31 11.28 7.34
C LEU A 2 14.79 11.07 8.76
N THR A 3 14.14 12.09 9.31
CA THR A 3 13.63 12.00 10.68
C THR A 3 12.13 11.73 10.75
N LEU A 4 11.69 11.27 11.91
CA LEU A 4 10.29 10.96 12.17
C LEU A 4 9.43 12.21 11.97
N ILE A 5 9.86 13.34 12.55
CA ILE A 5 9.12 14.59 12.41
C ILE A 5 9.05 14.96 10.93
N GLN A 6 10.17 14.80 10.24
CA GLN A 6 10.22 15.08 8.80
C GLN A 6 9.24 14.13 8.11
N GLY A 7 9.38 12.85 8.46
CA GLY A 7 8.49 11.84 7.92
C GLY A 7 7.05 12.19 8.20
N LYS A 8 6.79 12.59 9.44
CA LYS A 8 5.45 12.96 9.85
C LYS A 8 5.04 14.21 9.09
N LYS A 9 5.93 15.19 9.02
CA LYS A 9 5.67 16.41 8.29
C LYS A 9 5.36 16.10 6.84
N ILE A 10 6.22 15.31 6.18
CA ILE A 10 5.97 14.98 4.79
C ILE A 10 4.71 14.12 4.72
N VAL A 11 4.53 13.25 5.72
CA VAL A 11 3.35 12.42 5.79
C VAL A 11 2.13 13.33 5.91
N ASN A 12 2.26 14.37 6.73
CA ASN A 12 1.17 15.31 6.93
C ASN A 12 0.95 16.08 5.64
N HIS A 13 2.06 16.58 5.10
CA HIS A 13 2.03 17.29 3.82
C HIS A 13 1.33 16.42 2.79
N LEU A 14 1.82 15.19 2.63
CA LEU A 14 1.22 14.25 1.69
C LEU A 14 -0.22 13.92 2.13
N ARG A 15 -0.43 13.90 3.44
CA ARG A 15 -1.76 13.62 3.98
C ARG A 15 -2.72 14.79 3.75
N SER A 16 -2.21 16.02 3.68
CA SER A 16 -3.09 17.18 3.46
C SER A 16 -2.93 17.78 2.05
N ARG A 17 -1.91 17.38 1.30
CA ARG A 17 -1.66 17.96 -0.01
C ARG A 17 -1.66 16.96 -1.19
N LEU A 18 -1.93 15.68 -0.96
CA LEU A 18 -1.90 14.70 -2.07
C LEU A 18 -2.95 15.00 -3.13
N ALA A 19 -2.62 14.67 -4.40
CA ALA A 19 -3.55 14.91 -5.49
C ALA A 19 -3.33 13.96 -6.66
N PHE A 20 -4.35 13.85 -7.50
CA PHE A 20 -4.28 13.00 -8.67
C PHE A 20 -4.87 13.74 -9.84
N GLU A 21 -4.23 13.58 -10.97
CA GLU A 21 -4.60 14.24 -12.19
C GLU A 21 -4.68 13.24 -13.34
N TYR A 22 -5.74 13.42 -14.11
CA TYR A 22 -6.00 12.57 -15.27
C TYR A 22 -6.96 13.28 -16.24
N ASN A 23 -6.73 13.08 -17.53
CA ASN A 23 -7.58 13.65 -18.59
C ASN A 23 -8.03 15.10 -18.29
N GLY A 24 -7.08 15.95 -17.93
CA GLY A 24 -7.42 17.34 -17.64
C GLY A 24 -8.21 17.50 -16.35
N GLN A 25 -8.22 16.46 -15.53
CA GLN A 25 -8.93 16.47 -14.27
C GLN A 25 -7.93 16.28 -13.14
N LEU A 26 -7.91 17.23 -12.21
CA LEU A 26 -7.01 17.21 -11.08
C LEU A 26 -7.80 17.19 -9.78
N ILE A 27 -7.65 16.15 -8.99
CA ILE A 27 -8.37 16.04 -7.73
C ILE A 27 -7.40 15.73 -6.59
N LYS A 28 -7.59 16.39 -5.45
CA LYS A 28 -6.74 16.16 -4.29
C LYS A 28 -7.17 14.87 -3.58
N ILE A 29 -6.25 14.21 -2.89
CA ILE A 29 -6.58 12.97 -2.20
C ILE A 29 -6.68 13.19 -0.70
N LEU A 30 -7.79 12.71 -0.14
CA LEU A 30 -8.07 12.82 1.30
C LEU A 30 -7.15 11.90 2.11
N SER A 31 -6.80 12.37 3.29
CA SER A 31 -5.92 11.69 4.22
C SER A 31 -6.33 10.24 4.57
N LYS A 32 -7.62 9.99 4.76
CA LYS A 32 -8.12 8.66 5.17
C LYS A 32 -8.02 7.57 4.09
N ASN A 33 -7.39 7.88 2.98
CA ASN A 33 -7.22 6.94 1.86
C ASN A 33 -5.79 6.42 1.82
N ILE A 34 -5.05 6.72 2.87
CA ILE A 34 -3.64 6.39 2.92
C ILE A 34 -3.26 5.62 4.19
N VAL A 35 -2.44 4.57 4.01
CA VAL A 35 -1.93 3.76 5.12
C VAL A 35 -0.40 3.74 5.11
N ALA A 36 0.22 4.26 6.15
CA ALA A 36 1.68 4.35 6.19
C ALA A 36 2.35 3.02 6.51
N VAL A 37 2.98 2.44 5.51
CA VAL A 37 3.71 1.18 5.68
C VAL A 37 5.21 1.47 5.61
N GLY A 38 5.98 0.92 6.55
CA GLY A 38 7.40 1.17 6.53
C GLY A 38 8.01 1.04 7.92
N SER A 39 9.21 1.59 8.06
CA SER A 39 9.94 1.58 9.31
C SER A 39 9.12 2.16 10.48
N LEU A 40 8.46 3.31 10.25
CA LEU A 40 7.66 3.96 11.29
C LEU A 40 6.60 3.02 11.86
N ARG A 41 6.02 2.16 11.02
CA ARG A 41 5.01 1.21 11.48
C ARG A 41 5.68 0.05 12.21
N ARG A 42 6.97 -0.10 11.98
CA ARG A 42 7.76 -1.16 12.60
C ARG A 42 8.52 -0.62 13.81
N GLU A 43 8.67 0.71 13.86
CA GLU A 43 9.35 1.42 14.96
C GLU A 43 10.86 1.35 14.82
N GLU A 44 11.34 1.45 13.60
CA GLU A 44 12.77 1.44 13.33
C GLU A 44 13.36 2.81 13.73
N LYS A 45 14.58 2.81 14.24
CA LYS A 45 15.22 4.04 14.69
C LYS A 45 15.84 4.79 13.53
N MET A 46 15.86 4.16 12.37
CA MET A 46 16.38 4.81 11.20
C MET A 46 15.48 4.48 10.03
N LEU A 47 14.89 5.51 9.46
CA LEU A 47 14.03 5.27 8.33
C LEU A 47 14.68 5.69 7.02
N ASN A 48 14.14 5.12 5.95
CA ASN A 48 14.62 5.35 4.60
C ASN A 48 13.48 5.15 3.60
N ASP A 49 12.88 3.97 3.64
CA ASP A 49 11.76 3.67 2.75
C ASP A 49 10.45 3.78 3.52
N VAL A 50 9.54 4.58 3.01
CA VAL A 50 8.24 4.74 3.61
C VAL A 50 7.21 4.49 2.54
N ASP A 51 6.35 3.52 2.73
CA ASP A 51 5.37 3.19 1.72
C ASP A 51 3.99 3.46 2.27
N LEU A 52 3.36 4.51 1.80
CA LEU A 52 2.01 4.83 2.25
C LEU A 52 1.04 4.23 1.26
N LEU A 53 0.24 3.31 1.73
CA LEU A 53 -0.73 2.63 0.90
C LEU A 53 -1.90 3.54 0.63
N ILE A 54 -2.41 3.45 -0.59
CA ILE A 54 -3.54 4.26 -1.03
C ILE A 54 -4.53 3.39 -1.78
N ILE A 55 -5.69 3.15 -1.18
CA ILE A 55 -6.71 2.31 -1.80
C ILE A 55 -7.83 3.15 -2.42
N VAL A 56 -8.37 2.67 -3.52
CA VAL A 56 -9.46 3.36 -4.22
C VAL A 56 -10.77 2.58 -4.13
N PRO A 57 -11.80 3.16 -3.49
CA PRO A 57 -13.12 2.52 -3.35
C PRO A 57 -13.99 2.76 -4.59
N GLU A 58 -13.40 2.61 -5.75
CA GLU A 58 -14.09 2.79 -7.02
C GLU A 58 -13.56 1.77 -8.01
N LYS A 59 -14.44 1.21 -8.83
CA LYS A 59 -14.05 0.21 -9.79
C LYS A 59 -13.25 0.81 -10.93
N LYS A 60 -13.52 2.07 -11.32
CA LYS A 60 -12.80 2.67 -12.42
C LYS A 60 -11.60 3.46 -11.91
N LEU A 61 -11.90 4.55 -11.14
CA LEU A 61 -10.85 5.40 -10.53
C LEU A 61 -9.69 4.62 -9.93
N LEU A 62 -9.91 3.35 -9.60
CA LEU A 62 -8.84 2.50 -9.10
C LEU A 62 -7.61 2.66 -9.99
N LYS A 63 -7.82 2.62 -11.30
CA LYS A 63 -6.73 2.77 -12.26
C LYS A 63 -6.55 4.21 -12.73
N HIS A 64 -7.64 4.99 -12.77
CA HIS A 64 -7.58 6.39 -13.27
C HIS A 64 -6.77 7.33 -12.40
N VAL A 65 -6.47 6.92 -11.19
CA VAL A 65 -5.68 7.75 -10.29
C VAL A 65 -4.20 7.67 -10.66
N LEU A 66 -3.83 6.55 -11.28
CA LEU A 66 -2.44 6.28 -11.68
C LEU A 66 -1.82 7.38 -12.56
N PRO A 67 -2.51 7.87 -13.65
CA PRO A 67 -1.98 8.91 -14.55
C PRO A 67 -1.08 9.92 -13.84
N ASN A 68 -1.62 10.97 -13.24
CA ASN A 68 -0.74 11.86 -12.50
C ASN A 68 -1.15 11.88 -11.03
N ILE A 69 -0.53 11.03 -10.23
CA ILE A 69 -0.82 10.98 -8.78
C ILE A 69 0.33 11.63 -8.03
N ARG A 70 0.10 12.83 -7.51
CA ARG A 70 1.18 13.57 -6.86
C ARG A 70 0.72 14.75 -6.01
N ILE A 71 1.71 15.54 -5.58
CA ILE A 71 1.46 16.78 -4.84
C ILE A 71 1.44 17.95 -5.83
N LYS A 72 0.94 19.12 -5.42
CA LYS A 72 0.87 20.27 -6.33
C LYS A 72 2.14 21.16 -6.32
N GLY A 73 2.74 21.42 -7.49
CA GLY A 73 3.86 22.35 -7.56
C GLY A 73 5.15 21.97 -6.82
N LEU A 74 5.53 20.70 -6.80
CA LEU A 74 6.77 20.34 -6.11
C LEU A 74 7.76 19.62 -7.03
N SER A 75 8.82 19.07 -6.42
CA SER A 75 9.85 18.37 -7.15
C SER A 75 9.72 16.86 -6.93
N PHE A 76 9.21 16.15 -7.93
CA PHE A 76 9.02 14.72 -7.79
C PHE A 76 8.98 13.99 -9.15
N SER A 77 9.56 12.82 -9.14
CA SER A 77 9.58 11.96 -10.30
C SER A 77 8.71 10.75 -10.02
N VAL A 78 7.66 10.57 -10.82
CA VAL A 78 6.74 9.45 -10.62
C VAL A 78 6.92 8.39 -11.70
N LYS A 79 7.22 7.18 -11.29
CA LYS A 79 7.37 6.08 -12.22
C LYS A 79 6.36 5.00 -11.86
N VAL A 80 5.38 4.80 -12.72
CA VAL A 80 4.36 3.81 -12.45
C VAL A 80 4.87 2.42 -12.86
N CYS A 81 4.91 1.51 -11.91
CA CYS A 81 5.36 0.18 -12.19
C CYS A 81 4.14 -0.74 -12.20
N GLY A 82 3.78 -1.13 -13.39
CA GLY A 82 2.65 -1.96 -13.58
C GLY A 82 1.39 -1.29 -13.06
N GLU A 83 0.34 -2.06 -12.99
CA GLU A 83 -0.92 -1.58 -12.48
C GLU A 83 -0.89 -1.58 -10.95
N ARG A 84 0.15 -2.19 -10.39
CA ARG A 84 0.24 -2.34 -8.94
C ARG A 84 1.29 -1.46 -8.22
N LYS A 85 2.38 -1.01 -8.86
CA LYS A 85 3.35 -0.25 -8.07
C LYS A 85 3.59 1.17 -8.57
N CYS A 86 3.77 2.10 -7.62
CA CYS A 86 4.06 3.49 -7.98
C CYS A 86 5.41 3.89 -7.41
N VAL A 87 6.37 4.15 -8.28
CA VAL A 87 7.71 4.51 -7.84
C VAL A 87 7.88 6.01 -7.89
N LEU A 88 7.96 6.63 -6.73
CA LEU A 88 8.11 8.06 -6.64
C LEU A 88 9.50 8.46 -6.20
N PHE A 89 10.02 9.48 -6.86
CA PHE A 89 11.30 10.07 -6.54
C PHE A 89 10.94 11.46 -6.10
N ILE A 90 11.37 11.90 -4.94
CA ILE A 90 10.94 13.21 -4.48
C ILE A 90 12.10 14.10 -4.10
N GLU A 91 12.02 15.34 -4.58
CA GLU A 91 13.03 16.32 -4.28
C GLU A 91 12.42 17.42 -3.42
N TRP A 92 12.88 17.48 -2.17
CA TRP A 92 12.41 18.45 -1.20
C TRP A 92 13.59 19.11 -0.51
N GLU A 93 13.59 20.44 -0.46
CA GLU A 93 14.68 21.19 0.19
C GLU A 93 16.04 20.74 -0.35
N LYS A 94 16.07 20.44 -1.65
CA LYS A 94 17.28 19.96 -2.32
C LYS A 94 17.58 18.51 -1.92
N LYS A 95 16.68 17.91 -1.14
CA LYS A 95 16.85 16.53 -0.73
C LYS A 95 16.02 15.65 -1.65
N THR A 96 16.69 14.71 -2.30
CA THR A 96 16.05 13.81 -3.25
C THR A 96 15.88 12.42 -2.65
N TYR A 97 14.64 11.97 -2.51
CA TYR A 97 14.39 10.64 -1.94
C TYR A 97 13.55 9.77 -2.87
N GLN A 98 13.55 8.48 -2.56
CA GLN A 98 12.81 7.48 -3.33
C GLN A 98 11.70 6.85 -2.49
N LEU A 99 10.49 6.85 -3.04
CA LEU A 99 9.34 6.27 -2.37
C LEU A 99 8.59 5.35 -3.33
N ASP A 100 8.09 4.24 -2.81
CA ASP A 100 7.36 3.29 -3.62
C ASP A 100 5.94 3.14 -3.09
N LEU A 101 5.00 3.73 -3.79
CA LEU A 101 3.61 3.68 -3.37
C LEU A 101 2.86 2.57 -4.10
N PHE A 102 1.65 2.29 -3.63
CA PHE A 102 0.82 1.24 -4.19
C PHE A 102 -0.64 1.63 -4.12
N THR A 103 -1.32 1.52 -5.24
CA THR A 103 -2.74 1.79 -5.31
C THR A 103 -3.49 0.49 -5.60
N ALA A 104 -4.43 0.10 -4.76
CA ALA A 104 -5.16 -1.15 -4.95
C ALA A 104 -6.63 -0.96 -4.60
N LEU A 105 -7.41 -2.04 -4.70
CA LEU A 105 -8.84 -1.97 -4.40
C LEU A 105 -9.10 -1.99 -2.89
N ALA A 106 -10.03 -1.14 -2.46
CA ALA A 106 -10.38 -1.02 -1.04
C ALA A 106 -10.65 -2.37 -0.38
N GLU A 107 -11.17 -3.32 -1.15
CA GLU A 107 -11.44 -4.65 -0.64
C GLU A 107 -10.15 -5.44 -0.42
N GLU A 108 -9.03 -4.96 -0.97
CA GLU A 108 -7.76 -5.66 -0.79
C GLU A 108 -7.15 -5.31 0.55
N LYS A 109 -7.63 -4.21 1.13
CA LYS A 109 -7.19 -3.69 2.43
C LYS A 109 -6.58 -4.74 3.37
N PRO A 110 -7.33 -5.76 3.85
CA PRO A 110 -6.77 -6.76 4.77
C PRO A 110 -5.59 -7.54 4.15
N TYR A 111 -5.82 -8.07 2.95
CA TYR A 111 -4.80 -8.83 2.23
C TYR A 111 -3.59 -7.94 1.99
N ALA A 112 -3.86 -6.75 1.48
CA ALA A 112 -2.83 -5.77 1.21
C ALA A 112 -2.06 -5.51 2.50
N ILE A 113 -2.82 -5.26 3.57
CA ILE A 113 -2.23 -5.03 4.88
C ILE A 113 -1.34 -6.22 5.24
N PHE A 114 -1.96 -7.42 5.25
CA PHE A 114 -1.23 -8.65 5.55
C PHE A 114 0.00 -8.78 4.67
N HIS A 115 -0.20 -8.76 3.35
CA HIS A 115 0.91 -8.80 2.39
C HIS A 115 1.97 -7.74 2.73
N PHE A 116 1.54 -6.50 2.86
CA PHE A 116 2.44 -5.37 3.16
C PHE A 116 3.16 -5.42 4.54
N THR A 117 2.48 -5.91 5.57
CA THR A 117 3.07 -5.89 6.92
C THR A 117 4.42 -6.65 7.20
N GLY A 118 4.80 -7.80 6.60
CA GLY A 118 6.10 -8.31 7.06
C GLY A 118 7.19 -8.57 5.97
N PRO A 119 7.73 -9.80 5.82
CA PRO A 119 8.76 -10.05 4.83
C PRO A 119 8.48 -11.18 3.81
N VAL A 120 8.97 -10.95 2.58
CA VAL A 120 8.81 -11.87 1.43
C VAL A 120 8.76 -13.36 1.83
N SER A 121 9.81 -13.89 2.44
CA SER A 121 9.81 -15.28 2.88
C SER A 121 8.56 -15.64 3.70
N TYR A 122 8.13 -14.75 4.60
CA TYR A 122 6.96 -15.03 5.44
C TYR A 122 5.78 -14.98 4.52
N LEU A 123 5.82 -13.97 3.66
CA LEU A 123 4.81 -13.78 2.66
C LEU A 123 4.71 -15.06 1.84
N ILE A 124 5.83 -15.58 1.32
CA ILE A 124 5.81 -16.83 0.57
C ILE A 124 5.32 -17.98 1.45
N ARG A 125 5.96 -18.12 2.62
CA ARG A 125 5.53 -19.16 3.57
C ARG A 125 4.02 -19.07 3.76
N ILE A 126 3.56 -17.86 4.00
CA ILE A 126 2.15 -17.59 4.17
C ILE A 126 1.40 -17.93 2.87
N ARG A 127 1.96 -17.49 1.74
CA ARG A 127 1.38 -17.76 0.43
C ARG A 127 1.29 -19.28 0.18
N ALA A 128 2.40 -20.01 0.31
CA ALA A 128 2.35 -21.46 0.15
C ALA A 128 1.46 -22.08 1.22
N ALA A 129 1.72 -21.69 2.49
CA ALA A 129 0.89 -22.16 3.59
C ALA A 129 -0.56 -21.98 3.19
N LEU A 130 -0.88 -20.79 2.67
CA LEU A 130 -2.23 -20.54 2.19
C LEU A 130 -2.58 -21.45 1.03
N LYS A 131 -1.73 -21.56 -0.03
CA LYS A 131 -2.10 -22.47 -1.14
C LYS A 131 -2.39 -23.84 -0.54
N LYS A 132 -1.48 -24.27 0.34
CA LYS A 132 -1.64 -25.52 1.07
C LYS A 132 -3.04 -25.66 1.70
N LYS A 133 -3.79 -24.56 1.81
CA LYS A 133 -5.13 -24.62 2.37
C LYS A 133 -6.14 -24.83 1.25
N ASN A 134 -5.61 -25.11 0.05
CA ASN A 134 -6.43 -25.35 -1.15
C ASN A 134 -7.11 -24.07 -1.59
N TYR A 135 -6.45 -22.96 -1.30
CA TYR A 135 -6.94 -21.64 -1.64
C TYR A 135 -5.73 -20.72 -1.74
N LYS A 136 -5.50 -20.11 -2.87
CA LYS A 136 -4.35 -19.23 -2.99
C LYS A 136 -4.80 -17.80 -2.81
N LEU A 137 -4.19 -17.09 -1.89
CA LEU A 137 -4.60 -15.73 -1.57
C LEU A 137 -3.77 -14.72 -2.33
N ASN A 138 -4.42 -13.95 -3.17
CA ASN A 138 -3.72 -12.93 -3.92
C ASN A 138 -4.52 -11.64 -3.86
N GLN A 139 -3.87 -10.53 -4.20
CA GLN A 139 -4.50 -9.21 -4.18
C GLN A 139 -5.85 -9.23 -4.90
N TYR A 140 -5.98 -10.13 -5.85
CA TYR A 140 -7.22 -10.29 -6.60
C TYR A 140 -8.27 -11.04 -5.80
N GLY A 141 -7.81 -11.85 -4.86
CA GLY A 141 -8.75 -12.61 -4.05
C GLY A 141 -8.15 -13.92 -3.59
N LEU A 142 -8.98 -14.94 -3.63
CA LEU A 142 -8.56 -16.28 -3.28
C LEU A 142 -8.72 -17.15 -4.51
N PHE A 143 -7.64 -17.75 -4.96
CA PHE A 143 -7.67 -18.62 -6.13
C PHE A 143 -7.73 -20.06 -5.71
N LYS A 144 -8.77 -20.73 -6.18
CA LYS A 144 -8.96 -22.13 -5.88
C LYS A 144 -8.84 -22.92 -7.17
N ASN A 145 -7.70 -23.60 -7.33
CA ASN A 145 -7.42 -24.40 -8.53
C ASN A 145 -8.08 -23.83 -9.79
N GLN A 146 -7.60 -22.66 -10.22
CA GLN A 146 -8.10 -21.94 -11.40
C GLN A 146 -9.38 -21.16 -11.11
N THR A 147 -10.03 -21.44 -9.99
CA THR A 147 -11.25 -20.73 -9.63
C THR A 147 -10.92 -19.49 -8.81
N LEU A 148 -11.65 -18.42 -9.05
CA LEU A 148 -11.42 -17.16 -8.35
C LEU A 148 -12.47 -16.96 -7.27
N VAL A 149 -12.02 -16.69 -6.06
CA VAL A 149 -12.92 -16.46 -4.94
C VAL A 149 -12.61 -15.11 -4.29
N PRO A 150 -13.59 -14.21 -4.18
CA PRO A 150 -13.40 -12.90 -3.58
C PRO A 150 -13.60 -12.93 -2.06
N LEU A 151 -12.86 -12.09 -1.36
CA LEU A 151 -12.96 -12.01 0.09
C LEU A 151 -14.22 -11.25 0.50
N LYS A 152 -14.79 -11.63 1.63
CA LYS A 152 -16.02 -10.99 2.10
C LYS A 152 -15.79 -10.24 3.42
N ILE A 153 -14.54 -9.91 3.71
CA ILE A 153 -14.24 -9.22 4.97
C ILE A 153 -13.34 -8.01 4.76
N THR A 154 -13.10 -7.28 5.84
CA THR A 154 -12.24 -6.10 5.80
C THR A 154 -11.55 -5.87 7.16
N THR A 155 -12.01 -6.56 8.18
CA THR A 155 -11.45 -6.42 9.53
C THR A 155 -10.30 -7.40 9.74
N GLU A 156 -9.37 -7.06 10.62
CA GLU A 156 -8.21 -7.89 10.88
C GLU A 156 -8.64 -9.22 11.52
N LYS A 157 -9.59 -9.14 12.46
CA LYS A 157 -10.09 -10.33 13.11
C LYS A 157 -10.74 -11.20 12.07
N GLU A 158 -11.59 -10.58 11.26
CA GLU A 158 -12.23 -11.29 10.16
C GLU A 158 -11.15 -11.80 9.24
N LEU A 159 -10.15 -10.96 8.98
CA LEU A 159 -9.05 -11.36 8.13
C LEU A 159 -8.47 -12.67 8.68
N ILE A 160 -8.02 -12.61 9.93
CA ILE A 160 -7.44 -13.81 10.52
C ILE A 160 -8.48 -14.93 10.64
N LYS A 161 -9.66 -14.63 11.20
CA LYS A 161 -10.72 -15.64 11.35
C LYS A 161 -11.25 -16.13 9.99
N GLU A 162 -11.11 -15.33 8.94
CA GLU A 162 -11.55 -15.77 7.62
C GLU A 162 -10.39 -16.48 6.95
N LEU A 163 -9.17 -16.08 7.34
CA LEU A 163 -7.96 -16.68 6.78
C LEU A 163 -7.63 -17.98 7.50
N GLY A 164 -8.05 -18.09 8.76
CA GLY A 164 -7.81 -19.29 9.53
C GLY A 164 -6.48 -19.25 10.24
N PHE A 165 -5.96 -18.05 10.45
CA PHE A 165 -4.69 -17.85 11.12
C PHE A 165 -4.83 -16.84 12.26
N THR A 166 -3.74 -16.53 12.92
CA THR A 166 -3.75 -15.58 14.03
C THR A 166 -2.81 -14.42 13.70
N TYR A 167 -3.16 -13.23 14.19
CA TYR A 167 -2.36 -12.04 13.94
C TYR A 167 -1.03 -12.11 14.68
N ARG A 168 0.05 -11.87 13.95
CA ARG A 168 1.38 -11.88 14.51
C ARG A 168 2.05 -10.54 14.27
N ILE A 169 2.94 -10.15 15.17
CA ILE A 169 3.65 -8.89 15.04
C ILE A 169 5.04 -9.11 14.46
N PRO A 170 5.30 -8.53 13.26
CA PRO A 170 6.58 -8.67 12.54
C PRO A 170 7.78 -8.69 13.47
N LYS A 171 7.82 -7.76 14.43
CA LYS A 171 8.91 -7.65 15.39
C LYS A 171 9.14 -8.97 16.14
N LYS A 172 8.16 -9.87 16.15
CA LYS A 172 8.33 -11.15 16.80
C LYS A 172 8.91 -12.17 15.82
N ARG A 173 9.00 -11.76 14.55
CA ARG A 173 9.55 -12.59 13.47
C ARG A 173 8.72 -13.85 13.21
N LEU A 174 7.92 -13.81 12.14
CA LEU A 174 7.09 -14.94 11.73
C LEU A 174 6.10 -15.35 12.81
N1 DOC B 23 8.24 -5.27 -5.60
C2 DOC B 23 7.31 -6.08 -6.26
N3 DOC B 23 7.72 -7.27 -6.76
C4 DOC B 23 9.00 -7.66 -6.62
C5 DOC B 23 9.96 -6.86 -5.96
C6 DOC B 23 9.54 -5.68 -5.46
O2 DOC B 23 6.14 -5.68 -6.37
N4 DOC B 23 9.34 -8.84 -7.13
C1' DOC B 23 7.80 -3.98 -5.05
C2' DOC B 23 8.10 -3.78 -3.56
C3' DOC B 23 8.79 -2.42 -3.49
C4' DOC B 23 9.40 -2.27 -4.88
O4' DOC B 23 8.49 -2.96 -5.77
C5' DOC B 23 10.78 -2.87 -5.02
O5' DOC B 23 11.67 -1.93 -5.61
P DOC B 23 11.64 -1.65 -7.18
OP1 DOC B 23 10.59 -2.50 -7.80
OP2 DOC B 23 11.60 -0.18 -7.37
H5 DOC B 23 10.99 -7.19 -5.84
H6 DOC B 23 10.26 -5.03 -4.94
HN41 DOC B 23 10.30 -9.18 -7.04
HN42 DOC B 23 8.66 -9.44 -7.58
H1' DOC B 23 6.73 -3.87 -5.26
H2' DOC B 23 8.73 -4.57 -3.16
H2'' DOC B 23 7.17 -3.78 -3.00
H3'1 DOC B 23 9.56 -2.42 -2.73
H3'2 DOC B 23 8.06 -1.62 -3.31
H4' DOC B 23 9.48 -1.20 -5.08
H5' DOC B 23 11.15 -3.14 -4.04
H5'' DOC B 23 10.73 -3.76 -5.64
PG DGT C . 9.65 -1.84 5.00
O1G DGT C . 11.18 -1.52 5.42
O2G DGT C . 8.73 -1.81 6.16
O3G DGT C . 9.29 -0.72 3.90
O3B DGT C . 9.67 -3.25 4.22
PB DGT C . 8.87 -3.41 2.84
O1B DGT C . 8.47 -4.83 2.71
O2B DGT C . 7.82 -2.38 2.79
O3A DGT C . 9.99 -3.06 1.73
PA DGT C . 9.62 -2.22 0.42
O1A DGT C . 9.26 -0.84 0.82
O2A DGT C . 10.72 -2.38 -0.56
O5' DGT C . 8.33 -3.00 -0.14
C5' DGT C . 7.07 -2.32 -0.27
C4' DGT C . 5.89 -3.28 -0.09
O4' DGT C . 5.93 -4.35 -1.06
C3' DGT C . 5.97 -3.96 1.29
O3' DGT C . 4.66 -4.09 1.83
C2' DGT C . 6.53 -5.34 0.92
C1' DGT C . 5.69 -5.57 -0.33
N9 DGT C . 6.22 -6.73 -1.09
C8 DGT C . 5.57 -7.87 -1.35
N7 DGT C . 6.38 -8.68 -2.05
C5 DGT C . 7.53 -8.05 -2.23
C6 DGT C . 8.71 -8.40 -2.88
O6 DGT C . 8.84 -9.50 -3.42
N1 DGT C . 9.77 -7.49 -2.89
C2 DGT C . 9.61 -6.25 -2.26
N2 DGT C . 10.62 -5.37 -2.27
N3 DGT C . 8.46 -5.95 -1.65
C4 DGT C . 7.44 -6.81 -1.63
HO3' DGT C . 4.27 -3.19 1.99
HN2 DGT C . 10.49 -4.49 -1.83
HN2A DGT C . 11.48 -5.60 -2.72
H16 DGT C . 10.63 -7.71 -3.34
MG MG D . 9.10 1.08 -0.46
MG MG E . 8.67 -0.19 2.83
N MET A 1 18.44 8.04 6.78
CA MET A 1 18.04 8.86 5.62
C MET A 1 17.00 9.90 6.03
N LEU A 2 15.76 9.47 6.23
CA LEU A 2 14.69 10.37 6.64
C LEU A 2 14.33 10.15 8.10
N THR A 3 13.81 11.18 8.74
CA THR A 3 13.44 11.08 10.14
C THR A 3 11.93 10.86 10.29
N LEU A 4 11.55 10.23 11.39
CA LEU A 4 10.15 9.94 11.67
C LEU A 4 9.31 11.22 11.63
N ILE A 5 9.80 12.28 12.27
CA ILE A 5 9.08 13.54 12.30
C ILE A 5 8.92 14.09 10.89
N GLN A 6 9.99 14.04 10.09
CA GLN A 6 9.94 14.49 8.71
C GLN A 6 8.99 13.59 7.95
N GLY A 7 9.17 12.29 8.17
CA GLY A 7 8.29 11.31 7.54
C GLY A 7 6.85 11.61 7.93
N LYS A 8 6.66 11.91 9.21
CA LYS A 8 5.34 12.23 9.71
C LYS A 8 4.88 13.53 9.06
N LYS A 9 5.78 14.52 9.02
CA LYS A 9 5.47 15.80 8.38
C LYS A 9 5.05 15.58 6.94
N ILE A 10 5.87 14.82 6.19
CA ILE A 10 5.54 14.56 4.79
C ILE A 10 4.29 13.70 4.72
N VAL A 11 4.17 12.74 5.65
CA VAL A 11 2.99 11.88 5.70
C VAL A 11 1.76 12.73 6.00
N ASN A 12 1.90 13.67 6.93
CA ASN A 12 0.78 14.53 7.30
C ASN A 12 0.50 15.45 6.12
N HIS A 13 1.58 16.03 5.59
CA HIS A 13 1.46 16.89 4.43
C HIS A 13 0.73 16.12 3.33
N LEU A 14 1.24 14.93 3.02
CA LEU A 14 0.62 14.09 2.01
C LEU A 14 -0.79 13.68 2.44
N ARG A 15 -0.95 13.43 3.73
CA ARG A 15 -2.24 13.01 4.26
C ARG A 15 -3.25 14.17 4.30
N SER A 16 -2.75 15.40 4.36
CA SER A 16 -3.66 16.56 4.38
C SER A 16 -3.60 17.39 3.09
N ARG A 17 -2.60 17.14 2.25
CA ARG A 17 -2.42 17.92 1.02
C ARG A 17 -2.39 17.12 -0.29
N LEU A 18 -2.58 15.79 -0.28
CA LEU A 18 -2.51 15.03 -1.53
C LEU A 18 -3.66 15.40 -2.49
N ALA A 19 -3.44 15.16 -3.78
CA ALA A 19 -4.44 15.49 -4.79
C ALA A 19 -4.31 14.61 -6.02
N PHE A 20 -5.37 14.56 -6.81
CA PHE A 20 -5.38 13.78 -8.00
C PHE A 20 -6.13 14.50 -9.11
N GLU A 21 -5.63 14.34 -10.31
CA GLU A 21 -6.21 14.96 -11.48
C GLU A 21 -6.76 13.88 -12.38
N TYR A 22 -8.08 13.98 -12.59
CA TYR A 22 -8.84 13.02 -13.37
C TYR A 22 -9.97 13.74 -14.13
N ASN A 23 -10.30 13.22 -15.32
CA ASN A 23 -11.35 13.78 -16.17
C ASN A 23 -11.06 15.25 -16.40
N GLY A 24 -9.79 15.56 -16.37
CA GLY A 24 -9.35 16.91 -16.55
C GLY A 24 -9.38 17.72 -15.27
N GLN A 25 -10.06 17.24 -14.22
CA GLN A 25 -10.14 18.00 -12.98
C GLN A 25 -9.13 17.52 -11.94
N LEU A 26 -8.97 18.36 -10.91
CA LEU A 26 -8.04 18.10 -9.82
C LEU A 26 -8.81 18.02 -8.51
N ILE A 27 -8.69 16.89 -7.84
CA ILE A 27 -9.37 16.66 -6.57
C ILE A 27 -8.34 16.28 -5.51
N LYS A 28 -8.49 16.86 -4.31
CA LYS A 28 -7.56 16.57 -3.22
C LYS A 28 -7.89 15.22 -2.58
N ILE A 29 -6.89 14.59 -1.97
CA ILE A 29 -7.08 13.30 -1.32
C ILE A 29 -7.04 13.46 0.20
N LEU A 30 -8.02 12.85 0.87
CA LEU A 30 -8.15 12.93 2.32
C LEU A 30 -7.48 11.74 3.03
N SER A 31 -7.24 11.91 4.32
CA SER A 31 -6.56 10.92 5.16
C SER A 31 -7.24 9.54 5.17
N LYS A 32 -8.58 9.49 5.28
CA LYS A 32 -9.32 8.21 5.32
C LYS A 32 -9.05 7.27 4.12
N ASN A 33 -8.39 7.77 3.10
CA ASN A 33 -8.11 6.98 1.90
C ASN A 33 -6.60 6.76 1.79
N ILE A 34 -5.89 7.14 2.85
CA ILE A 34 -4.44 7.07 2.87
C ILE A 34 -3.90 6.40 4.13
N VAL A 35 -2.98 5.45 3.94
CA VAL A 35 -2.33 4.75 5.03
C VAL A 35 -0.81 4.84 4.84
N ALA A 36 -0.04 4.81 5.90
CA ALA A 36 1.41 4.92 5.80
C ALA A 36 2.09 3.56 5.81
N VAL A 37 3.19 3.44 5.08
CA VAL A 37 3.94 2.20 5.07
C VAL A 37 5.43 2.49 5.29
N GLY A 38 6.00 1.82 6.26
CA GLY A 38 7.39 2.05 6.56
C GLY A 38 7.62 1.90 8.05
N SER A 39 8.47 2.77 8.58
CA SER A 39 8.76 2.78 10.00
C SER A 39 7.48 2.90 10.84
N LEU A 40 6.49 3.66 10.37
CA LEU A 40 5.22 3.82 11.09
C LEU A 40 4.62 2.47 11.50
N ARG A 41 4.43 1.59 10.52
CA ARG A 41 3.86 0.28 10.81
C ARG A 41 4.89 -0.67 11.43
N ARG A 42 6.15 -0.58 11.00
CA ARG A 42 7.22 -1.45 11.53
C ARG A 42 7.75 -0.99 12.90
N GLU A 43 7.51 0.27 13.25
CA GLU A 43 7.94 0.85 14.52
C GLU A 43 9.45 1.10 14.53
N GLU A 44 9.95 1.65 13.44
CA GLU A 44 11.38 1.95 13.32
C GLU A 44 11.67 3.38 13.77
N LYS A 45 12.91 3.62 14.25
CA LYS A 45 13.33 4.95 14.70
C LYS A 45 13.98 5.69 13.53
N MET A 46 14.16 5.01 12.41
CA MET A 46 14.72 5.65 11.22
C MET A 46 14.52 4.80 9.97
N LEU A 47 13.86 5.40 8.98
CA LEU A 47 13.60 4.70 7.72
C LEU A 47 14.62 4.91 6.61
N ASN A 48 14.43 4.09 5.58
CA ASN A 48 15.24 4.09 4.38
C ASN A 48 14.38 4.64 3.24
N ASP A 49 13.14 4.16 3.17
CA ASP A 49 12.17 4.57 2.17
C ASP A 49 10.81 4.66 2.83
N VAL A 50 10.04 5.72 2.57
CA VAL A 50 8.72 5.83 3.16
C VAL A 50 7.67 5.36 2.18
N ASP A 51 6.91 4.36 2.55
CA ASP A 51 5.88 3.85 1.69
C ASP A 51 4.51 4.32 2.22
N LEU A 52 3.48 4.11 1.43
CA LEU A 52 2.15 4.57 1.79
C LEU A 52 1.11 3.69 1.12
N LEU A 53 -0.10 3.71 1.61
CA LEU A 53 -1.16 2.92 1.06
C LEU A 53 -2.34 3.83 0.76
N ILE A 54 -2.80 3.78 -0.47
CA ILE A 54 -3.91 4.60 -0.91
C ILE A 54 -4.89 3.75 -1.69
N ILE A 55 -6.04 3.46 -1.09
CA ILE A 55 -7.05 2.62 -1.69
C ILE A 55 -8.32 3.40 -2.04
N VAL A 56 -9.00 2.99 -3.10
CA VAL A 56 -10.22 3.65 -3.51
C VAL A 56 -11.41 2.70 -3.39
N PRO A 57 -12.45 3.10 -2.64
CA PRO A 57 -13.65 2.28 -2.48
C PRO A 57 -14.50 2.25 -3.75
N GLU A 58 -14.37 3.31 -4.55
CA GLU A 58 -15.12 3.41 -5.80
C GLU A 58 -14.64 2.38 -6.80
N LYS A 59 -15.58 1.78 -7.51
CA LYS A 59 -15.24 0.77 -8.49
C LYS A 59 -14.58 1.39 -9.71
N LYS A 60 -14.83 2.67 -9.98
CA LYS A 60 -14.20 3.31 -11.13
C LYS A 60 -12.91 4.00 -10.70
N LEU A 61 -13.05 5.03 -9.84
CA LEU A 61 -11.88 5.75 -9.28
C LEU A 61 -10.73 4.86 -8.80
N LEU A 62 -10.94 3.55 -8.61
CA LEU A 62 -9.82 2.69 -8.20
C LEU A 62 -8.66 2.90 -9.18
N LYS A 63 -8.94 2.78 -10.48
CA LYS A 63 -7.92 2.99 -11.48
C LYS A 63 -8.01 4.40 -12.06
N HIS A 64 -9.14 5.08 -11.85
CA HIS A 64 -9.35 6.41 -12.41
C HIS A 64 -8.50 7.48 -11.73
N VAL A 65 -7.82 7.09 -10.67
CA VAL A 65 -6.91 8.00 -9.99
C VAL A 65 -5.58 8.02 -10.72
N LEU A 66 -5.37 6.93 -11.47
CA LEU A 66 -4.14 6.71 -12.25
C LEU A 66 -3.74 7.94 -13.09
N PRO A 67 -4.69 8.60 -13.83
CA PRO A 67 -4.39 9.81 -14.62
C PRO A 67 -3.34 10.68 -13.92
N ASN A 68 -3.74 11.62 -13.06
CA ASN A 68 -2.70 12.34 -12.32
C ASN A 68 -2.94 12.26 -10.82
N ILE A 69 -1.91 11.95 -10.03
CA ILE A 69 -2.05 11.87 -8.57
C ILE A 69 -0.81 12.49 -7.89
N ARG A 70 -0.99 13.66 -7.26
CA ARG A 70 0.14 14.38 -6.66
C ARG A 70 -0.31 15.45 -5.66
N ILE A 71 0.68 16.23 -5.18
CA ILE A 71 0.43 17.36 -4.29
C ILE A 71 0.36 18.64 -5.13
N LYS A 72 -0.34 19.66 -4.65
CA LYS A 72 -0.49 20.89 -5.43
C LYS A 72 0.72 21.85 -5.30
N GLY A 73 1.53 21.97 -6.36
CA GLY A 73 2.64 22.91 -6.36
C GLY A 73 3.95 22.47 -5.70
N LEU A 74 4.36 21.22 -5.84
CA LEU A 74 5.62 20.78 -5.23
C LEU A 74 6.60 20.18 -6.25
N SER A 75 7.74 19.70 -5.74
CA SER A 75 8.79 19.12 -6.56
C SER A 75 8.71 17.60 -6.50
N PHE A 76 8.18 16.97 -7.55
CA PHE A 76 8.05 15.52 -7.55
C PHE A 76 8.07 14.90 -8.94
N SER A 77 8.69 13.73 -9.01
CA SER A 77 8.73 12.95 -10.23
C SER A 77 7.99 11.63 -9.99
N VAL A 78 6.90 11.41 -10.73
CA VAL A 78 6.06 10.20 -10.58
C VAL A 78 6.15 9.26 -11.80
N LYS A 79 6.61 8.04 -11.59
CA LYS A 79 6.72 7.05 -12.67
C LYS A 79 6.08 5.73 -12.23
N VAL A 80 5.79 4.84 -13.20
CA VAL A 80 5.24 3.54 -12.88
C VAL A 80 6.36 2.61 -12.41
N CYS A 81 6.02 1.53 -11.72
CA CYS A 81 7.01 0.60 -11.22
C CYS A 81 6.55 -0.84 -11.37
N GLY A 82 7.44 -1.65 -11.93
CA GLY A 82 7.19 -3.05 -12.15
C GLY A 82 5.95 -3.31 -12.95
N GLU A 83 5.01 -4.01 -12.35
CA GLU A 83 3.77 -4.33 -13.03
C GLU A 83 2.75 -3.21 -12.86
N ARG A 84 2.45 -2.84 -11.62
CA ARG A 84 1.48 -1.78 -11.36
C ARG A 84 1.89 -0.93 -10.16
N LYS A 85 3.18 -0.83 -9.87
CA LYS A 85 3.62 -0.03 -8.73
C LYS A 85 3.85 1.42 -9.12
N CYS A 86 3.75 2.31 -8.14
CA CYS A 86 3.90 3.73 -8.41
C CYS A 86 5.21 4.24 -7.82
N VAL A 87 6.12 4.73 -8.65
CA VAL A 87 7.40 5.19 -8.12
C VAL A 87 7.50 6.72 -8.24
N LEU A 88 7.74 7.35 -7.12
CA LEU A 88 7.85 8.79 -7.05
C LEU A 88 9.18 9.22 -6.50
N PHE A 89 9.64 10.34 -6.98
CA PHE A 89 10.85 10.95 -6.52
C PHE A 89 10.43 12.34 -6.11
N ILE A 90 10.46 12.67 -4.83
CA ILE A 90 9.95 13.98 -4.43
C ILE A 90 11.05 14.82 -3.81
N GLU A 91 11.13 16.06 -4.25
CA GLU A 91 12.11 16.98 -3.75
C GLU A 91 11.53 17.88 -2.66
N TRP A 92 12.08 17.68 -1.47
CA TRP A 92 11.70 18.44 -0.28
C TRP A 92 12.92 19.14 0.27
N GLU A 93 12.79 20.42 0.62
CA GLU A 93 13.89 21.20 1.17
C GLU A 93 15.14 21.04 0.30
N LYS A 94 14.90 20.95 -1.02
CA LYS A 94 15.94 20.78 -2.02
C LYS A 94 16.53 19.37 -2.00
N LYS A 95 15.85 18.44 -1.32
CA LYS A 95 16.31 17.06 -1.27
C LYS A 95 15.28 16.14 -1.92
N THR A 96 15.72 15.37 -2.90
CA THR A 96 14.86 14.44 -3.62
C THR A 96 14.78 13.09 -2.91
N TYR A 97 13.57 12.62 -2.64
CA TYR A 97 13.38 11.35 -1.98
C TYR A 97 12.60 10.39 -2.87
N GLN A 98 12.92 9.10 -2.75
CA GLN A 98 12.29 8.04 -3.55
C GLN A 98 11.13 7.40 -2.81
N LEU A 99 9.92 7.60 -3.33
CA LEU A 99 8.71 7.04 -2.74
C LEU A 99 8.08 6.03 -3.70
N ASP A 100 7.85 4.79 -3.26
CA ASP A 100 7.21 3.80 -4.13
C ASP A 100 5.85 3.43 -3.58
N LEU A 101 4.83 3.95 -4.23
CA LEU A 101 3.45 3.74 -3.81
C LEU A 101 2.76 2.66 -4.64
N PHE A 102 1.54 2.36 -4.19
CA PHE A 102 0.70 1.37 -4.82
C PHE A 102 -0.76 1.69 -4.51
N THR A 103 -1.56 1.75 -5.56
CA THR A 103 -2.98 2.03 -5.42
C THR A 103 -3.80 0.85 -5.93
N ALA A 104 -4.74 0.35 -5.12
CA ALA A 104 -5.54 -0.79 -5.51
C ALA A 104 -6.95 -0.64 -4.95
N LEU A 105 -7.81 -1.64 -5.13
CA LEU A 105 -9.20 -1.57 -4.66
C LEU A 105 -9.27 -1.69 -3.13
N ALA A 106 -10.13 -0.86 -2.52
CA ALA A 106 -10.29 -0.84 -1.06
C ALA A 106 -10.53 -2.23 -0.48
N GLU A 107 -11.11 -3.12 -1.27
CA GLU A 107 -11.36 -4.48 -0.83
C GLU A 107 -10.05 -5.27 -0.74
N GLU A 108 -9.00 -4.81 -1.41
CA GLU A 108 -7.71 -5.51 -1.36
C GLU A 108 -6.96 -5.15 -0.08
N LYS A 109 -7.39 -4.04 0.52
CA LYS A 109 -6.83 -3.49 1.76
C LYS A 109 -6.20 -4.54 2.70
N PRO A 110 -6.96 -5.53 3.22
CA PRO A 110 -6.40 -6.54 4.13
C PRO A 110 -5.17 -7.24 3.56
N TYR A 111 -5.39 -7.94 2.44
CA TYR A 111 -4.33 -8.68 1.77
C TYR A 111 -3.23 -7.72 1.33
N ALA A 112 -3.63 -6.60 0.74
CA ALA A 112 -2.67 -5.61 0.30
C ALA A 112 -1.77 -5.23 1.48
N ILE A 113 -2.41 -4.76 2.55
CA ILE A 113 -1.68 -4.39 3.76
C ILE A 113 -0.83 -5.57 4.22
N PHE A 114 -1.48 -6.75 4.41
CA PHE A 114 -0.77 -7.94 4.84
C PHE A 114 0.44 -8.21 3.94
N HIS A 115 0.20 -8.33 2.64
CA HIS A 115 1.27 -8.53 1.68
C HIS A 115 2.32 -7.42 1.76
N PHE A 116 1.86 -6.18 1.60
CA PHE A 116 2.74 -5.00 1.60
C PHE A 116 3.52 -4.75 2.91
N THR A 117 2.95 -5.10 4.06
CA THR A 117 3.66 -4.77 5.30
C THR A 117 4.74 -5.75 5.84
N GLY A 118 4.76 -7.07 5.57
CA GLY A 118 5.83 -7.80 6.23
C GLY A 118 7.00 -8.29 5.36
N PRO A 119 7.27 -9.61 5.25
CA PRO A 119 8.42 -10.14 4.49
C PRO A 119 8.13 -11.21 3.40
N VAL A 120 8.61 -10.92 2.18
CA VAL A 120 8.44 -11.77 0.96
C VAL A 120 8.39 -13.29 1.25
N SER A 121 9.47 -13.86 1.81
CA SER A 121 9.50 -15.29 2.15
C SER A 121 8.27 -15.71 2.96
N TYR A 122 7.85 -14.85 3.89
CA TYR A 122 6.70 -15.16 4.72
C TYR A 122 5.50 -15.08 3.82
N LEU A 123 5.51 -14.02 3.01
CA LEU A 123 4.47 -13.80 2.03
C LEU A 123 4.34 -15.07 1.20
N ILE A 124 5.42 -15.54 0.55
CA ILE A 124 5.35 -16.76 -0.25
C ILE A 124 5.02 -17.97 0.61
N ARG A 125 5.76 -18.19 1.71
CA ARG A 125 5.42 -19.32 2.60
C ARG A 125 3.93 -19.26 2.92
N ILE A 126 3.45 -18.06 3.20
CA ILE A 126 2.05 -17.84 3.50
C ILE A 126 1.23 -18.14 2.23
N ARG A 127 1.70 -17.62 1.09
CA ARG A 127 1.01 -17.88 -0.18
C ARG A 127 0.93 -19.40 -0.43
N ALA A 128 2.07 -20.10 -0.38
CA ALA A 128 2.08 -21.55 -0.53
C ALA A 128 1.24 -22.19 0.57
N ALA A 129 1.54 -21.83 1.83
CA ALA A 129 0.78 -22.33 2.96
C ALA A 129 -0.70 -22.18 2.64
N LEU A 130 -1.08 -21.01 2.14
CA LEU A 130 -2.44 -20.80 1.72
C LEU A 130 -2.81 -21.71 0.56
N LYS A 131 -2.00 -21.73 -0.54
CA LYS A 131 -2.33 -22.58 -1.69
C LYS A 131 -2.54 -24.00 -1.22
N LYS A 132 -1.66 -24.44 -0.33
CA LYS A 132 -1.79 -25.75 0.29
C LYS A 132 -3.22 -26.03 0.79
N LYS A 133 -4.02 -24.99 1.03
CA LYS A 133 -5.39 -25.21 1.46
C LYS A 133 -6.32 -25.17 0.26
N ASN A 134 -5.71 -25.25 -0.93
CA ASN A 134 -6.42 -25.20 -2.20
C ASN A 134 -7.03 -23.83 -2.37
N TYR A 135 -6.24 -22.81 -2.05
CA TYR A 135 -6.64 -21.42 -2.14
C TYR A 135 -5.39 -20.59 -2.36
N LYS A 136 -5.26 -19.93 -3.49
CA LYS A 136 -4.07 -19.13 -3.72
C LYS A 136 -4.41 -17.67 -3.48
N LEU A 137 -3.62 -16.98 -2.69
CA LEU A 137 -3.93 -15.60 -2.37
C LEU A 137 -3.17 -14.65 -3.26
N ASN A 138 -3.87 -13.93 -4.10
CA ASN A 138 -3.21 -12.97 -4.96
C ASN A 138 -3.80 -11.59 -4.70
N GLN A 139 -3.04 -10.56 -5.07
CA GLN A 139 -3.45 -9.16 -4.87
C GLN A 139 -4.91 -8.94 -5.29
N TYR A 140 -5.38 -9.76 -6.22
CA TYR A 140 -6.74 -9.65 -6.74
C TYR A 140 -7.74 -10.51 -5.96
N GLY A 141 -7.25 -11.44 -5.15
CA GLY A 141 -8.16 -12.28 -4.40
C GLY A 141 -7.61 -13.65 -4.07
N LEU A 142 -8.53 -14.61 -3.97
CA LEU A 142 -8.18 -15.98 -3.68
C LEU A 142 -8.41 -16.82 -4.93
N PHE A 143 -7.38 -17.46 -5.44
CA PHE A 143 -7.52 -18.31 -6.60
C PHE A 143 -7.65 -19.76 -6.19
N LYS A 144 -8.76 -20.34 -6.60
CA LYS A 144 -9.07 -21.74 -6.32
C LYS A 144 -9.06 -22.49 -7.63
N ASN A 145 -8.01 -23.29 -7.85
CA ASN A 145 -7.85 -24.07 -9.07
C ASN A 145 -8.37 -23.31 -10.29
N GLN A 146 -7.71 -22.18 -10.60
CA GLN A 146 -8.07 -21.31 -11.73
C GLN A 146 -9.33 -20.48 -11.46
N THR A 147 -10.04 -20.75 -10.37
CA THR A 147 -11.23 -19.99 -10.05
C THR A 147 -10.87 -18.83 -9.11
N LEU A 148 -11.61 -17.73 -9.22
CA LEU A 148 -11.34 -16.57 -8.40
C LEU A 148 -12.34 -16.46 -7.25
N VAL A 149 -11.80 -16.22 -6.05
CA VAL A 149 -12.60 -16.07 -4.85
C VAL A 149 -12.23 -14.75 -4.18
N PRO A 150 -13.23 -13.90 -3.90
CA PRO A 150 -13.01 -12.59 -3.28
C PRO A 150 -12.86 -12.65 -1.75
N LEU A 151 -12.91 -11.48 -1.12
CA LEU A 151 -12.76 -11.36 0.32
C LEU A 151 -14.02 -10.74 0.94
N LYS A 152 -14.28 -11.06 2.21
CA LYS A 152 -15.45 -10.52 2.89
C LYS A 152 -15.05 -9.83 4.19
N ILE A 153 -13.83 -9.29 4.25
CA ILE A 153 -13.36 -8.62 5.47
C ILE A 153 -12.60 -7.33 5.20
N THR A 154 -12.23 -6.64 6.29
CA THR A 154 -11.48 -5.39 6.20
C THR A 154 -10.64 -5.13 7.47
N THR A 155 -10.70 -6.06 8.44
CA THR A 155 -9.95 -5.90 9.69
C THR A 155 -8.84 -6.94 9.81
N GLU A 156 -7.89 -6.70 10.70
CA GLU A 156 -6.75 -7.60 10.86
C GLU A 156 -7.16 -8.96 11.44
N LYS A 157 -8.02 -8.96 12.47
CA LYS A 157 -8.46 -10.21 13.05
C LYS A 157 -9.23 -10.98 11.99
N GLU A 158 -10.08 -10.26 11.29
CA GLU A 158 -10.82 -10.84 10.19
C GLU A 158 -9.82 -11.29 9.13
N LEU A 159 -8.82 -10.45 8.89
CA LEU A 159 -7.79 -10.78 7.92
C LEU A 159 -7.17 -12.12 8.32
N ILE A 160 -6.70 -12.19 9.56
CA ILE A 160 -6.09 -13.41 10.02
C ILE A 160 -7.13 -14.55 10.06
N LYS A 161 -8.33 -14.29 10.62
CA LYS A 161 -9.38 -15.32 10.64
C LYS A 161 -9.92 -15.64 9.23
N GLU A 162 -9.71 -14.71 8.29
CA GLU A 162 -10.16 -14.95 6.91
C GLU A 162 -9.04 -15.72 6.21
N LEU A 163 -7.80 -15.43 6.66
CA LEU A 163 -6.61 -16.09 6.10
C LEU A 163 -6.40 -17.46 6.75
N GLY A 164 -6.83 -17.57 8.01
CA GLY A 164 -6.69 -18.82 8.73
C GLY A 164 -5.37 -18.91 9.49
N PHE A 165 -4.80 -17.77 9.83
CA PHE A 165 -3.53 -17.72 10.54
C PHE A 165 -3.56 -16.68 11.66
N THR A 166 -2.44 -16.53 12.36
CA THR A 166 -2.34 -15.55 13.42
C THR A 166 -1.42 -14.42 12.98
N TYR A 167 -1.72 -13.20 13.41
CA TYR A 167 -0.94 -12.02 13.03
C TYR A 167 0.49 -12.10 13.58
N ARG A 168 1.45 -11.89 12.70
CA ARG A 168 2.87 -11.90 13.08
C ARG A 168 3.42 -10.49 12.99
N ILE A 169 4.26 -10.12 13.95
CA ILE A 169 4.84 -8.78 13.97
C ILE A 169 6.15 -8.75 13.19
N PRO A 170 6.21 -7.95 12.10
CA PRO A 170 7.40 -7.82 11.24
C PRO A 170 8.69 -7.81 12.04
N LYS A 171 8.75 -6.96 13.07
CA LYS A 171 9.92 -6.85 13.94
C LYS A 171 10.34 -8.20 14.52
N LYS A 172 9.45 -9.19 14.50
CA LYS A 172 9.79 -10.50 15.03
C LYS A 172 10.32 -11.38 13.91
N ARG A 173 10.18 -10.90 12.66
CA ARG A 173 10.63 -11.64 11.49
C ARG A 173 10.00 -13.04 11.47
N LEU A 174 8.74 -13.09 11.03
CA LEU A 174 7.97 -14.33 10.96
C LEU A 174 7.55 -14.78 12.36
N1 DOC B 23 9.57 -5.47 -6.47
C2 DOC B 23 8.63 -6.39 -6.91
N3 DOC B 23 8.97 -7.70 -7.01
C4 DOC B 23 10.20 -8.09 -6.68
C5 DOC B 23 11.19 -7.17 -6.22
C6 DOC B 23 10.83 -5.88 -6.13
O2 DOC B 23 7.50 -5.98 -7.21
N4 DOC B 23 10.49 -9.39 -6.80
C1' DOC B 23 9.19 -4.05 -6.37
C2' DOC B 23 8.84 -3.59 -4.96
C3' DOC B 23 9.31 -2.15 -4.96
C4' DOC B 23 10.53 -2.17 -5.87
O4' DOC B 23 10.30 -3.27 -6.79
C5' DOC B 23 11.85 -2.39 -5.15
O5' DOC B 23 12.76 -3.09 -6.00
P DOC B 23 14.07 -2.37 -6.54
OP1 DOC B 23 13.67 -1.20 -7.36
OP2 DOC B 23 15.01 -2.18 -5.40
H5 DOC B 23 12.19 -7.50 -5.95
H6 DOC B 23 11.56 -5.15 -5.77
HN41 DOC B 23 11.42 -9.73 -6.56
HN42 DOC B 23 9.79 -10.03 -7.12
H1' DOC B 23 8.37 -3.87 -7.06
H2' DOC B 23 9.36 -4.18 -4.20
H2'' DOC B 23 7.77 -3.67 -4.78
H3'1 DOC B 23 9.59 -1.83 -3.95
H3'2 DOC B 23 8.54 -1.48 -5.37
H4' DOC B 23 10.58 -1.19 -6.36
H5' DOC B 23 12.27 -1.43 -4.88
H5'' DOC B 23 11.67 -2.97 -4.24
PG DGT C . 11.79 -1.28 3.05
O1G DGT C . 12.96 -0.94 2.00
O2G DGT C . 12.27 -1.31 4.44
O3G DGT C . 10.67 -0.14 2.80
O3B DGT C . 11.15 -2.68 2.58
PB DGT C . 9.82 -2.71 1.67
O1B DGT C . 9.33 -4.11 1.68
O2B DGT C . 8.89 -1.65 2.11
O3A DGT C . 10.38 -2.37 0.19
PA DGT C . 9.67 -1.28 -0.76
O1A DGT C . 9.78 0.05 -0.13
O2A DGT C . 10.23 -1.45 -2.12
O5' DGT C . 8.13 -1.76 -0.78
C5' DGT C . 7.73 -2.83 -1.64
C4' DGT C . 6.22 -3.09 -1.54
O4' DGT C . 5.88 -4.27 -2.28
C3' DGT C . 5.91 -3.45 -0.09
O3' DGT C . 4.49 -3.51 0.08
C2' DGT C . 6.49 -4.86 -0.09
C1' DGT C . 5.79 -5.36 -1.35
N9 DGT C . 6.44 -6.58 -1.87
C8 DGT C . 5.89 -7.79 -1.96
N7 DGT C . 6.77 -8.64 -2.49
C5 DGT C . 7.89 -7.97 -2.73
C6 DGT C . 9.13 -8.33 -3.25
O6 DGT C . 9.36 -9.50 -3.58
N1 DGT C . 10.13 -7.35 -3.36
C2 DGT C . 9.85 -6.05 -2.95
N2 DGT C . 10.80 -5.11 -3.04
N3 DGT C . 8.65 -5.73 -2.46
C4 DGT C . 7.68 -6.65 -2.34
HO3' DGT C . 4.04 -3.32 -0.79
HN2 DGT C . 10.59 -4.17 -2.74
HN2A DGT C . 11.69 -5.34 -3.41
H16 DGT C . 11.03 -7.59 -3.74
MG MG D . 9.13 2.11 -0.99
MG MG E . 9.71 0.51 2.10
N MET A 1 17.83 8.34 7.14
CA MET A 1 17.87 9.45 6.16
C MET A 1 17.13 10.67 6.70
N LEU A 2 15.81 10.65 6.60
CA LEU A 2 15.00 11.76 7.08
C LEU A 2 14.52 11.48 8.50
N THR A 3 14.06 12.51 9.20
CA THR A 3 13.61 12.36 10.57
C THR A 3 12.12 12.01 10.65
N LEU A 4 11.73 11.44 11.78
CA LEU A 4 10.34 11.03 12.02
C LEU A 4 9.39 12.22 11.88
N ILE A 5 9.71 13.34 12.52
CA ILE A 5 8.87 14.51 12.44
C ILE A 5 8.80 15.01 10.99
N GLN A 6 9.95 14.95 10.31
CA GLN A 6 10.01 15.34 8.90
C GLN A 6 9.11 14.38 8.13
N GLY A 7 9.33 13.09 8.40
CA GLY A 7 8.51 12.06 7.80
C GLY A 7 7.05 12.33 8.08
N LYS A 8 6.76 12.66 9.34
CA LYS A 8 5.40 12.94 9.74
C LYS A 8 4.91 14.19 9.00
N LYS A 9 5.72 15.25 9.00
CA LYS A 9 5.35 16.48 8.31
C LYS A 9 5.15 16.22 6.81
N ILE A 10 6.08 15.50 6.18
CA ILE A 10 5.93 15.22 4.75
C ILE A 10 4.74 14.28 4.57
N VAL A 11 4.58 13.35 5.52
CA VAL A 11 3.45 12.43 5.50
C VAL A 11 2.17 13.26 5.64
N ASN A 12 2.23 14.28 6.51
CA ASN A 12 1.08 15.15 6.71
C ASN A 12 0.85 15.94 5.43
N HIS A 13 1.95 16.49 4.92
CA HIS A 13 1.90 17.23 3.67
C HIS A 13 1.27 16.35 2.60
N LEU A 14 1.81 15.15 2.44
CA LEU A 14 1.26 14.20 1.48
C LEU A 14 -0.17 13.80 1.88
N ARG A 15 -0.41 13.77 3.19
CA ARG A 15 -1.74 13.44 3.72
C ARG A 15 -2.73 14.57 3.50
N SER A 16 -2.25 15.82 3.43
CA SER A 16 -3.15 16.96 3.23
C SER A 16 -3.00 17.63 1.85
N ARG A 17 -1.95 17.27 1.10
CA ARG A 17 -1.72 17.89 -0.20
C ARG A 17 -1.74 16.93 -1.40
N LEU A 18 -2.03 15.65 -1.17
CA LEU A 18 -2.05 14.69 -2.28
C LEU A 18 -3.15 15.00 -3.30
N ALA A 19 -2.86 14.69 -4.57
CA ALA A 19 -3.80 14.94 -5.64
C ALA A 19 -3.55 14.00 -6.81
N PHE A 20 -4.49 13.97 -7.72
CA PHE A 20 -4.36 13.15 -8.89
C PHE A 20 -4.96 13.86 -10.08
N GLU A 21 -4.31 13.70 -11.21
CA GLU A 21 -4.71 14.32 -12.43
C GLU A 21 -4.80 13.27 -13.53
N TYR A 22 -5.88 13.39 -14.29
CA TYR A 22 -6.17 12.49 -15.38
C TYR A 22 -6.97 13.23 -16.46
N ASN A 23 -6.47 13.18 -17.69
CA ASN A 23 -7.12 13.81 -18.85
C ASN A 23 -7.69 15.20 -18.54
N GLY A 24 -6.89 16.05 -17.91
CA GLY A 24 -7.33 17.39 -17.59
C GLY A 24 -8.11 17.46 -16.30
N GLN A 25 -8.30 16.32 -15.66
CA GLN A 25 -9.03 16.27 -14.40
C GLN A 25 -8.05 16.13 -13.25
N LEU A 26 -8.04 17.13 -12.36
CA LEU A 26 -7.15 17.14 -11.22
C LEU A 26 -7.96 17.16 -9.93
N ILE A 27 -7.81 16.10 -9.13
CA ILE A 27 -8.54 15.98 -7.88
C ILE A 27 -7.59 15.68 -6.73
N LYS A 28 -7.81 16.31 -5.59
CA LYS A 28 -6.97 16.09 -4.41
C LYS A 28 -7.36 14.79 -3.71
N ILE A 29 -6.43 14.18 -2.99
CA ILE A 29 -6.71 12.94 -2.28
C ILE A 29 -6.84 13.21 -0.78
N LEU A 30 -7.72 12.45 -0.14
CA LEU A 30 -7.98 12.60 1.29
C LEU A 30 -7.09 11.67 2.12
N SER A 31 -6.74 12.15 3.30
CA SER A 31 -5.85 11.45 4.23
C SER A 31 -6.29 10.02 4.61
N LYS A 32 -7.59 9.78 4.83
CA LYS A 32 -8.08 8.45 5.25
C LYS A 32 -8.01 7.38 4.15
N ASN A 33 -7.45 7.74 3.02
CA ASN A 33 -7.29 6.82 1.89
C ASN A 33 -5.85 6.34 1.81
N ILE A 34 -5.11 6.65 2.86
CA ILE A 34 -3.68 6.36 2.90
C ILE A 34 -3.27 5.63 4.20
N VAL A 35 -2.42 4.60 4.05
CA VAL A 35 -1.90 3.82 5.19
C VAL A 35 -0.37 3.83 5.19
N ALA A 36 0.26 4.37 6.22
CA ALA A 36 1.72 4.47 6.26
C ALA A 36 2.40 3.16 6.67
N VAL A 37 3.01 2.50 5.70
CA VAL A 37 3.75 1.27 5.97
C VAL A 37 5.25 1.54 5.80
N GLY A 38 6.06 1.00 6.69
CA GLY A 38 7.49 1.22 6.60
C GLY A 38 8.16 1.12 7.95
N SER A 39 9.37 1.66 8.05
CA SER A 39 10.12 1.66 9.30
C SER A 39 9.28 2.25 10.45
N LEU A 40 8.59 3.36 10.19
CA LEU A 40 7.75 4.00 11.21
C LEU A 40 6.72 3.03 11.77
N ARG A 41 6.16 2.17 10.91
CA ARG A 41 5.18 1.19 11.35
C ARG A 41 5.88 0.01 12.04
N ARG A 42 7.17 -0.12 11.78
CA ARG A 42 7.98 -1.18 12.38
C ARG A 42 8.64 -0.66 13.66
N GLU A 43 8.69 0.67 13.76
CA GLU A 43 9.24 1.37 14.94
C GLU A 43 10.77 1.42 14.88
N GLU A 44 11.28 1.82 13.72
CA GLU A 44 12.71 1.94 13.51
C GLU A 44 13.15 3.37 13.87
N LYS A 45 14.29 3.49 14.54
CA LYS A 45 14.79 4.80 14.95
C LYS A 45 15.50 5.49 13.79
N MET A 46 15.66 4.77 12.69
CA MET A 46 16.28 5.34 11.51
C MET A 46 15.42 4.95 10.32
N LEU A 47 14.80 5.94 9.70
CA LEU A 47 13.98 5.63 8.56
C LEU A 47 14.62 6.02 7.24
N ASN A 48 14.09 5.41 6.19
CA ASN A 48 14.55 5.61 4.83
C ASN A 48 13.40 5.35 3.86
N ASP A 49 12.96 4.09 3.80
CA ASP A 49 11.85 3.72 2.93
C ASP A 49 10.55 3.79 3.72
N VAL A 50 9.60 4.56 3.20
CA VAL A 50 8.31 4.69 3.82
C VAL A 50 7.28 4.47 2.73
N ASP A 51 6.41 3.51 2.90
CA ASP A 51 5.43 3.22 1.87
C ASP A 51 4.03 3.38 2.42
N LEU A 52 3.35 4.39 1.97
CA LEU A 52 2.00 4.64 2.42
C LEU A 52 1.01 4.07 1.42
N LEU A 53 0.16 3.18 1.88
CA LEU A 53 -0.82 2.52 1.04
C LEU A 53 -1.95 3.48 0.70
N ILE A 54 -2.41 3.39 -0.53
CA ILE A 54 -3.50 4.21 -1.03
C ILE A 54 -4.49 3.31 -1.74
N ILE A 55 -5.65 3.08 -1.15
CA ILE A 55 -6.65 2.22 -1.74
C ILE A 55 -7.82 3.03 -2.30
N VAL A 56 -8.38 2.56 -3.40
CA VAL A 56 -9.47 3.25 -4.06
C VAL A 56 -10.76 2.41 -4.01
N PRO A 57 -11.88 3.02 -3.59
CA PRO A 57 -13.17 2.33 -3.51
C PRO A 57 -13.86 2.18 -4.87
N GLU A 58 -13.48 3.04 -5.81
CA GLU A 58 -14.05 3.01 -7.15
C GLU A 58 -13.28 2.01 -8.02
N LYS A 59 -13.98 1.30 -8.89
CA LYS A 59 -13.36 0.29 -9.73
C LYS A 59 -12.47 0.87 -10.82
N LYS A 60 -12.77 2.08 -11.30
CA LYS A 60 -11.98 2.64 -12.38
C LYS A 60 -10.83 3.42 -11.77
N LEU A 61 -11.19 4.47 -11.00
CA LEU A 61 -10.21 5.30 -10.29
C LEU A 61 -9.09 4.50 -9.62
N LEU A 62 -9.32 3.23 -9.31
CA LEU A 62 -8.26 2.40 -8.75
C LEU A 62 -7.01 2.57 -9.63
N LYS A 63 -7.16 2.35 -10.93
CA LYS A 63 -6.06 2.53 -11.86
C LYS A 63 -6.16 3.87 -12.61
N HIS A 64 -7.36 4.47 -12.61
CA HIS A 64 -7.58 5.72 -13.34
C HIS A 64 -6.93 6.92 -12.67
N VAL A 65 -6.59 6.82 -11.40
CA VAL A 65 -5.92 7.91 -10.70
C VAL A 65 -4.43 7.87 -11.01
N LEU A 66 -3.98 6.70 -11.45
CA LEU A 66 -2.57 6.44 -11.78
C LEU A 66 -1.92 7.52 -12.65
N PRO A 67 -2.56 7.99 -13.78
CA PRO A 67 -2.01 9.04 -14.65
C PRO A 67 -1.15 10.04 -13.88
N ASN A 68 -1.73 11.06 -13.26
CA ASN A 68 -0.90 11.92 -12.45
C ASN A 68 -1.36 11.86 -11.00
N ILE A 69 -0.79 10.97 -10.20
CA ILE A 69 -1.17 10.90 -8.79
C ILE A 69 -0.01 11.46 -7.97
N ARG A 70 -0.17 12.70 -7.53
CA ARG A 70 0.90 13.41 -6.83
C ARG A 70 0.39 14.72 -6.19
N ILE A 71 1.35 15.55 -5.79
CA ILE A 71 1.04 16.87 -5.22
C ILE A 71 1.26 17.95 -6.31
N LYS A 72 0.44 19.00 -6.31
CA LYS A 72 0.59 20.07 -7.30
C LYS A 72 1.64 21.10 -6.88
N GLY A 73 2.56 21.46 -7.79
CA GLY A 73 3.55 22.47 -7.45
C GLY A 73 4.70 21.96 -6.60
N LEU A 74 5.14 20.73 -6.83
CA LEU A 74 6.22 20.16 -6.05
C LEU A 74 7.36 19.61 -6.93
N SER A 75 8.46 19.28 -6.27
CA SER A 75 9.60 18.72 -6.95
C SER A 75 9.66 17.22 -6.72
N PHE A 76 9.27 16.45 -7.74
CA PHE A 76 9.25 14.99 -7.62
C PHE A 76 8.87 14.30 -8.93
N SER A 77 9.49 13.15 -9.15
CA SER A 77 9.21 12.35 -10.33
C SER A 77 8.43 11.09 -9.97
N VAL A 78 7.38 10.80 -10.74
CA VAL A 78 6.55 9.64 -10.49
C VAL A 78 6.77 8.60 -11.58
N LYS A 79 7.13 7.39 -11.20
CA LYS A 79 7.35 6.33 -12.16
C LYS A 79 6.43 5.16 -11.81
N VAL A 80 5.57 4.78 -12.74
CA VAL A 80 4.65 3.69 -12.50
C VAL A 80 5.33 2.35 -12.77
N CYS A 81 5.39 1.50 -11.76
CA CYS A 81 5.97 0.20 -11.94
C CYS A 81 4.86 -0.82 -11.90
N GLY A 82 4.52 -1.29 -13.08
CA GLY A 82 3.46 -2.23 -13.20
C GLY A 82 2.15 -1.66 -12.74
N GLU A 83 1.13 -2.49 -12.73
CA GLU A 83 -0.18 -2.09 -12.29
C GLU A 83 -0.20 -2.02 -10.77
N ARG A 84 0.87 -2.52 -10.15
CA ARG A 84 0.94 -2.60 -8.71
C ARG A 84 1.91 -1.62 -8.02
N LYS A 85 2.99 -1.18 -8.67
CA LYS A 85 3.93 -0.32 -7.92
C LYS A 85 4.02 1.11 -8.47
N CYS A 86 4.09 2.06 -7.55
CA CYS A 86 4.26 3.45 -7.92
C CYS A 86 5.58 3.96 -7.35
N VAL A 87 6.53 4.25 -8.21
CA VAL A 87 7.84 4.68 -7.75
C VAL A 87 7.96 6.18 -7.88
N LEU A 88 8.05 6.85 -6.76
CA LEU A 88 8.16 8.29 -6.76
C LEU A 88 9.53 8.74 -6.28
N PHE A 89 10.07 9.71 -6.97
CA PHE A 89 11.34 10.31 -6.65
C PHE A 89 10.98 11.69 -6.16
N ILE A 90 11.39 12.06 -4.95
CA ILE A 90 10.93 13.34 -4.41
C ILE A 90 12.07 14.30 -4.10
N GLU A 91 11.89 15.54 -4.54
CA GLU A 91 12.84 16.60 -4.28
C GLU A 91 12.23 17.57 -3.28
N TRP A 92 12.72 17.53 -2.06
CA TRP A 92 12.22 18.40 -1.01
C TRP A 92 13.36 19.08 -0.29
N GLU A 93 13.27 20.41 -0.17
CA GLU A 93 14.28 21.22 0.51
C GLU A 93 15.68 20.85 0.02
N LYS A 94 15.78 20.63 -1.29
CA LYS A 94 17.04 20.25 -1.95
C LYS A 94 17.41 18.80 -1.68
N LYS A 95 16.52 18.04 -1.04
CA LYS A 95 16.77 16.64 -0.76
C LYS A 95 15.95 15.78 -1.71
N THR A 96 16.62 14.79 -2.30
CA THR A 96 16.00 13.88 -3.25
C THR A 96 15.74 12.53 -2.62
N TYR A 97 14.47 12.15 -2.43
CA TYR A 97 14.16 10.85 -1.83
C TYR A 97 13.45 9.93 -2.83
N GLN A 98 13.44 8.66 -2.47
CA GLN A 98 12.79 7.61 -3.27
C GLN A 98 11.61 7.03 -2.50
N LEU A 99 10.43 7.12 -3.08
CA LEU A 99 9.21 6.62 -2.46
C LEU A 99 8.55 5.57 -3.35
N ASP A 100 8.17 4.44 -2.78
CA ASP A 100 7.51 3.41 -3.55
C ASP A 100 6.10 3.23 -3.02
N LEU A 101 5.15 3.80 -3.74
CA LEU A 101 3.77 3.75 -3.37
C LEU A 101 3.07 2.60 -4.08
N PHE A 102 1.86 2.29 -3.62
CA PHE A 102 1.07 1.22 -4.18
C PHE A 102 -0.40 1.58 -4.09
N THR A 103 -1.06 1.53 -5.22
CA THR A 103 -2.48 1.83 -5.29
C THR A 103 -3.26 0.58 -5.66
N ALA A 104 -4.27 0.21 -4.87
CA ALA A 104 -5.05 -1.00 -5.15
C ALA A 104 -6.51 -0.77 -4.75
N LEU A 105 -7.34 -1.81 -4.89
CA LEU A 105 -8.76 -1.71 -4.58
C LEU A 105 -9.00 -1.83 -3.07
N ALA A 106 -9.94 -1.03 -2.57
CA ALA A 106 -10.29 -1.00 -1.15
C ALA A 106 -10.53 -2.40 -0.59
N GLU A 107 -11.06 -3.29 -1.41
CA GLU A 107 -11.32 -4.66 -1.00
C GLU A 107 -10.01 -5.45 -0.82
N GLU A 108 -8.90 -4.92 -1.32
CA GLU A 108 -7.62 -5.61 -1.18
C GLU A 108 -6.99 -5.30 0.18
N LYS A 109 -7.49 -4.22 0.81
CA LYS A 109 -7.03 -3.74 2.11
C LYS A 109 -6.46 -4.81 3.04
N PRO A 110 -7.25 -5.79 3.55
CA PRO A 110 -6.72 -6.81 4.47
C PRO A 110 -5.55 -7.60 3.89
N TYR A 111 -5.74 -8.15 2.70
CA TYR A 111 -4.73 -8.94 2.04
C TYR A 111 -3.52 -8.07 1.73
N ALA A 112 -3.78 -6.87 1.19
CA ALA A 112 -2.71 -5.93 0.89
C ALA A 112 -1.95 -5.62 2.17
N ILE A 113 -2.70 -5.36 3.23
CA ILE A 113 -2.13 -5.09 4.54
C ILE A 113 -1.28 -6.29 4.94
N PHE A 114 -1.92 -7.47 4.95
CA PHE A 114 -1.21 -8.71 5.29
C PHE A 114 0.03 -8.84 4.42
N HIS A 115 -0.17 -8.79 3.11
CA HIS A 115 0.93 -8.85 2.14
C HIS A 115 2.04 -7.86 2.51
N PHE A 116 1.65 -6.59 2.64
CA PHE A 116 2.60 -5.50 2.96
C PHE A 116 3.21 -5.52 4.36
N THR A 117 2.50 -5.98 5.37
CA THR A 117 3.05 -5.91 6.72
C THR A 117 4.38 -6.67 7.05
N GLY A 118 4.73 -7.86 6.51
CA GLY A 118 6.04 -8.33 7.00
C GLY A 118 7.13 -8.59 5.93
N PRO A 119 7.75 -9.79 5.89
CA PRO A 119 8.81 -10.07 4.91
C PRO A 119 8.49 -11.14 3.84
N VAL A 120 8.95 -10.84 2.59
CA VAL A 120 8.76 -11.71 1.40
C VAL A 120 8.74 -13.20 1.73
N SER A 121 9.83 -13.74 2.28
CA SER A 121 9.88 -15.17 2.65
C SER A 121 8.67 -15.60 3.49
N TYR A 122 8.26 -14.73 4.43
CA TYR A 122 7.13 -15.04 5.30
C TYR A 122 5.91 -15.01 4.45
N LEU A 123 5.84 -13.95 3.65
CA LEU A 123 4.76 -13.77 2.72
C LEU A 123 4.69 -15.00 1.84
N ILE A 124 5.81 -15.46 1.26
CA ILE A 124 5.81 -16.66 0.45
C ILE A 124 5.43 -17.87 1.28
N ARG A 125 6.13 -18.07 2.40
CA ARG A 125 5.79 -19.17 3.31
C ARG A 125 4.29 -19.15 3.58
N ILE A 126 3.82 -17.95 3.89
CA ILE A 126 2.40 -17.73 4.15
C ILE A 126 1.61 -18.05 2.89
N ARG A 127 2.10 -17.56 1.74
CA ARG A 127 1.45 -17.81 0.46
C ARG A 127 1.40 -19.33 0.16
N ALA A 128 2.55 -20.02 0.24
CA ALA A 128 2.55 -21.47 0.05
C ALA A 128 1.70 -22.14 1.11
N ALA A 129 1.98 -21.78 2.37
CA ALA A 129 1.17 -22.29 3.48
C ALA A 129 -0.29 -22.12 3.13
N LEU A 130 -0.64 -20.95 2.61
CA LEU A 130 -2.00 -20.72 2.16
C LEU A 130 -2.36 -21.62 0.97
N LYS A 131 -1.52 -21.69 -0.11
CA LYS A 131 -1.90 -22.58 -1.24
C LYS A 131 -2.14 -23.97 -0.68
N LYS A 132 -1.24 -24.36 0.23
CA LYS A 132 -1.36 -25.63 0.96
C LYS A 132 -2.78 -25.84 1.51
N LYS A 133 -3.55 -24.77 1.68
CA LYS A 133 -4.91 -24.91 2.19
C LYS A 133 -5.89 -25.05 1.04
N ASN A 134 -5.36 -25.24 -0.18
CA ASN A 134 -6.17 -25.37 -1.40
C ASN A 134 -6.87 -24.05 -1.66
N TYR A 135 -6.20 -22.98 -1.28
CA TYR A 135 -6.69 -21.63 -1.45
C TYR A 135 -5.48 -20.73 -1.53
N LYS A 136 -5.28 -20.09 -2.66
CA LYS A 136 -4.13 -19.23 -2.79
C LYS A 136 -4.55 -17.81 -2.51
N LEU A 137 -3.82 -17.15 -1.63
CA LEU A 137 -4.18 -15.81 -1.21
C LEU A 137 -3.61 -14.79 -2.16
N ASN A 138 -4.46 -14.29 -3.02
CA ASN A 138 -4.06 -13.30 -3.99
C ASN A 138 -4.57 -11.94 -3.55
N GLN A 139 -3.82 -10.90 -3.88
CA GLN A 139 -4.21 -9.53 -3.53
C GLN A 139 -5.66 -9.26 -3.90
N TYR A 140 -6.10 -9.89 -4.98
CA TYR A 140 -7.46 -9.73 -5.47
C TYR A 140 -8.41 -10.76 -4.86
N GLY A 141 -7.89 -11.69 -4.06
CA GLY A 141 -8.77 -12.67 -3.46
C GLY A 141 -8.10 -13.99 -3.11
N LEU A 142 -8.85 -15.05 -3.25
CA LEU A 142 -8.34 -16.37 -2.97
C LEU A 142 -8.48 -17.21 -4.23
N PHE A 143 -7.38 -17.76 -4.70
CA PHE A 143 -7.41 -18.59 -5.88
C PHE A 143 -7.41 -20.06 -5.50
N LYS A 144 -8.46 -20.73 -5.90
CA LYS A 144 -8.60 -22.15 -5.65
C LYS A 144 -8.45 -22.90 -6.95
N ASN A 145 -7.29 -23.54 -7.13
CA ASN A 145 -6.98 -24.29 -8.34
C ASN A 145 -7.52 -23.60 -9.58
N GLN A 146 -7.07 -22.36 -9.80
CA GLN A 146 -7.46 -21.52 -10.94
C GLN A 146 -8.83 -20.86 -10.73
N THR A 147 -9.54 -21.23 -9.66
CA THR A 147 -10.85 -20.64 -9.40
C THR A 147 -10.70 -19.45 -8.45
N LEU A 148 -11.21 -18.30 -8.88
CA LEU A 148 -11.13 -17.08 -8.10
C LEU A 148 -12.20 -17.03 -7.00
N VAL A 149 -11.77 -16.82 -5.78
CA VAL A 149 -12.67 -16.70 -4.64
C VAL A 149 -12.43 -15.36 -3.97
N PRO A 150 -13.42 -14.46 -3.98
CA PRO A 150 -13.29 -13.14 -3.38
C PRO A 150 -13.55 -13.15 -1.87
N LEU A 151 -12.90 -12.23 -1.17
CA LEU A 151 -13.05 -12.11 0.28
C LEU A 151 -14.28 -11.27 0.61
N LYS A 152 -14.93 -11.58 1.73
CA LYS A 152 -16.14 -10.86 2.13
C LYS A 152 -15.92 -10.10 3.44
N ILE A 153 -14.67 -9.83 3.79
CA ILE A 153 -14.37 -9.14 5.03
C ILE A 153 -13.45 -7.93 4.81
N THR A 154 -13.10 -7.26 5.90
CA THR A 154 -12.21 -6.10 5.84
C THR A 154 -11.55 -5.86 7.20
N THR A 155 -12.01 -6.60 8.22
CA THR A 155 -11.48 -6.47 9.57
C THR A 155 -10.32 -7.44 9.81
N GLU A 156 -9.43 -7.05 10.73
CA GLU A 156 -8.23 -7.85 11.02
C GLU A 156 -8.61 -9.18 11.67
N LYS A 157 -9.53 -9.13 12.65
CA LYS A 157 -9.97 -10.35 13.32
C LYS A 157 -10.64 -11.24 12.29
N GLU A 158 -11.48 -10.62 11.47
CA GLU A 158 -12.13 -11.31 10.38
C GLU A 158 -11.05 -11.85 9.46
N LEU A 159 -10.08 -11.00 9.16
CA LEU A 159 -8.98 -11.40 8.29
C LEU A 159 -8.33 -12.66 8.87
N ILE A 160 -7.92 -12.57 10.13
CA ILE A 160 -7.27 -13.71 10.76
C ILE A 160 -8.25 -14.89 10.86
N LYS A 161 -9.48 -14.66 11.36
CA LYS A 161 -10.49 -15.73 11.47
C LYS A 161 -10.95 -16.21 10.09
N GLU A 162 -10.77 -15.37 9.08
CA GLU A 162 -11.16 -15.76 7.73
C GLU A 162 -9.99 -16.49 7.08
N LEU A 163 -8.77 -16.11 7.52
CA LEU A 163 -7.56 -16.74 6.99
C LEU A 163 -7.22 -18.00 7.78
N GLY A 164 -7.63 -18.04 9.03
CA GLY A 164 -7.39 -19.21 9.87
C GLY A 164 -6.09 -19.09 10.64
N PHE A 165 -5.68 -17.86 10.90
CA PHE A 165 -4.43 -17.60 11.62
C PHE A 165 -4.64 -16.52 12.67
N THR A 166 -3.56 -16.11 13.33
CA THR A 166 -3.60 -15.06 14.33
C THR A 166 -2.66 -13.93 13.92
N TYR A 167 -2.96 -12.70 14.33
CA TYR A 167 -2.15 -11.55 13.97
C TYR A 167 -0.84 -11.51 14.77
N ARG A 168 0.28 -11.58 14.06
CA ARG A 168 1.60 -11.53 14.69
C ARG A 168 2.24 -10.17 14.46
N ILE A 169 3.03 -9.72 15.42
CA ILE A 169 3.69 -8.42 15.31
C ILE A 169 5.08 -8.56 14.69
N PRO A 170 5.31 -7.86 13.56
CA PRO A 170 6.58 -7.89 12.81
C PRO A 170 7.81 -7.95 13.71
N LYS A 171 7.84 -7.09 14.74
CA LYS A 171 8.93 -7.05 15.69
C LYS A 171 9.23 -8.43 16.29
N LYS A 172 8.30 -9.37 16.20
CA LYS A 172 8.53 -10.71 16.73
C LYS A 172 9.20 -11.58 15.67
N ARG A 173 9.22 -11.08 14.43
CA ARG A 173 9.84 -11.79 13.29
C ARG A 173 9.19 -13.15 13.08
N LEU A 174 8.20 -13.18 12.18
CA LEU A 174 7.47 -14.40 11.85
C LEU A 174 6.69 -14.91 13.06
N1 DOC B 23 8.31 -5.58 -5.33
C2 DOC B 23 7.38 -6.38 -5.98
N3 DOC B 23 7.77 -7.56 -6.52
C4 DOC B 23 9.04 -7.96 -6.40
C5 DOC B 23 10.02 -7.16 -5.75
C6 DOC B 23 9.62 -6.00 -5.22
O2 DOC B 23 6.20 -5.98 -6.07
N4 DOC B 23 9.37 -9.13 -6.93
C1' DOC B 23 7.89 -4.31 -4.73
C2' DOC B 23 8.05 -4.24 -3.22
C3' DOC B 23 8.64 -2.87 -2.96
C4' DOC B 23 9.39 -2.56 -4.26
O4' DOC B 23 8.69 -3.28 -5.30
C5' DOC B 23 10.84 -2.98 -4.27
O5' DOC B 23 11.31 -3.08 -5.61
P DOC B 23 12.23 -1.93 -6.23
OP1 DOC B 23 11.34 -0.98 -6.95
OP2 DOC B 23 13.13 -1.44 -5.16
H5 DOC B 23 11.05 -7.49 -5.66
H6 DOC B 23 10.35 -5.37 -4.72
HN41 DOC B 23 10.33 -9.46 -6.85
HN42 DOC B 23 8.68 -9.72 -7.38
H1' DOC B 23 6.85 -4.13 -5.03
H2' DOC B 23 8.70 -5.04 -2.84
H2'' DOC B 23 7.08 -4.35 -2.74
H3'1 DOC B 23 9.33 -2.89 -2.12
H3'2 DOC B 23 7.85 -2.14 -2.79
H4' DOC B 23 9.35 -1.47 -4.38
H5' DOC B 23 11.43 -2.23 -3.73
H5'' DOC B 23 10.94 -3.94 -3.77
PG DGT C . 9.88 -1.73 5.11
O1G DGT C . 11.47 -1.54 5.28
O2G DGT C . 9.15 -1.54 6.39
O3G DGT C . 9.44 -0.64 4.00
O3B DGT C . 9.64 -3.17 4.44
PB DGT C . 8.88 -3.29 3.03
O1B DGT C . 8.46 -4.70 2.87
O2B DGT C . 7.85 -2.23 2.97
O3A DGT C . 10.05 -2.96 1.98
PA DGT C . 9.73 -2.22 0.58
O1A DGT C . 9.31 -0.83 0.88
O2A DGT C . 10.91 -2.41 -0.31
O5' DGT C . 8.50 -3.09 0.00
C5' DGT C . 7.24 -2.49 -0.25
C4' DGT C . 6.11 -3.51 -0.12
O4' DGT C . 6.26 -4.60 -1.06
C3' DGT C . 6.13 -4.15 1.26
O3' DGT C . 4.80 -4.23 1.77
C2' DGT C . 6.66 -5.55 0.98
C1' DGT C . 5.92 -5.80 -0.33
N9 DGT C . 6.45 -6.99 -1.03
C8 DGT C . 5.78 -8.12 -1.29
N7 DGT C . 6.59 -8.96 -1.93
C5 DGT C . 7.76 -8.38 -2.08
C6 DGT C . 8.96 -8.78 -2.66
O6 DGT C . 9.06 -9.88 -3.19
N1 DGT C . 10.05 -7.90 -2.64
C2 DGT C . 9.91 -6.65 -2.03
N2 DGT C . 10.93 -5.81 -2.00
N3 DGT C . 8.73 -6.29 -1.48
C4 DGT C . 7.68 -7.12 -1.49
HO3' DGT C . 4.82 -4.45 2.75
HN2 DGT C . 10.84 -4.91 -1.57
HN2A DGT C . 11.81 -6.07 -2.41
H16 DGT C . 10.93 -8.16 -3.05
MG MG D . 9.27 1.20 -0.29
MG MG E . 8.81 -0.09 2.96
N MET A 1 19.60 9.37 6.11
CA MET A 1 18.29 8.77 6.41
C MET A 1 17.33 9.80 6.96
N LEU A 2 16.04 9.49 6.93
CA LEU A 2 15.01 10.39 7.43
C LEU A 2 14.58 9.97 8.83
N THR A 3 13.96 10.89 9.56
CA THR A 3 13.51 10.59 10.91
C THR A 3 12.00 10.44 10.98
N LEU A 4 11.56 9.84 12.09
CA LEU A 4 10.14 9.60 12.36
C LEU A 4 9.33 10.87 12.21
N ILE A 5 9.75 11.96 12.85
CA ILE A 5 9.04 13.23 12.78
C ILE A 5 8.96 13.71 11.34
N GLN A 6 10.09 13.66 10.62
CA GLN A 6 10.12 14.05 9.22
C GLN A 6 9.19 13.14 8.45
N GLY A 7 9.36 11.85 8.68
CA GLY A 7 8.50 10.87 8.03
C GLY A 7 7.04 11.15 8.33
N LYS A 8 6.77 11.43 9.60
CA LYS A 8 5.42 11.71 10.03
C LYS A 8 4.95 13.01 9.37
N LYS A 9 5.77 14.05 9.46
CA LYS A 9 5.44 15.34 8.88
C LYS A 9 5.23 15.20 7.37
N ILE A 10 6.16 14.52 6.69
CA ILE A 10 6.02 14.33 5.26
C ILE A 10 4.81 13.45 5.00
N VAL A 11 4.60 12.45 5.87
CA VAL A 11 3.42 11.58 5.74
C VAL A 11 2.18 12.45 5.90
N ASN A 12 2.25 13.35 6.87
CA ASN A 12 1.13 14.25 7.15
C ASN A 12 0.92 15.13 5.92
N HIS A 13 1.97 15.87 5.57
CA HIS A 13 1.92 16.74 4.41
C HIS A 13 1.47 15.95 3.19
N LEU A 14 2.18 14.87 2.91
CA LEU A 14 1.86 14.03 1.77
C LEU A 14 0.43 13.51 1.86
N ARG A 15 -0.04 13.16 3.05
CA ARG A 15 -1.39 12.64 3.18
C ARG A 15 -2.43 13.77 3.28
N SER A 16 -2.00 14.99 3.62
CA SER A 16 -2.94 16.10 3.70
C SER A 16 -2.85 16.99 2.46
N ARG A 17 -1.80 16.79 1.66
CA ARG A 17 -1.60 17.60 0.45
C ARG A 17 -1.59 16.76 -0.86
N LEU A 18 -1.83 15.46 -0.77
CA LEU A 18 -1.79 14.59 -1.97
C LEU A 18 -2.82 14.96 -3.02
N ALA A 19 -2.44 14.81 -4.30
CA ALA A 19 -3.33 15.13 -5.41
C ALA A 19 -3.02 14.27 -6.63
N PHE A 20 -3.94 14.23 -7.58
CA PHE A 20 -3.70 13.45 -8.78
C PHE A 20 -4.41 14.07 -9.97
N GLU A 21 -3.86 13.81 -11.15
CA GLU A 21 -4.42 14.33 -12.39
C GLU A 21 -5.62 13.49 -12.80
N TYR A 22 -6.55 14.16 -13.47
CA TYR A 22 -7.80 13.55 -13.88
C TYR A 22 -8.25 14.12 -15.22
N ASN A 23 -8.05 13.33 -16.27
CA ASN A 23 -8.43 13.69 -17.65
C ASN A 23 -8.16 15.18 -17.95
N GLY A 24 -6.94 15.60 -17.67
CA GLY A 24 -6.55 16.98 -17.91
C GLY A 24 -6.74 17.89 -16.70
N GLN A 25 -7.52 17.46 -15.71
CA GLN A 25 -7.74 18.26 -14.50
C GLN A 25 -7.03 17.59 -13.33
N LEU A 26 -7.23 18.11 -12.11
CA LEU A 26 -6.57 17.53 -10.95
C LEU A 26 -7.54 17.34 -9.78
N ILE A 27 -7.35 16.24 -9.07
CA ILE A 27 -8.16 15.92 -7.89
C ILE A 27 -7.23 15.70 -6.71
N LYS A 28 -7.57 16.27 -5.55
CA LYS A 28 -6.75 16.10 -4.37
C LYS A 28 -7.16 14.83 -3.61
N ILE A 29 -6.25 14.26 -2.84
CA ILE A 29 -6.53 13.04 -2.10
C ILE A 29 -6.47 13.28 -0.60
N LEU A 30 -7.39 12.65 0.12
CA LEU A 30 -7.50 12.79 1.57
C LEU A 30 -6.73 11.71 2.30
N SER A 31 -6.51 11.94 3.60
CA SER A 31 -5.75 11.05 4.47
C SER A 31 -6.34 9.62 4.59
N LYS A 32 -7.64 9.49 4.83
CA LYS A 32 -8.30 8.16 4.97
C LYS A 32 -8.10 7.20 3.79
N ASN A 33 -7.59 7.70 2.69
CA ASN A 33 -7.37 6.89 1.50
C ASN A 33 -5.96 6.30 1.50
N ILE A 34 -5.30 6.44 2.64
CA ILE A 34 -3.91 6.02 2.76
C ILE A 34 -3.65 5.25 4.05
N VAL A 35 -2.84 4.19 3.93
CA VAL A 35 -2.45 3.37 5.08
C VAL A 35 -0.94 3.35 5.22
N ALA A 36 -0.42 3.65 6.39
CA ALA A 36 1.02 3.67 6.60
C ALA A 36 1.63 2.27 6.61
N VAL A 37 2.79 2.17 5.97
CA VAL A 37 3.53 0.90 5.93
C VAL A 37 5.02 1.13 5.90
N GLY A 38 5.79 0.43 6.70
CA GLY A 38 7.21 0.65 6.65
C GLY A 38 7.83 0.41 8.00
N SER A 39 8.92 1.11 8.26
CA SER A 39 9.58 1.04 9.54
C SER A 39 8.58 1.31 10.67
N LEU A 40 7.64 2.23 10.42
CA LEU A 40 6.59 2.55 11.39
C LEU A 40 5.76 1.32 11.75
N ARG A 41 5.43 0.49 10.75
CA ARG A 41 4.63 -0.70 10.99
C ARG A 41 5.43 -1.79 11.69
N ARG A 42 6.75 -1.68 11.64
CA ARG A 42 7.60 -2.66 12.30
C ARG A 42 8.22 -2.07 13.58
N GLU A 43 8.19 -0.73 13.68
CA GLU A 43 8.69 0.01 14.84
C GLU A 43 10.21 0.02 14.88
N GLU A 44 10.79 0.44 13.76
CA GLU A 44 12.24 0.49 13.61
C GLU A 44 12.83 1.83 14.10
N LYS A 45 14.06 1.76 14.62
CA LYS A 45 14.78 2.92 15.12
C LYS A 45 15.42 3.69 13.98
N MET A 46 15.63 3.01 12.86
CA MET A 46 16.19 3.69 11.72
C MET A 46 15.42 3.33 10.48
N LEU A 47 14.85 4.36 9.85
CA LEU A 47 14.11 4.12 8.63
C LEU A 47 14.87 4.46 7.35
N ASN A 48 14.52 3.70 6.33
CA ASN A 48 15.09 3.85 4.99
C ASN A 48 13.97 4.20 4.02
N ASP A 49 12.97 3.31 3.98
CA ASP A 49 11.80 3.50 3.12
C ASP A 49 10.55 3.48 3.98
N VAL A 50 9.69 4.47 3.79
CA VAL A 50 8.43 4.52 4.49
C VAL A 50 7.32 4.44 3.46
N ASP A 51 6.47 3.46 3.58
CA ASP A 51 5.42 3.25 2.61
C ASP A 51 4.07 3.71 3.15
N LEU A 52 3.14 3.79 2.24
CA LEU A 52 1.82 4.27 2.52
C LEU A 52 0.87 3.74 1.47
N LEU A 53 -0.01 2.85 1.88
CA LEU A 53 -0.97 2.25 0.98
C LEU A 53 -2.02 3.26 0.59
N ILE A 54 -2.25 3.37 -0.70
CA ILE A 54 -3.23 4.29 -1.25
C ILE A 54 -4.21 3.50 -2.08
N ILE A 55 -5.42 3.30 -1.57
CA ILE A 55 -6.42 2.55 -2.30
C ILE A 55 -7.60 3.42 -2.70
N VAL A 56 -8.15 3.13 -3.86
CA VAL A 56 -9.28 3.90 -4.38
C VAL A 56 -10.59 3.16 -4.10
N PRO A 57 -11.53 3.82 -3.38
CA PRO A 57 -12.82 3.21 -3.04
C PRO A 57 -13.72 3.09 -4.26
N GLU A 58 -13.41 3.88 -5.27
CA GLU A 58 -14.19 3.85 -6.49
C GLU A 58 -13.61 2.84 -7.45
N LYS A 59 -14.49 2.08 -8.07
CA LYS A 59 -14.06 1.06 -9.01
C LYS A 59 -13.64 1.71 -10.32
N LYS A 60 -14.15 2.93 -10.60
CA LYS A 60 -13.80 3.60 -11.85
C LYS A 60 -12.50 4.37 -11.65
N LEU A 61 -12.56 5.47 -10.82
CA LEU A 61 -11.35 6.23 -10.47
C LEU A 61 -10.19 5.37 -9.95
N LEU A 62 -10.45 4.09 -9.75
CA LEU A 62 -9.44 3.15 -9.33
C LEU A 62 -8.22 3.29 -10.23
N LYS A 63 -8.47 3.35 -11.52
CA LYS A 63 -7.42 3.47 -12.51
C LYS A 63 -7.16 4.94 -12.92
N HIS A 64 -7.93 5.88 -12.38
CA HIS A 64 -7.77 7.30 -12.74
C HIS A 64 -6.70 7.97 -11.91
N VAL A 65 -6.39 7.39 -10.76
CA VAL A 65 -5.34 7.93 -9.90
C VAL A 65 -3.99 7.57 -10.50
N LEU A 66 -3.98 6.47 -11.24
CA LEU A 66 -2.79 5.94 -11.88
C LEU A 66 -2.09 6.95 -12.81
N PRO A 67 -2.81 7.65 -13.73
CA PRO A 67 -2.21 8.65 -14.63
C PRO A 67 -1.14 9.51 -13.93
N ASN A 68 -1.53 10.50 -13.14
CA ASN A 68 -0.52 11.30 -12.44
C ASN A 68 -0.93 11.61 -11.00
N ILE A 69 -0.35 10.86 -10.05
CA ILE A 69 -0.62 11.05 -8.61
C ILE A 69 0.55 11.80 -7.97
N ARG A 70 0.30 13.01 -7.45
CA ARG A 70 1.40 13.82 -6.89
C ARG A 70 0.97 14.93 -5.91
N ILE A 71 2.00 15.70 -5.51
CA ILE A 71 1.84 16.88 -4.64
C ILE A 71 2.08 18.13 -5.48
N LYS A 72 1.44 19.26 -5.20
CA LYS A 72 1.68 20.48 -6.00
C LYS A 72 2.87 21.31 -5.49
N GLY A 73 3.80 21.73 -6.37
CA GLY A 73 4.87 22.65 -5.94
C GLY A 73 6.13 22.04 -5.30
N LEU A 74 6.55 20.83 -5.67
CA LEU A 74 7.76 20.26 -5.07
C LEU A 74 8.63 19.51 -6.09
N SER A 75 9.60 18.72 -5.61
CA SER A 75 10.40 17.95 -6.54
C SER A 75 9.97 16.51 -6.45
N PHE A 76 9.35 15.99 -7.48
CA PHE A 76 8.93 14.59 -7.44
C PHE A 76 9.01 13.95 -8.79
N SER A 77 9.49 12.74 -8.77
CA SER A 77 9.56 11.93 -9.95
C SER A 77 8.80 10.65 -9.70
N VAL A 78 7.74 10.45 -10.47
CA VAL A 78 6.86 9.29 -10.32
C VAL A 78 7.07 8.29 -11.45
N LYS A 79 7.50 7.08 -11.12
CA LYS A 79 7.66 6.05 -12.12
C LYS A 79 6.83 4.84 -11.71
N VAL A 80 6.00 4.36 -12.62
CA VAL A 80 5.17 3.18 -12.32
C VAL A 80 5.95 1.92 -12.69
N CYS A 81 6.01 0.99 -11.76
CA CYS A 81 6.75 -0.25 -11.98
C CYS A 81 5.94 -1.49 -11.61
N GLY A 82 6.25 -2.59 -12.28
CA GLY A 82 5.59 -3.84 -12.02
C GLY A 82 4.15 -3.84 -12.45
N GLU A 83 3.31 -4.54 -11.72
CA GLU A 83 1.91 -4.61 -12.05
C GLU A 83 1.22 -3.30 -11.71
N ARG A 84 1.62 -2.73 -10.57
CA ARG A 84 1.04 -1.46 -10.13
C ARG A 84 1.86 -0.82 -9.03
N LYS A 85 3.19 -0.84 -9.15
CA LYS A 85 4.02 -0.21 -8.14
C LYS A 85 4.32 1.21 -8.55
N CYS A 86 4.36 2.10 -7.57
CA CYS A 86 4.61 3.50 -7.87
C CYS A 86 5.91 3.91 -7.21
N VAL A 87 6.88 4.21 -8.04
CA VAL A 87 8.20 4.59 -7.57
C VAL A 87 8.37 6.09 -7.68
N LEU A 88 8.57 6.71 -6.54
CA LEU A 88 8.70 8.13 -6.48
C LEU A 88 10.07 8.55 -6.00
N PHE A 89 10.61 9.52 -6.71
CA PHE A 89 11.89 10.10 -6.36
C PHE A 89 11.53 11.53 -6.06
N ILE A 90 11.56 11.95 -4.82
CA ILE A 90 11.13 13.28 -4.50
C ILE A 90 12.24 14.12 -3.90
N GLU A 91 12.02 15.42 -3.95
CA GLU A 91 12.92 16.38 -3.42
C GLU A 91 12.17 17.62 -2.92
N TRP A 92 12.68 18.08 -1.78
CA TRP A 92 12.16 19.26 -1.08
C TRP A 92 13.29 19.82 -0.22
N GLU A 93 13.34 21.16 -0.10
CA GLU A 93 14.38 21.82 0.69
C GLU A 93 15.76 21.34 0.24
N LYS A 94 15.84 21.06 -1.07
CA LYS A 94 17.06 20.55 -1.71
C LYS A 94 17.37 19.15 -1.22
N LYS A 95 16.42 18.51 -0.54
CA LYS A 95 16.59 17.16 -0.05
C LYS A 95 15.80 16.20 -0.91
N THR A 96 16.51 15.16 -1.39
CA THR A 96 15.96 14.12 -2.25
C THR A 96 15.57 12.89 -1.44
N TYR A 97 14.51 12.19 -1.87
CA TYR A 97 14.04 10.98 -1.19
C TYR A 97 13.37 10.03 -2.18
N GLN A 98 13.61 8.74 -1.96
CA GLN A 98 13.04 7.68 -2.79
C GLN A 98 11.87 7.03 -2.08
N LEU A 99 10.68 7.20 -2.63
CA LEU A 99 9.48 6.62 -2.02
C LEU A 99 8.76 5.72 -3.01
N ASP A 100 8.32 4.54 -2.58
CA ASP A 100 7.60 3.66 -3.48
C ASP A 100 6.22 3.35 -2.93
N LEU A 101 5.20 3.82 -3.63
CA LEU A 101 3.83 3.59 -3.21
C LEU A 101 3.18 2.59 -4.12
N PHE A 102 1.96 2.26 -3.75
CA PHE A 102 1.17 1.33 -4.50
C PHE A 102 -0.29 1.73 -4.41
N THR A 103 -0.91 1.81 -5.56
CA THR A 103 -2.32 2.12 -5.62
C THR A 103 -3.06 0.91 -6.17
N ALA A 104 -4.01 0.38 -5.41
CA ALA A 104 -4.72 -0.83 -5.81
C ALA A 104 -6.17 -0.75 -5.35
N LEU A 105 -6.94 -1.83 -5.52
CA LEU A 105 -8.35 -1.82 -5.16
C LEU A 105 -8.58 -1.75 -3.65
N ALA A 106 -9.44 -0.82 -3.22
CA ALA A 106 -9.75 -0.63 -1.80
C ALA A 106 -10.35 -1.87 -1.22
N GLU A 107 -10.88 -2.70 -2.10
CA GLU A 107 -11.48 -3.96 -1.69
C GLU A 107 -10.39 -5.00 -1.38
N GLU A 108 -9.15 -4.77 -1.85
CA GLU A 108 -8.09 -5.75 -1.57
C GLU A 108 -7.36 -5.36 -0.28
N LYS A 109 -7.84 -4.25 0.29
CA LYS A 109 -7.32 -3.68 1.54
C LYS A 109 -6.78 -4.70 2.53
N PRO A 110 -7.59 -5.67 3.04
CA PRO A 110 -7.08 -6.66 4.02
C PRO A 110 -5.84 -7.39 3.52
N TYR A 111 -5.96 -7.98 2.34
CA TYR A 111 -4.87 -8.72 1.73
C TYR A 111 -3.72 -7.78 1.46
N ALA A 112 -4.05 -6.59 0.94
CA ALA A 112 -3.05 -5.58 0.69
C ALA A 112 -2.32 -5.26 2.00
N ILE A 113 -3.12 -5.04 3.04
CA ILE A 113 -2.61 -4.75 4.36
C ILE A 113 -1.70 -5.90 4.76
N PHE A 114 -2.24 -7.13 4.72
CA PHE A 114 -1.44 -8.29 5.06
C PHE A 114 -0.18 -8.36 4.20
N HIS A 115 -0.35 -8.33 2.86
CA HIS A 115 0.79 -8.34 1.93
C HIS A 115 1.80 -7.28 2.30
N PHE A 116 1.33 -6.05 2.41
CA PHE A 116 2.21 -4.93 2.71
C PHE A 116 2.72 -4.83 4.16
N THR A 117 1.99 -5.36 5.15
CA THR A 117 2.42 -5.24 6.54
C THR A 117 3.60 -6.13 7.02
N GLY A 118 3.69 -7.45 6.70
CA GLY A 118 4.83 -8.18 7.28
C GLY A 118 6.01 -8.50 6.32
N PRO A 119 6.27 -9.78 5.93
CA PRO A 119 7.36 -10.13 5.03
C PRO A 119 7.00 -11.04 3.82
N VAL A 120 7.35 -10.57 2.62
CA VAL A 120 7.10 -11.28 1.35
C VAL A 120 7.20 -12.82 1.48
N SER A 121 8.35 -13.34 1.94
CA SER A 121 8.50 -14.78 2.14
C SER A 121 7.35 -15.39 2.93
N TYR A 122 6.89 -14.68 3.97
CA TYR A 122 5.82 -15.20 4.78
C TYR A 122 4.56 -15.10 3.97
N LEU A 123 4.48 -14.00 3.23
CA LEU A 123 3.38 -13.77 2.32
C LEU A 123 3.33 -14.94 1.32
N ILE A 124 4.45 -15.26 0.66
CA ILE A 124 4.48 -16.39 -0.27
C ILE A 124 4.19 -17.66 0.51
N ARG A 125 4.88 -17.83 1.64
CA ARG A 125 4.62 -18.98 2.51
C ARG A 125 3.11 -19.09 2.77
N ILE A 126 2.53 -17.95 3.10
CA ILE A 126 1.10 -17.85 3.35
C ILE A 126 0.37 -18.19 2.06
N ARG A 127 0.85 -17.62 0.95
CA ARG A 127 0.24 -17.88 -0.36
C ARG A 127 0.31 -19.39 -0.67
N ALA A 128 1.49 -20.00 -0.62
CA ALA A 128 1.60 -21.43 -0.84
C ALA A 128 0.81 -22.20 0.22
N ALA A 129 1.07 -21.87 1.50
CA ALA A 129 0.33 -22.49 2.59
C ALA A 129 -1.15 -22.45 2.26
N LEU A 130 -1.63 -21.29 1.82
CA LEU A 130 -3.00 -21.16 1.40
C LEU A 130 -3.26 -21.99 0.15
N LYS A 131 -2.42 -21.88 -0.91
CA LYS A 131 -2.66 -22.65 -2.12
C LYS A 131 -2.79 -24.12 -1.76
N LYS A 132 -1.81 -24.60 -0.97
CA LYS A 132 -1.86 -25.98 -0.49
C LYS A 132 -3.23 -26.34 0.12
N LYS A 133 -4.04 -25.34 0.45
CA LYS A 133 -5.36 -25.61 1.00
C LYS A 133 -6.42 -25.47 -0.09
N ASN A 134 -5.93 -25.43 -1.33
CA ASN A 134 -6.75 -25.33 -2.53
C ASN A 134 -7.40 -23.96 -2.66
N TYR A 135 -6.63 -22.92 -2.37
CA TYR A 135 -7.10 -21.55 -2.46
C TYR A 135 -5.93 -20.63 -2.76
N LYS A 136 -6.06 -19.80 -3.77
CA LYS A 136 -4.99 -18.87 -4.10
C LYS A 136 -5.42 -17.47 -3.70
N LEU A 137 -4.64 -16.85 -2.83
CA LEU A 137 -4.99 -15.55 -2.30
C LEU A 137 -4.30 -14.44 -3.07
N ASN A 138 -5.06 -13.68 -3.86
CA ASN A 138 -4.46 -12.59 -4.62
C ASN A 138 -5.22 -11.29 -4.46
N GLN A 139 -4.57 -10.18 -4.82
CA GLN A 139 -5.17 -8.84 -4.74
C GLN A 139 -6.59 -8.84 -5.29
N TYR A 140 -6.78 -9.62 -6.34
CA TYR A 140 -8.06 -9.75 -7.00
C TYR A 140 -9.06 -10.53 -6.15
N GLY A 141 -8.55 -11.42 -5.30
CA GLY A 141 -9.44 -12.21 -4.50
C GLY A 141 -8.84 -13.54 -4.11
N LEU A 142 -9.69 -14.55 -4.10
CA LEU A 142 -9.28 -15.90 -3.80
C LEU A 142 -9.50 -16.73 -5.05
N PHE A 143 -8.45 -17.35 -5.55
CA PHE A 143 -8.56 -18.19 -6.72
C PHE A 143 -8.64 -19.65 -6.32
N LYS A 144 -9.67 -20.31 -6.80
CA LYS A 144 -9.88 -21.71 -6.50
C LYS A 144 -10.05 -22.48 -7.80
N ASN A 145 -9.06 -23.32 -8.11
CA ASN A 145 -9.09 -24.14 -9.32
C ASN A 145 -9.54 -23.31 -10.53
N GLN A 146 -8.82 -22.20 -10.74
CA GLN A 146 -9.11 -21.27 -11.83
C GLN A 146 -10.38 -20.45 -11.59
N THR A 147 -11.06 -20.68 -10.46
CA THR A 147 -12.27 -19.93 -10.17
C THR A 147 -11.96 -18.78 -9.22
N LEU A 148 -12.38 -17.58 -9.62
CA LEU A 148 -12.17 -16.38 -8.83
C LEU A 148 -13.21 -16.27 -7.72
N VAL A 149 -12.75 -16.06 -6.50
CA VAL A 149 -13.61 -15.92 -5.35
C VAL A 149 -13.34 -14.59 -4.65
N PRO A 150 -14.35 -13.73 -4.53
CA PRO A 150 -14.22 -12.42 -3.87
C PRO A 150 -14.12 -12.54 -2.35
N LEU A 151 -13.51 -11.55 -1.73
CA LEU A 151 -13.35 -11.51 -0.28
C LEU A 151 -14.62 -11.02 0.40
N LYS A 152 -14.88 -11.51 1.60
CA LYS A 152 -16.09 -11.13 2.32
C LYS A 152 -15.75 -10.53 3.69
N ILE A 153 -14.59 -9.87 3.79
CA ILE A 153 -14.15 -9.27 5.07
C ILE A 153 -13.42 -7.95 4.86
N THR A 154 -13.04 -7.31 5.96
CA THR A 154 -12.29 -6.05 5.92
C THR A 154 -11.52 -5.81 7.23
N THR A 155 -11.93 -6.50 8.30
CA THR A 155 -11.29 -6.34 9.60
C THR A 155 -10.14 -7.36 9.76
N GLU A 156 -9.21 -7.11 10.70
CA GLU A 156 -8.05 -7.98 10.87
C GLU A 156 -8.44 -9.38 11.35
N LYS A 157 -9.37 -9.47 12.30
CA LYS A 157 -9.81 -10.75 12.79
C LYS A 157 -10.46 -11.50 11.65
N GLU A 158 -11.31 -10.79 10.93
CA GLU A 158 -11.94 -11.35 9.76
C GLU A 158 -10.84 -11.71 8.75
N LEU A 159 -9.86 -10.83 8.64
CA LEU A 159 -8.74 -11.08 7.74
C LEU A 159 -8.11 -12.42 8.12
N ILE A 160 -7.72 -12.55 9.40
CA ILE A 160 -7.12 -13.80 9.84
C ILE A 160 -8.14 -14.95 9.72
N LYS A 161 -9.38 -14.74 10.19
CA LYS A 161 -10.42 -15.77 10.06
C LYS A 161 -10.77 -16.07 8.60
N GLU A 162 -10.54 -15.10 7.72
CA GLU A 162 -10.83 -15.32 6.30
C GLU A 162 -9.61 -16.00 5.68
N LEU A 163 -8.43 -15.64 6.23
CA LEU A 163 -7.17 -16.18 5.74
C LEU A 163 -6.91 -17.57 6.33
N GLY A 164 -7.45 -17.81 7.52
CA GLY A 164 -7.29 -19.11 8.16
C GLY A 164 -5.94 -19.25 8.83
N PHE A 165 -5.44 -18.15 9.38
CA PHE A 165 -4.15 -18.16 10.07
C PHE A 165 -4.20 -17.36 11.37
N THR A 166 -3.08 -17.33 12.08
CA THR A 166 -2.99 -16.62 13.34
C THR A 166 -2.35 -15.24 13.15
N TYR A 167 -2.75 -14.27 13.98
CA TYR A 167 -2.22 -12.92 13.91
C TYR A 167 -0.72 -12.92 14.20
N ARG A 168 0.08 -12.58 13.19
CA ARG A 168 1.53 -12.54 13.35
C ARG A 168 2.03 -11.13 13.10
N ILE A 169 2.84 -10.62 14.01
CA ILE A 169 3.38 -9.28 13.87
C ILE A 169 4.80 -9.32 13.33
N PRO A 170 5.09 -8.49 12.30
CA PRO A 170 6.40 -8.39 11.65
C PRO A 170 7.55 -8.49 12.65
N LYS A 171 7.41 -7.78 13.77
CA LYS A 171 8.42 -7.78 14.82
C LYS A 171 8.76 -9.20 15.28
N LYS A 172 7.89 -10.17 15.02
CA LYS A 172 8.18 -11.53 15.42
C LYS A 172 8.99 -12.25 14.33
N ARG A 173 9.19 -11.57 13.20
CA ARG A 173 9.97 -12.13 12.08
C ARG A 173 9.34 -13.41 11.54
N LEU A 174 8.37 -13.24 10.65
CA LEU A 174 7.66 -14.37 10.04
C LEU A 174 6.96 -15.20 11.10
N1 DOC B 23 8.66 -5.12 -7.01
C2 DOC B 23 7.65 -6.07 -7.18
N3 DOC B 23 7.99 -7.37 -7.32
C4 DOC B 23 9.29 -7.73 -7.30
C5 DOC B 23 10.33 -6.77 -7.13
C6 DOC B 23 9.97 -5.49 -6.99
O2 DOC B 23 6.46 -5.70 -7.19
N4 DOC B 23 9.59 -9.01 -7.43
C1' DOC B 23 8.29 -3.70 -6.85
C2' DOC B 23 9.01 -2.99 -5.73
C3' DOC B 23 8.95 -1.55 -6.20
C4' DOC B 23 9.06 -1.65 -7.71
O4' DOC B 23 8.65 -3.01 -8.05
C5' DOC B 23 10.43 -1.40 -8.27
O5' DOC B 23 11.37 -1.17 -7.22
P DOC B 23 12.93 -1.27 -7.49
OP1 DOC B 23 13.38 0.01 -8.08
OP2 DOC B 23 13.60 -1.78 -6.27
H5 DOC B 23 11.37 -7.07 -7.11
H6 DOC B 23 10.75 -4.74 -6.86
HN41 DOC B 23 10.55 -9.33 -7.41
HN42 DOC B 23 8.86 -9.70 -7.56
H1' DOC B 23 7.20 -3.64 -6.74
H2' DOC B 23 10.04 -3.33 -5.62
H2'' DOC B 23 8.53 -3.11 -4.77
H3'1 DOC B 23 9.79 -0.96 -5.80
H3'2 DOC B 23 8.00 -1.08 -5.91
H4' DOC B 23 8.39 -0.90 -8.12
H5' DOC B 23 10.75 -2.27 -8.86
H5'' DOC B 23 10.40 -0.52 -8.93
PG DGT C . 10.25 -1.86 4.77
O1G DGT C . 11.81 -1.46 4.84
O2G DGT C . 9.62 -1.94 6.12
O3G DGT C . 9.57 -0.71 3.86
O3B DGT C . 10.15 -3.22 3.93
PB DGT C . 9.17 -3.34 2.67
O1B DGT C . 8.84 -4.77 2.50
O2B DGT C . 8.05 -2.37 2.84
O3A DGT C . 10.11 -2.86 1.46
PA DGT C . 9.54 -1.92 0.27
O1A DGT C . 9.16 -0.60 0.83
O2A DGT C . 10.53 -1.93 -0.84
O5' DGT C . 8.23 -2.72 -0.20
C5' DGT C . 6.96 -2.06 -0.22
C4' DGT C . 5.81 -3.04 0.00
O4' DGT C . 5.81 -4.05 -1.03
C3' DGT C . 6.01 -3.78 1.32
O3' DGT C . 4.74 -4.04 1.92
C2' DGT C . 6.64 -5.09 0.84
C1' DGT C . 5.74 -5.32 -0.37
N9 DGT C . 6.29 -6.40 -1.23
C8 DGT C . 5.83 -7.64 -1.34
N7 DGT C . 6.60 -8.32 -2.18
C5 DGT C . 7.56 -7.52 -2.61
C6 DGT C . 8.62 -7.67 -3.49
O6 DGT C . 8.85 -8.77 -4.02
N1 DGT C . 9.46 -6.59 -3.73
C2 DGT C . 9.21 -5.36 -3.10
N2 DGT C . 9.98 -4.32 -3.35
N3 DGT C . 8.17 -5.24 -2.26
C4 DGT C . 7.36 -6.28 -2.00
HO3' DGT C . 4.24 -3.18 2.03
HN2 DGT C . 9.80 -3.44 -2.91
HN2A DGT C . 10.75 -4.40 -3.98
H16 DGT C . 10.24 -6.68 -4.37
MG MG D . 8.65 1.43 -0.15
MG MG E . 8.78 -0.15 2.95
N MET A 1 18.14 7.73 5.96
CA MET A 1 17.82 8.78 4.98
C MET A 1 17.03 9.92 5.63
N LEU A 2 15.93 9.56 6.30
CA LEU A 2 15.09 10.55 6.96
C LEU A 2 14.73 10.07 8.36
N THR A 3 14.00 10.87 9.12
CA THR A 3 13.60 10.48 10.46
C THR A 3 12.07 10.53 10.63
N LEU A 4 11.63 10.07 11.80
CA LEU A 4 10.22 10.01 12.16
C LEU A 4 9.51 11.33 11.91
N ILE A 5 10.08 12.45 12.35
CA ILE A 5 9.45 13.75 12.14
C ILE A 5 9.24 14.03 10.66
N GLN A 6 10.29 13.78 9.86
CA GLN A 6 10.18 13.98 8.42
C GLN A 6 9.15 13.01 7.88
N GLY A 7 9.26 11.75 8.33
CA GLY A 7 8.30 10.75 7.91
C GLY A 7 6.89 11.17 8.28
N LYS A 8 6.75 11.67 9.50
CA LYS A 8 5.46 12.12 9.99
C LYS A 8 5.04 13.32 9.16
N LYS A 9 5.95 14.29 9.00
CA LYS A 9 5.67 15.47 8.20
C LYS A 9 5.23 15.08 6.79
N ILE A 10 6.02 14.23 6.11
CA ILE A 10 5.65 13.82 4.76
C ILE A 10 4.36 13.03 4.81
N VAL A 11 4.24 12.14 5.81
CA VAL A 11 3.01 11.35 5.93
C VAL A 11 1.84 12.30 6.17
N ASN A 12 2.07 13.33 7.00
CA ASN A 12 1.03 14.31 7.29
C ASN A 12 0.70 15.07 6.02
N HIS A 13 1.76 15.55 5.38
CA HIS A 13 1.61 16.28 4.12
C HIS A 13 0.84 15.41 3.11
N LEU A 14 1.36 14.20 2.88
CA LEU A 14 0.73 13.27 1.95
C LEU A 14 -0.67 12.88 2.42
N ARG A 15 -0.83 12.71 3.73
CA ARG A 15 -2.13 12.32 4.27
C ARG A 15 -3.09 13.52 4.34
N SER A 16 -2.60 14.75 4.35
CA SER A 16 -3.52 15.90 4.41
C SER A 16 -3.57 16.72 3.11
N ARG A 17 -2.58 16.55 2.24
CA ARG A 17 -2.53 17.37 1.03
C ARG A 17 -2.36 16.63 -0.31
N LEU A 18 -2.47 15.31 -0.44
CA LEU A 18 -2.14 14.74 -1.75
C LEU A 18 -3.12 15.15 -2.85
N ALA A 19 -2.75 14.90 -4.12
CA ALA A 19 -3.64 15.22 -5.23
C ALA A 19 -3.42 14.30 -6.42
N PHE A 20 -4.41 14.20 -7.26
CA PHE A 20 -4.31 13.38 -8.46
C PHE A 20 -5.16 13.97 -9.57
N GLU A 21 -4.79 13.64 -10.80
CA GLU A 21 -5.50 14.13 -11.96
C GLU A 21 -6.78 13.35 -12.17
N TYR A 22 -7.77 14.03 -12.71
CA TYR A 22 -9.10 13.47 -12.92
C TYR A 22 -9.67 13.99 -14.23
N ASN A 23 -9.63 13.15 -15.26
CA ASN A 23 -10.15 13.50 -16.59
C ASN A 23 -9.82 14.94 -16.97
N GLY A 24 -8.56 15.30 -16.80
CA GLY A 24 -8.12 16.65 -17.12
C GLY A 24 -8.17 17.59 -15.94
N GLN A 25 -8.87 17.21 -14.88
CA GLN A 25 -8.97 18.02 -13.67
C GLN A 25 -8.06 17.44 -12.58
N LEU A 26 -8.10 18.04 -11.39
CA LEU A 26 -7.26 17.56 -10.29
C LEU A 26 -8.08 17.39 -9.00
N ILE A 27 -7.85 16.26 -8.32
CA ILE A 27 -8.55 15.95 -7.08
C ILE A 27 -7.53 15.69 -5.96
N LYS A 28 -7.80 16.24 -4.77
CA LYS A 28 -6.90 16.08 -3.62
C LYS A 28 -7.12 14.76 -2.87
N ILE A 29 -6.09 14.31 -2.15
CA ILE A 29 -6.13 13.07 -1.38
C ILE A 29 -5.67 13.30 0.07
N LEU A 30 -6.55 12.79 0.97
CA LEU A 30 -6.43 12.88 2.42
C LEU A 30 -6.28 11.50 3.10
N SER A 31 -6.24 11.54 4.43
CA SER A 31 -5.94 10.39 5.30
C SER A 31 -6.69 9.05 5.04
N LYS A 32 -8.05 8.98 5.02
CA LYS A 32 -8.73 7.69 4.83
C LYS A 32 -8.34 6.99 3.52
N ASN A 33 -7.87 7.77 2.50
CA ASN A 33 -7.47 7.20 1.20
C ASN A 33 -6.00 6.79 1.28
N ILE A 34 -5.45 6.83 2.49
CA ILE A 34 -4.04 6.55 2.65
C ILE A 34 -3.73 5.71 3.89
N VAL A 35 -2.75 4.81 3.76
CA VAL A 35 -2.29 3.95 4.86
C VAL A 35 -0.74 3.92 4.90
N ALA A 36 -0.17 4.16 6.07
CA ALA A 36 1.29 4.18 6.26
C ALA A 36 1.93 2.80 6.10
N VAL A 37 2.93 2.73 5.24
CA VAL A 37 3.64 1.47 5.04
C VAL A 37 5.13 1.68 5.26
N GLY A 38 5.77 0.80 6.02
CA GLY A 38 7.18 0.96 6.24
C GLY A 38 7.62 0.49 7.60
N SER A 39 8.74 1.03 8.04
CA SER A 39 9.31 0.72 9.33
C SER A 39 8.35 1.11 10.46
N LEU A 40 7.40 2.03 10.21
CA LEU A 40 6.42 2.44 11.20
C LEU A 40 5.71 1.25 11.86
N ARG A 41 5.38 0.22 11.07
CA ARG A 41 4.70 -0.95 11.61
C ARG A 41 5.69 -1.77 12.44
N ARG A 42 6.96 -1.51 12.23
CA ARG A 42 8.02 -2.19 12.96
C ARG A 42 8.52 -1.30 14.11
N GLU A 43 8.31 0.02 13.97
CA GLU A 43 8.67 1.01 15.00
C GLU A 43 10.18 1.19 15.14
N GLU A 44 10.84 1.43 14.01
CA GLU A 44 12.30 1.61 13.99
C GLU A 44 12.70 3.05 14.28
N LYS A 45 13.88 3.23 14.88
CA LYS A 45 14.39 4.57 15.23
C LYS A 45 15.10 5.22 14.05
N MET A 46 15.35 4.41 13.02
CA MET A 46 16.01 4.90 11.81
C MET A 46 15.07 4.75 10.63
N LEU A 47 15.01 5.75 9.78
CA LEU A 47 14.16 5.70 8.61
C LEU A 47 14.97 5.82 7.34
N ASN A 48 14.66 4.95 6.38
CA ASN A 48 15.34 4.98 5.10
C ASN A 48 14.30 5.17 4.00
N ASP A 49 13.25 4.35 4.06
CA ASP A 49 12.16 4.40 3.11
C ASP A 49 10.84 4.33 3.86
N VAL A 50 9.93 5.25 3.57
CA VAL A 50 8.62 5.22 4.19
C VAL A 50 7.60 5.05 3.08
N ASP A 51 6.80 4.01 3.14
CA ASP A 51 5.81 3.75 2.10
C ASP A 51 4.40 4.16 2.56
N LEU A 52 3.45 4.12 1.65
CA LEU A 52 2.12 4.61 1.92
C LEU A 52 1.10 3.96 1.01
N LEU A 53 0.26 3.11 1.56
CA LEU A 53 -0.77 2.45 0.80
C LEU A 53 -1.89 3.43 0.48
N ILE A 54 -2.29 3.43 -0.78
CA ILE A 54 -3.37 4.28 -1.24
C ILE A 54 -4.37 3.45 -2.04
N ILE A 55 -5.51 3.18 -1.45
CA ILE A 55 -6.54 2.40 -2.11
C ILE A 55 -7.78 3.26 -2.41
N VAL A 56 -8.44 2.95 -3.52
CA VAL A 56 -9.62 3.71 -3.92
C VAL A 56 -10.88 2.84 -3.80
N PRO A 57 -11.81 3.25 -2.89
CA PRO A 57 -13.07 2.53 -2.66
C PRO A 57 -14.13 2.86 -3.70
N GLU A 58 -13.70 2.83 -4.93
CA GLU A 58 -14.58 3.10 -6.06
C GLU A 58 -14.06 2.28 -7.24
N LYS A 59 -14.96 1.73 -8.03
CA LYS A 59 -14.54 0.91 -9.16
C LYS A 59 -14.05 1.74 -10.33
N LYS A 60 -14.51 2.99 -10.49
CA LYS A 60 -14.09 3.76 -11.63
C LYS A 60 -12.87 4.61 -11.26
N LEU A 61 -13.11 5.64 -10.41
CA LEU A 61 -11.99 6.49 -9.89
C LEU A 61 -10.78 5.72 -9.40
N LEU A 62 -10.94 4.43 -9.15
CA LEU A 62 -9.81 3.60 -8.74
C LEU A 62 -8.72 3.66 -9.82
N LYS A 63 -9.14 3.77 -11.07
CA LYS A 63 -8.21 3.81 -12.18
C LYS A 63 -7.87 5.26 -12.56
N HIS A 64 -8.63 6.22 -12.02
CA HIS A 64 -8.41 7.65 -12.32
C HIS A 64 -7.20 8.18 -11.59
N VAL A 65 -6.82 7.52 -10.52
CA VAL A 65 -5.65 7.92 -9.75
C VAL A 65 -4.39 7.51 -10.49
N LEU A 66 -4.52 6.45 -11.28
CA LEU A 66 -3.42 5.90 -12.08
C LEU A 66 -2.76 6.94 -12.99
N PRO A 67 -3.54 7.72 -13.80
CA PRO A 67 -2.99 8.75 -14.67
C PRO A 67 -1.92 9.60 -13.97
N ASN A 68 -2.33 10.58 -13.15
CA ASN A 68 -1.34 11.39 -12.44
C ASN A 68 -1.72 11.59 -10.97
N ILE A 69 -0.85 11.12 -10.07
CA ILE A 69 -1.06 11.25 -8.62
C ILE A 69 0.14 12.00 -8.02
N ARG A 70 -0.10 13.19 -7.44
CA ARG A 70 0.99 14.02 -6.93
C ARG A 70 0.57 15.07 -5.87
N ILE A 71 1.58 15.89 -5.47
CA ILE A 71 1.37 16.99 -4.53
C ILE A 71 1.90 18.27 -5.18
N LYS A 72 1.16 19.37 -5.05
CA LYS A 72 1.56 20.64 -5.65
C LYS A 72 2.58 21.40 -4.79
N GLY A 73 3.48 22.11 -5.47
CA GLY A 73 4.46 22.93 -4.78
C GLY A 73 5.73 22.22 -4.30
N LEU A 74 6.13 21.11 -4.93
CA LEU A 74 7.34 20.41 -4.47
C LEU A 74 8.20 19.87 -5.63
N SER A 75 9.24 19.11 -5.27
CA SER A 75 10.06 18.48 -6.29
C SER A 75 9.65 17.02 -6.33
N PHE A 76 8.99 16.58 -7.38
CA PHE A 76 8.57 15.18 -7.41
C PHE A 76 8.68 14.53 -8.76
N SER A 77 9.16 13.30 -8.75
CA SER A 77 9.22 12.52 -9.96
C SER A 77 8.45 11.24 -9.72
N VAL A 78 7.36 11.05 -10.47
CA VAL A 78 6.49 9.89 -10.34
C VAL A 78 6.57 8.98 -11.56
N LYS A 79 7.00 7.73 -11.37
CA LYS A 79 7.06 6.76 -12.46
C LYS A 79 6.35 5.47 -12.01
N VAL A 80 5.96 4.64 -12.95
CA VAL A 80 5.29 3.38 -12.62
C VAL A 80 6.32 2.23 -12.55
N CYS A 81 6.36 1.57 -11.40
CA CYS A 81 7.28 0.47 -11.18
C CYS A 81 6.58 -0.89 -11.31
N GLY A 82 7.32 -1.83 -11.88
CA GLY A 82 6.84 -3.18 -12.06
C GLY A 82 5.58 -3.24 -12.86
N GLU A 83 4.56 -3.81 -12.25
CA GLU A 83 3.27 -3.97 -12.88
C GLU A 83 2.32 -2.85 -12.47
N ARG A 84 2.32 -2.52 -11.19
CA ARG A 84 1.46 -1.47 -10.69
C ARG A 84 2.07 -0.75 -9.49
N LYS A 85 3.39 -0.66 -9.44
CA LYS A 85 4.03 0.05 -8.34
C LYS A 85 4.21 1.52 -8.71
N CYS A 86 4.18 2.38 -7.71
CA CYS A 86 4.32 3.80 -7.97
C CYS A 86 5.66 4.25 -7.44
N VAL A 87 6.54 4.65 -8.35
CA VAL A 87 7.85 5.07 -7.91
C VAL A 87 7.94 6.58 -7.99
N LEU A 88 8.15 7.17 -6.83
CA LEU A 88 8.23 8.60 -6.71
C LEU A 88 9.57 9.01 -6.14
N PHE A 89 10.09 10.06 -6.69
CA PHE A 89 11.34 10.62 -6.21
C PHE A 89 10.98 12.03 -5.84
N ILE A 90 10.96 12.35 -4.55
CA ILE A 90 10.53 13.67 -4.14
C ILE A 90 11.60 14.47 -3.45
N GLU A 91 11.69 15.72 -3.86
CA GLU A 91 12.61 16.68 -3.29
C GLU A 91 11.84 17.88 -2.71
N TRP A 92 12.33 18.24 -1.52
CA TRP A 92 11.82 19.35 -0.73
C TRP A 92 12.90 19.80 0.24
N GLU A 93 12.93 21.09 0.57
CA GLU A 93 13.95 21.64 1.47
C GLU A 93 15.33 21.29 0.95
N LYS A 94 15.44 21.23 -0.38
CA LYS A 94 16.68 20.87 -1.06
C LYS A 94 17.05 19.41 -0.79
N LYS A 95 16.11 18.63 -0.22
CA LYS A 95 16.37 17.23 0.05
C LYS A 95 15.46 16.34 -0.81
N THR A 96 16.06 15.26 -1.31
CA THR A 96 15.39 14.28 -2.16
C THR A 96 15.06 13.01 -1.39
N TYR A 97 13.97 12.34 -1.77
CA TYR A 97 13.54 11.11 -1.12
C TYR A 97 12.85 10.18 -2.14
N GLN A 98 13.17 8.90 -2.04
CA GLN A 98 12.63 7.87 -2.94
C GLN A 98 11.40 7.19 -2.33
N LEU A 99 10.23 7.42 -2.92
CA LEU A 99 8.99 6.82 -2.43
C LEU A 99 8.42 5.80 -3.41
N ASP A 100 8.23 4.57 -2.97
CA ASP A 100 7.66 3.53 -3.82
C ASP A 100 6.25 3.21 -3.31
N LEU A 101 5.28 3.88 -3.86
CA LEU A 101 3.89 3.72 -3.44
C LEU A 101 3.18 2.69 -4.29
N PHE A 102 1.95 2.40 -3.90
CA PHE A 102 1.15 1.43 -4.60
C PHE A 102 -0.33 1.74 -4.45
N THR A 103 -1.01 1.79 -5.57
CA THR A 103 -2.44 2.00 -5.59
C THR A 103 -3.12 0.73 -6.07
N ALA A 104 -4.03 0.16 -5.28
CA ALA A 104 -4.66 -1.09 -5.67
C ALA A 104 -6.13 -1.08 -5.27
N LEU A 105 -6.84 -2.19 -5.47
CA LEU A 105 -8.27 -2.25 -5.17
C LEU A 105 -8.55 -2.24 -3.67
N ALA A 106 -9.48 -1.35 -3.27
CA ALA A 106 -9.83 -1.19 -1.87
C ALA A 106 -10.30 -2.52 -1.27
N GLU A 107 -10.82 -3.38 -2.13
CA GLU A 107 -11.30 -4.68 -1.71
C GLU A 107 -10.14 -5.58 -1.33
N GLU A 108 -8.91 -5.24 -1.76
CA GLU A 108 -7.77 -6.09 -1.43
C GLU A 108 -7.08 -5.61 -0.16
N LYS A 109 -7.62 -4.54 0.45
CA LYS A 109 -7.09 -3.96 1.70
C LYS A 109 -6.39 -4.98 2.61
N PRO A 110 -7.06 -6.05 3.08
CA PRO A 110 -6.42 -7.04 3.95
C PRO A 110 -5.17 -7.66 3.30
N TYR A 111 -5.37 -8.22 2.10
CA TYR A 111 -4.30 -8.85 1.35
C TYR A 111 -3.20 -7.82 1.09
N ALA A 112 -3.62 -6.66 0.61
CA ALA A 112 -2.69 -5.56 0.34
C ALA A 112 -1.90 -5.23 1.60
N ILE A 113 -2.63 -5.03 2.69
CA ILE A 113 -2.00 -4.73 3.96
C ILE A 113 -1.03 -5.85 4.31
N PHE A 114 -1.55 -7.09 4.36
CA PHE A 114 -0.69 -8.24 4.66
C PHE A 114 0.50 -8.26 3.70
N HIS A 115 0.22 -8.24 2.41
CA HIS A 115 1.28 -8.23 1.40
C HIS A 115 2.28 -7.10 1.64
N PHE A 116 1.78 -5.88 1.60
CA PHE A 116 2.62 -4.70 1.74
C PHE A 116 3.30 -4.54 3.10
N THR A 117 2.75 -5.07 4.19
CA THR A 117 3.40 -4.84 5.48
C THR A 117 4.51 -5.84 5.93
N GLY A 118 4.38 -7.17 5.72
CA GLY A 118 5.45 -8.05 6.22
C GLY A 118 6.55 -8.46 5.22
N PRO A 119 6.70 -9.77 4.81
CA PRO A 119 7.79 -10.18 3.91
C PRO A 119 7.50 -11.24 2.80
N VAL A 120 7.96 -10.93 1.56
CA VAL A 120 7.83 -11.82 0.36
C VAL A 120 7.79 -13.33 0.69
N SER A 121 8.86 -13.88 1.30
CA SER A 121 8.89 -15.30 1.68
C SER A 121 7.63 -15.73 2.44
N TYR A 122 7.16 -14.87 3.35
CA TYR A 122 6.00 -15.20 4.13
C TYR A 122 4.82 -15.12 3.19
N LEU A 123 4.85 -14.07 2.39
CA LEU A 123 3.84 -13.87 1.38
C LEU A 123 3.76 -15.13 0.53
N ILE A 124 4.88 -15.59 -0.04
CA ILE A 124 4.88 -16.83 -0.82
C ILE A 124 4.43 -18.01 0.03
N ARG A 125 5.10 -18.19 1.18
CA ARG A 125 4.71 -19.29 2.09
C ARG A 125 3.20 -19.25 2.33
N ILE A 126 2.71 -18.06 2.64
CA ILE A 126 1.29 -17.86 2.87
C ILE A 126 0.53 -18.14 1.56
N ARG A 127 1.05 -17.60 0.46
CA ARG A 127 0.45 -17.80 -0.86
C ARG A 127 0.33 -19.31 -1.13
N ALA A 128 1.45 -20.04 -1.05
CA ALA A 128 1.41 -21.49 -1.25
C ALA A 128 0.56 -22.16 -0.18
N ALA A 129 0.85 -21.83 1.10
CA ALA A 129 0.07 -22.37 2.20
C ALA A 129 -1.40 -22.23 1.89
N LEU A 130 -1.83 -21.02 1.56
CA LEU A 130 -3.20 -20.79 1.18
C LEU A 130 -3.55 -21.57 -0.09
N LYS A 131 -2.75 -21.45 -1.15
CA LYS A 131 -3.08 -22.14 -2.41
C LYS A 131 -3.29 -23.62 -2.13
N LYS A 132 -2.38 -24.19 -1.35
CA LYS A 132 -2.53 -25.59 -0.94
C LYS A 132 -3.94 -25.93 -0.42
N LYS A 133 -4.74 -24.92 -0.07
CA LYS A 133 -6.11 -25.21 0.37
C LYS A 133 -7.06 -25.18 -0.82
N ASN A 134 -6.47 -25.16 -2.03
CA ASN A 134 -7.20 -25.16 -3.29
C ASN A 134 -7.90 -23.83 -3.49
N TYR A 135 -7.15 -22.76 -3.26
CA TYR A 135 -7.65 -21.42 -3.41
C TYR A 135 -6.49 -20.52 -3.76
N LYS A 136 -6.66 -19.69 -4.75
CA LYS A 136 -5.59 -18.77 -5.14
C LYS A 136 -5.96 -17.38 -4.66
N LEU A 137 -5.16 -16.85 -3.77
CA LEU A 137 -5.47 -15.55 -3.17
C LEU A 137 -4.74 -14.45 -3.93
N ASN A 138 -5.47 -13.61 -4.64
CA ASN A 138 -4.84 -12.54 -5.37
C ASN A 138 -5.53 -11.21 -5.10
N GLN A 139 -4.83 -10.11 -5.41
CA GLN A 139 -5.36 -8.75 -5.23
C GLN A 139 -6.81 -8.64 -5.70
N TYR A 140 -7.12 -9.39 -6.75
CA TYR A 140 -8.46 -9.41 -7.33
C TYR A 140 -9.45 -10.15 -6.44
N GLY A 141 -8.96 -11.10 -5.67
CA GLY A 141 -9.82 -11.89 -4.83
C GLY A 141 -9.27 -13.27 -4.60
N LEU A 142 -10.18 -14.23 -4.52
CA LEU A 142 -9.80 -15.60 -4.35
C LEU A 142 -10.14 -16.34 -5.62
N PHE A 143 -9.13 -16.91 -6.24
CA PHE A 143 -9.33 -17.68 -7.45
C PHE A 143 -9.39 -19.16 -7.12
N LYS A 144 -10.53 -19.75 -7.40
CA LYS A 144 -10.73 -21.15 -7.15
C LYS A 144 -10.88 -21.86 -8.47
N ASN A 145 -9.87 -22.64 -8.81
CA ASN A 145 -9.87 -23.39 -10.07
C ASN A 145 -10.27 -22.48 -11.23
N GLN A 146 -9.61 -21.32 -11.28
CA GLN A 146 -9.86 -20.29 -12.30
C GLN A 146 -11.13 -19.49 -12.01
N THR A 147 -11.91 -19.89 -11.01
CA THR A 147 -13.13 -19.18 -10.68
C THR A 147 -12.83 -18.07 -9.68
N LEU A 148 -13.27 -16.86 -9.99
CA LEU A 148 -13.06 -15.71 -9.14
C LEU A 148 -14.03 -15.70 -7.95
N VAL A 149 -13.48 -15.60 -6.74
CA VAL A 149 -14.28 -15.57 -5.52
C VAL A 149 -13.86 -14.38 -4.66
N PRO A 150 -14.82 -13.58 -4.18
CA PRO A 150 -14.54 -12.42 -3.35
C PRO A 150 -14.51 -12.74 -1.85
N LEU A 151 -13.88 -11.84 -1.09
CA LEU A 151 -13.76 -11.98 0.36
C LEU A 151 -15.05 -11.53 1.04
N LYS A 152 -15.37 -12.13 2.19
CA LYS A 152 -16.60 -11.80 2.91
C LYS A 152 -16.29 -11.09 4.22
N ILE A 153 -15.08 -10.55 4.37
CA ILE A 153 -14.71 -9.86 5.60
C ILE A 153 -13.96 -8.55 5.32
N THR A 154 -13.65 -7.83 6.40
CA THR A 154 -12.91 -6.58 6.29
C THR A 154 -11.95 -6.42 7.48
N THR A 155 -12.07 -7.30 8.47
CA THR A 155 -11.21 -7.24 9.65
C THR A 155 -9.99 -8.16 9.51
N GLU A 156 -8.94 -7.84 10.26
CA GLU A 156 -7.69 -8.61 10.18
C GLU A 156 -7.87 -9.97 10.84
N LYS A 157 -8.58 -10.02 11.96
CA LYS A 157 -8.80 -11.28 12.64
C LYS A 157 -9.74 -12.08 11.76
N GLU A 158 -10.71 -11.37 11.21
CA GLU A 158 -11.62 -11.97 10.25
C GLU A 158 -10.79 -12.45 9.07
N LEU A 159 -9.83 -11.63 8.67
CA LEU A 159 -8.95 -11.99 7.56
C LEU A 159 -8.22 -13.28 7.95
N ILE A 160 -7.61 -13.27 9.13
CA ILE A 160 -6.89 -14.46 9.55
C ILE A 160 -7.86 -15.64 9.70
N LYS A 161 -8.99 -15.45 10.40
CA LYS A 161 -9.99 -16.51 10.54
C LYS A 161 -10.66 -16.86 9.19
N GLU A 162 -10.61 -15.93 8.23
CA GLU A 162 -11.18 -16.19 6.90
C GLU A 162 -10.12 -16.93 6.08
N LEU A 163 -8.85 -16.61 6.40
CA LEU A 163 -7.72 -17.22 5.70
C LEU A 163 -7.35 -18.56 6.33
N GLY A 164 -7.61 -18.69 7.64
CA GLY A 164 -7.33 -19.92 8.34
C GLY A 164 -5.97 -19.91 9.01
N PHE A 165 -5.41 -18.72 9.25
CA PHE A 165 -4.11 -18.61 9.87
C PHE A 165 -4.10 -17.56 10.99
N THR A 166 -2.94 -17.38 11.62
CA THR A 166 -2.79 -16.41 12.69
C THR A 166 -2.01 -15.17 12.20
N TYR A 167 -2.28 -14.02 12.82
CA TYR A 167 -1.63 -12.78 12.44
C TYR A 167 -0.18 -12.74 12.95
N ARG A 168 0.72 -12.26 12.09
CA ARG A 168 2.13 -12.17 12.45
C ARG A 168 2.59 -10.71 12.44
N ILE A 169 3.52 -10.40 13.33
CA ILE A 169 4.05 -9.05 13.43
C ILE A 169 5.45 -8.98 12.84
N PRO A 170 5.68 -8.04 11.88
CA PRO A 170 6.96 -7.86 11.21
C PRO A 170 8.17 -8.11 12.12
N LYS A 171 8.13 -7.51 13.31
CA LYS A 171 9.19 -7.65 14.29
C LYS A 171 9.58 -9.11 14.52
N LYS A 172 8.64 -10.03 14.34
CA LYS A 172 8.93 -11.44 14.51
C LYS A 172 8.84 -12.17 13.17
N ARG A 173 8.89 -11.40 12.06
CA ARG A 173 8.77 -11.98 10.71
C ARG A 173 9.62 -13.25 10.53
N LEU A 174 9.09 -14.20 9.77
CA LEU A 174 9.77 -15.46 9.51
C LEU A 174 10.05 -16.20 10.81
N1 DOC B 23 8.97 -5.22 -6.19
C2 DOC B 23 8.04 -6.15 -6.66
N3 DOC B 23 8.44 -7.43 -6.88
C4 DOC B 23 9.70 -7.79 -6.65
C5 DOC B 23 10.67 -6.86 -6.17
C6 DOC B 23 10.26 -5.60 -5.95
O2 DOC B 23 6.87 -5.79 -6.85
N4 DOC B 23 10.05 -9.06 -6.87
C1' DOC B 23 8.52 -3.84 -5.95
C2' DOC B 23 9.33 -3.12 -4.86
C3' DOC B 23 9.73 -1.81 -5.50
C4' DOC B 23 9.75 -2.11 -6.98
O4' DOC B 23 8.71 -3.10 -7.15
C5' DOC B 23 11.04 -2.68 -7.52
O5' DOC B 23 12.15 -2.13 -6.82
P DOC B 23 13.32 -1.41 -7.62
OP1 DOC B 23 12.74 -0.28 -8.39
OP2 DOC B 23 14.44 -1.15 -6.69
H5 DOC B 23 11.69 -7.16 -5.97
H6 DOC B 23 10.97 -4.86 -5.59
HN41 DOC B 23 10.99 -9.36 -6.70
HN42 DOC B 23 9.36 -9.73 -7.19
H1' DOC B 23 7.46 -3.85 -5.71
H2' DOC B 23 10.19 -3.69 -4.54
H2'' DOC B 23 8.70 -2.96 -3.98
H3'1 DOC B 23 10.73 -1.49 -5.16
H3'2 DOC B 23 8.99 -1.02 -5.27
H4' DOC B 23 9.55 -1.19 -7.51
H5' DOC B 23 11.04 -3.77 -7.39
H5'' DOC B 23 11.11 -2.45 -8.58
PG DGT C . 11.50 -0.60 4.33
O1G DGT C . 12.71 -0.15 3.38
O2G DGT C . 11.81 -0.43 5.77
O3G DGT C . 10.25 0.31 3.87
O3B DGT C . 11.13 -2.11 3.92
PB DGT C . 9.98 -2.45 2.83
O1B DGT C . 9.70 -3.90 2.94
O2B DGT C . 8.87 -1.49 2.98
O3A DGT C . 10.71 -2.18 1.42
PA DGT C . 10.10 -1.21 0.30
O1A DGT C . 10.09 0.18 0.82
O2A DGT C . 10.79 -1.47 -0.99
O5' DGT C . 8.57 -1.72 0.16
C5' DGT C . 8.21 -2.68 -0.84
C4' DGT C . 6.69 -2.85 -0.89
O4' DGT C . 6.37 -3.94 -1.77
C3' DGT C . 6.25 -3.32 0.49
O3' DGT C . 4.81 -3.33 0.55
C2' DGT C . 6.76 -4.76 0.41
C1' DGT C . 6.15 -5.11 -0.95
N9 DGT C . 6.78 -6.30 -1.55
C8 DGT C . 6.18 -7.46 -1.80
N7 DGT C . 7.04 -8.30 -2.35
C5 DGT C . 8.21 -7.67 -2.47
C6 DGT C . 9.45 -8.05 -2.98
O6 DGT C . 9.62 -9.18 -3.44
N1 DGT C . 10.49 -7.12 -2.96
C2 DGT C . 10.26 -5.85 -2.42
N2 DGT C . 11.25 -4.95 -2.39
N3 DGT C . 9.06 -5.51 -1.94
C4 DGT C . 8.05 -6.39 -1.96
HO3' DGT C . 4.47 -2.40 0.40
HN2 DGT C . 11.09 -4.04 -2.02
HN2A DGT C . 12.15 -5.20 -2.75
H16 DGT C . 11.40 -7.36 -3.31
MG MG D . 9.51 2.00 -0.39
MG MG E . 9.41 0.75 2.91
N MET A 1 18.18 6.56 6.67
CA MET A 1 17.95 7.76 5.84
C MET A 1 16.89 8.67 6.47
N LEU A 2 15.62 8.34 6.27
CA LEU A 2 14.52 9.14 6.81
C LEU A 2 14.27 8.83 8.29
N THR A 3 13.74 9.83 9.00
CA THR A 3 13.46 9.67 10.42
C THR A 3 11.95 9.63 10.68
N LEU A 4 11.59 9.12 11.85
CA LEU A 4 10.19 8.99 12.24
C LEU A 4 9.43 10.31 12.12
N ILE A 5 9.94 11.38 12.74
CA ILE A 5 9.27 12.68 12.69
C ILE A 5 9.16 13.19 11.25
N GLN A 6 10.25 13.07 10.49
CA GLN A 6 10.26 13.49 9.10
C GLN A 6 9.24 12.64 8.35
N GLY A 7 9.35 11.32 8.58
CA GLY A 7 8.44 10.39 7.97
C GLY A 7 7.02 10.73 8.36
N LYS A 8 6.82 11.03 9.64
CA LYS A 8 5.51 11.38 10.13
C LYS A 8 5.07 12.68 9.48
N LYS A 9 5.95 13.68 9.49
CA LYS A 9 5.64 14.96 8.87
C LYS A 9 5.30 14.77 7.39
N ILE A 10 6.16 14.04 6.66
CA ILE A 10 5.88 13.84 5.24
C ILE A 10 4.65 12.97 5.07
N VAL A 11 4.48 11.97 5.96
CA VAL A 11 3.30 11.12 5.91
C VAL A 11 2.08 11.98 6.21
N ASN A 12 2.23 12.90 7.15
CA ASN A 12 1.14 13.80 7.52
C ASN A 12 0.86 14.72 6.33
N HIS A 13 1.95 15.27 5.80
CA HIS A 13 1.86 16.12 4.63
C HIS A 13 1.15 15.36 3.51
N LEU A 14 1.67 14.18 3.19
CA LEU A 14 1.07 13.35 2.15
C LEU A 14 -0.36 12.94 2.54
N ARG A 15 -0.55 12.71 3.83
CA ARG A 15 -1.85 12.31 4.36
C ARG A 15 -2.85 13.49 4.35
N SER A 16 -2.37 14.73 4.47
CA SER A 16 -3.28 15.88 4.48
C SER A 16 -3.16 16.75 3.22
N ARG A 17 -2.14 16.53 2.40
CA ARG A 17 -1.92 17.38 1.22
C ARG A 17 -1.86 16.65 -0.14
N LEU A 18 -2.09 15.34 -0.21
CA LEU A 18 -1.98 14.65 -1.51
C LEU A 18 -3.03 15.10 -2.52
N ALA A 19 -2.71 14.96 -3.82
CA ALA A 19 -3.64 15.36 -4.87
C ALA A 19 -3.48 14.53 -6.13
N PHE A 20 -4.51 14.53 -6.96
CA PHE A 20 -4.50 13.78 -8.20
C PHE A 20 -5.22 14.56 -9.28
N GLU A 21 -4.73 14.41 -10.49
CA GLU A 21 -5.30 15.08 -11.64
C GLU A 21 -5.80 14.03 -12.62
N TYR A 22 -7.11 14.15 -12.90
CA TYR A 22 -7.82 13.22 -13.78
C TYR A 22 -8.88 13.95 -14.61
N ASN A 23 -9.13 13.43 -15.81
CA ASN A 23 -10.11 14.01 -16.73
C ASN A 23 -9.86 15.50 -16.90
N GLY A 24 -8.58 15.85 -16.80
CA GLY A 24 -8.16 17.21 -16.91
C GLY A 24 -8.26 17.97 -15.60
N GLN A 25 -8.99 17.45 -14.60
CA GLN A 25 -9.15 18.16 -13.33
C GLN A 25 -8.20 17.65 -12.27
N LEU A 26 -8.08 18.46 -11.20
CA LEU A 26 -7.20 18.17 -10.09
C LEU A 26 -8.01 18.06 -8.80
N ILE A 27 -7.85 16.94 -8.10
CA ILE A 27 -8.56 16.71 -6.84
C ILE A 27 -7.57 16.26 -5.77
N LYS A 28 -7.74 16.76 -4.55
CA LYS A 28 -6.87 16.40 -3.44
C LYS A 28 -7.30 15.08 -2.82
N ILE A 29 -6.36 14.38 -2.16
CA ILE A 29 -6.67 13.12 -1.51
C ILE A 29 -6.58 13.29 0.00
N LEU A 30 -7.57 12.72 0.69
CA LEU A 30 -7.67 12.84 2.14
C LEU A 30 -7.05 11.65 2.88
N SER A 31 -6.97 11.83 4.19
CA SER A 31 -6.37 10.87 5.11
C SER A 31 -6.94 9.43 5.04
N LYS A 32 -8.27 9.28 5.12
CA LYS A 32 -8.90 7.95 5.10
C LYS A 32 -8.66 7.13 3.82
N ASN A 33 -8.02 7.72 2.84
CA ASN A 33 -7.74 7.04 1.57
C ASN A 33 -6.25 6.81 1.43
N ILE A 34 -5.53 7.13 2.50
CA ILE A 34 -4.08 7.05 2.52
C ILE A 34 -3.54 6.41 3.81
N VAL A 35 -2.63 5.45 3.65
CA VAL A 35 -2.00 4.75 4.77
C VAL A 35 -0.49 4.76 4.57
N ALA A 36 0.26 4.64 5.64
CA ALA A 36 1.71 4.65 5.53
C ALA A 36 2.29 3.23 5.49
N VAL A 37 3.46 3.12 4.90
CA VAL A 37 4.18 1.85 4.87
C VAL A 37 5.62 2.13 5.26
N GLY A 38 6.11 1.45 6.26
CA GLY A 38 7.47 1.69 6.68
C GLY A 38 7.60 1.60 8.18
N SER A 39 8.40 2.52 8.71
CA SER A 39 8.63 2.63 10.13
C SER A 39 7.31 2.71 10.91
N LEU A 40 6.32 3.42 10.38
CA LEU A 40 5.02 3.54 11.05
C LEU A 40 4.45 2.19 11.51
N ARG A 41 4.31 1.25 10.58
CA ARG A 41 3.76 -0.06 10.92
C ARG A 41 4.78 -0.96 11.61
N ARG A 42 6.05 -0.88 11.20
CA ARG A 42 7.09 -1.72 11.79
C ARG A 42 7.60 -1.17 13.13
N GLU A 43 7.38 0.13 13.34
CA GLU A 43 7.78 0.82 14.56
C GLU A 43 9.31 0.91 14.62
N GLU A 44 9.91 1.34 13.51
CA GLU A 44 11.35 1.48 13.42
C GLU A 44 11.79 2.88 13.83
N LYS A 45 13.00 2.97 14.39
CA LYS A 45 13.54 4.24 14.82
C LYS A 45 14.39 4.84 13.68
N MET A 46 14.67 4.03 12.64
CA MET A 46 15.42 4.53 11.48
C MET A 46 15.33 3.60 10.28
N LEU A 47 14.85 4.14 9.18
CA LEU A 47 14.75 3.36 7.97
C LEU A 47 15.48 3.92 6.75
N ASN A 48 15.35 3.15 5.67
CA ASN A 48 15.99 3.50 4.40
C ASN A 48 14.98 4.22 3.52
N ASP A 49 13.82 3.61 3.33
CA ASP A 49 12.78 4.22 2.50
C ASP A 49 11.43 4.15 3.22
N VAL A 50 10.69 5.26 3.17
CA VAL A 50 9.36 5.32 3.77
C VAL A 50 8.32 5.11 2.67
N ASP A 51 7.40 4.20 2.86
CA ASP A 51 6.39 3.91 1.85
C ASP A 51 4.99 4.33 2.32
N LEU A 52 4.02 4.17 1.43
CA LEU A 52 2.65 4.59 1.69
C LEU A 52 1.69 3.65 0.99
N LEU A 53 0.44 3.64 1.42
CA LEU A 53 -0.59 2.81 0.83
C LEU A 53 -1.79 3.70 0.51
N ILE A 54 -2.25 3.64 -0.72
CA ILE A 54 -3.37 4.45 -1.17
C ILE A 54 -4.34 3.60 -1.96
N ILE A 55 -5.50 3.31 -1.39
CA ILE A 55 -6.51 2.49 -2.05
C ILE A 55 -7.71 3.35 -2.48
N VAL A 56 -8.31 2.99 -3.60
CA VAL A 56 -9.47 3.75 -4.10
C VAL A 56 -10.76 2.94 -3.94
N PRO A 57 -11.74 3.52 -3.21
CA PRO A 57 -13.03 2.87 -2.99
C PRO A 57 -14.02 3.19 -4.10
N GLU A 58 -13.54 3.16 -5.33
CA GLU A 58 -14.37 3.44 -6.50
C GLU A 58 -14.01 2.47 -7.62
N LYS A 59 -15.00 2.06 -8.40
CA LYS A 59 -14.78 1.13 -9.48
C LYS A 59 -14.02 1.76 -10.63
N LYS A 60 -14.20 3.06 -10.87
CA LYS A 60 -13.49 3.72 -11.97
C LYS A 60 -12.21 4.33 -11.44
N LEU A 61 -12.35 5.33 -10.54
CA LEU A 61 -11.20 5.99 -9.91
C LEU A 61 -10.10 5.06 -9.42
N LEU A 62 -10.36 3.76 -9.27
CA LEU A 62 -9.29 2.87 -8.85
C LEU A 62 -8.11 3.05 -9.81
N LYS A 63 -8.36 2.95 -11.11
CA LYS A 63 -7.32 3.16 -12.09
C LYS A 63 -7.35 4.59 -12.62
N HIS A 64 -8.49 5.27 -12.48
CA HIS A 64 -8.65 6.63 -13.03
C HIS A 64 -7.82 7.69 -12.29
N VAL A 65 -7.26 7.32 -11.16
CA VAL A 65 -6.41 8.26 -10.41
C VAL A 65 -5.03 8.30 -11.03
N LEU A 66 -4.71 7.24 -11.76
CA LEU A 66 -3.42 7.04 -12.42
C LEU A 66 -2.92 8.25 -13.22
N PRO A 67 -3.76 8.94 -14.04
CA PRO A 67 -3.35 10.12 -14.82
C PRO A 67 -2.31 10.95 -14.07
N ASN A 68 -2.72 11.87 -13.20
CA ASN A 68 -1.69 12.57 -12.41
C ASN A 68 -1.97 12.39 -10.92
N ILE A 69 -0.96 12.03 -10.14
CA ILE A 69 -1.12 11.83 -8.68
C ILE A 69 0.08 12.42 -7.93
N ARG A 70 -0.11 13.53 -7.22
CA ARG A 70 1.02 14.18 -6.54
C ARG A 70 0.62 15.19 -5.43
N ILE A 71 1.65 15.88 -4.89
CA ILE A 71 1.46 16.94 -3.92
C ILE A 71 1.42 18.28 -4.68
N LYS A 72 0.94 19.35 -4.07
CA LYS A 72 0.81 20.65 -4.76
C LYS A 72 2.10 21.51 -4.80
N GLY A 73 2.66 21.70 -6.01
CA GLY A 73 3.80 22.60 -6.19
C GLY A 73 5.16 22.23 -5.58
N LEU A 74 5.55 20.97 -5.50
CA LEU A 74 6.86 20.65 -4.93
C LEU A 74 7.79 19.95 -5.92
N SER A 75 8.88 19.40 -5.39
CA SER A 75 9.85 18.71 -6.21
C SER A 75 9.62 17.22 -6.12
N PHE A 76 9.05 16.64 -7.15
CA PHE A 76 8.79 15.22 -7.12
C PHE A 76 8.75 14.59 -8.49
N SER A 77 9.28 13.40 -8.54
CA SER A 77 9.28 12.62 -9.75
C SER A 77 8.42 11.38 -9.50
N VAL A 78 7.34 11.28 -10.26
CA VAL A 78 6.40 10.16 -10.16
C VAL A 78 6.55 9.25 -11.37
N LYS A 79 7.05 8.04 -11.18
CA LYS A 79 7.21 7.12 -12.29
C LYS A 79 6.55 5.78 -11.97
N VAL A 80 6.27 4.99 -12.99
CA VAL A 80 5.68 3.68 -12.76
C VAL A 80 6.80 2.66 -12.56
N CYS A 81 6.49 1.50 -11.98
CA CYS A 81 7.51 0.49 -11.74
C CYS A 81 6.92 -0.91 -11.60
N GLY A 82 7.74 -1.90 -11.96
CA GLY A 82 7.34 -3.29 -11.87
C GLY A 82 6.14 -3.59 -12.73
N GLU A 83 5.07 -4.04 -12.11
CA GLU A 83 3.86 -4.35 -12.82
C GLU A 83 2.92 -3.16 -12.76
N ARG A 84 2.66 -2.70 -11.55
CA ARG A 84 1.79 -1.56 -11.32
C ARG A 84 2.29 -0.76 -10.12
N LYS A 85 3.61 -0.71 -9.93
CA LYS A 85 4.16 0.02 -8.81
C LYS A 85 4.38 1.47 -9.16
N CYS A 86 4.24 2.31 -8.16
CA CYS A 86 4.41 3.73 -8.35
C CYS A 86 5.70 4.16 -7.69
N VAL A 87 6.66 4.60 -8.48
CA VAL A 87 7.94 4.99 -7.93
C VAL A 87 8.04 6.50 -7.95
N LEU A 88 8.15 7.05 -6.78
CA LEU A 88 8.24 8.47 -6.60
C LEU A 88 9.58 8.87 -6.05
N PHE A 89 10.07 9.97 -6.54
CA PHE A 89 11.30 10.54 -6.07
C PHE A 89 10.95 11.94 -5.66
N ILE A 90 10.93 12.25 -4.38
CA ILE A 90 10.50 13.57 -3.98
C ILE A 90 11.61 14.35 -3.33
N GLU A 91 11.80 15.57 -3.81
CA GLU A 91 12.81 16.45 -3.27
C GLU A 91 12.20 17.47 -2.34
N TRP A 92 12.62 17.35 -1.09
CA TRP A 92 12.20 18.22 -0.02
C TRP A 92 13.44 18.68 0.72
N GLU A 93 13.48 19.95 1.12
CA GLU A 93 14.63 20.51 1.84
C GLU A 93 15.92 20.18 1.09
N LYS A 94 15.80 20.17 -0.24
CA LYS A 94 16.90 19.85 -1.14
C LYS A 94 17.31 18.38 -1.06
N LYS A 95 16.44 17.56 -0.47
CA LYS A 95 16.71 16.14 -0.36
C LYS A 95 15.64 15.37 -1.13
N THR A 96 16.10 14.51 -2.04
CA THR A 96 15.21 13.71 -2.87
C THR A 96 15.04 12.31 -2.29
N TYR A 97 13.81 11.98 -1.89
CA TYR A 97 13.52 10.67 -1.32
C TYR A 97 12.75 9.79 -2.30
N GLN A 98 12.94 8.49 -2.15
CA GLN A 98 12.32 7.47 -3.00
C GLN A 98 11.07 6.86 -2.35
N LEU A 99 9.91 7.14 -2.95
CA LEU A 99 8.64 6.62 -2.46
C LEU A 99 8.07 5.58 -3.43
N ASP A 100 7.83 4.36 -2.96
CA ASP A 100 7.25 3.31 -3.81
C ASP A 100 5.79 3.13 -3.45
N LEU A 101 4.90 3.73 -4.20
CA LEU A 101 3.49 3.58 -3.91
C LEU A 101 2.86 2.48 -4.74
N PHE A 102 1.65 2.15 -4.32
CA PHE A 102 0.83 1.14 -4.95
C PHE A 102 -0.61 1.57 -4.77
N THR A 103 -1.32 1.64 -5.85
CA THR A 103 -2.72 1.99 -5.81
C THR A 103 -3.55 0.80 -6.28
N ALA A 104 -4.48 0.32 -5.45
CA ALA A 104 -5.29 -0.84 -5.80
C ALA A 104 -6.72 -0.64 -5.30
N LEU A 105 -7.57 -1.64 -5.50
CA LEU A 105 -8.97 -1.56 -5.09
C LEU A 105 -9.15 -1.65 -3.57
N ALA A 106 -10.11 -0.90 -3.04
CA ALA A 106 -10.39 -0.87 -1.61
C ALA A 106 -10.63 -2.27 -1.06
N GLU A 107 -11.09 -3.19 -1.91
CA GLU A 107 -11.31 -4.56 -1.51
C GLU A 107 -9.98 -5.30 -1.40
N GLU A 108 -8.92 -4.76 -2.01
CA GLU A 108 -7.62 -5.39 -1.96
C GLU A 108 -6.91 -4.99 -0.66
N LYS A 109 -7.38 -3.87 -0.11
CA LYS A 109 -6.88 -3.29 1.15
C LYS A 109 -6.30 -4.32 2.13
N PRO A 110 -7.08 -5.31 2.63
CA PRO A 110 -6.55 -6.31 3.58
C PRO A 110 -5.32 -7.05 3.04
N TYR A 111 -5.49 -7.66 1.87
CA TYR A 111 -4.43 -8.41 1.22
C TYR A 111 -3.27 -7.49 0.90
N ALA A 112 -3.60 -6.33 0.33
CA ALA A 112 -2.59 -5.34 0.00
C ALA A 112 -1.79 -5.02 1.26
N ILE A 113 -2.52 -4.68 2.32
CA ILE A 113 -1.91 -4.37 3.60
C ILE A 113 -1.06 -5.56 4.04
N PHE A 114 -1.70 -6.75 4.10
CA PHE A 114 -0.97 -7.96 4.50
C PHE A 114 0.27 -8.15 3.63
N HIS A 115 0.08 -8.17 2.32
CA HIS A 115 1.20 -8.29 1.36
C HIS A 115 2.25 -7.22 1.62
N PHE A 116 1.83 -5.96 1.57
CA PHE A 116 2.75 -4.83 1.72
C PHE A 116 3.40 -4.69 3.10
N THR A 117 2.73 -5.09 4.17
CA THR A 117 3.31 -4.87 5.49
C THR A 117 4.50 -5.78 5.94
N GLY A 118 4.57 -7.10 5.65
CA GLY A 118 5.75 -7.82 6.18
C GLY A 118 6.83 -8.24 5.17
N PRO A 119 7.09 -9.56 4.94
CA PRO A 119 8.13 -10.02 4.01
C PRO A 119 7.76 -11.16 2.98
N VAL A 120 8.21 -10.98 1.73
CA VAL A 120 8.02 -11.92 0.61
C VAL A 120 7.96 -13.41 1.04
N SER A 121 9.02 -13.92 1.71
CA SER A 121 9.03 -15.30 2.20
C SER A 121 7.75 -15.65 2.96
N TYR A 122 7.29 -14.73 3.81
CA TYR A 122 6.09 -14.97 4.60
C TYR A 122 4.94 -14.94 3.65
N LEU A 123 5.01 -13.95 2.77
CA LEU A 123 4.01 -13.80 1.73
C LEU A 123 3.90 -15.10 0.97
N ILE A 124 4.99 -15.62 0.38
CA ILE A 124 4.93 -16.88 -0.33
C ILE A 124 4.53 -18.00 0.62
N ARG A 125 5.20 -18.07 1.78
CA ARG A 125 4.83 -19.06 2.79
C ARG A 125 3.33 -19.02 3.03
N ILE A 126 2.82 -17.80 3.17
CA ILE A 126 1.40 -17.57 3.37
C ILE A 126 0.65 -18.01 2.11
N ARG A 127 1.16 -17.59 0.95
CA ARG A 127 0.55 -17.97 -0.32
C ARG A 127 0.48 -19.51 -0.43
N ALA A 128 1.63 -20.18 -0.26
CA ALA A 128 1.64 -21.65 -0.29
C ALA A 128 0.80 -22.23 0.84
N ALA A 129 1.07 -21.75 2.06
CA ALA A 129 0.29 -22.17 3.22
C ALA A 129 -1.18 -22.09 2.86
N LEU A 130 -1.59 -20.92 2.35
CA LEU A 130 -2.95 -20.75 1.91
C LEU A 130 -3.28 -21.70 0.76
N LYS A 131 -2.42 -21.79 -0.28
CA LYS A 131 -2.72 -22.68 -1.40
C LYS A 131 -2.97 -24.07 -0.85
N LYS A 132 -2.04 -24.55 -0.03
CA LYS A 132 -2.22 -25.85 0.61
C LYS A 132 -3.57 -25.97 1.32
N LYS A 133 -4.28 -24.85 1.50
CA LYS A 133 -5.60 -24.91 2.13
C LYS A 133 -6.66 -24.96 1.04
N ASN A 134 -6.21 -25.23 -0.19
CA ASN A 134 -7.06 -25.37 -1.38
C ASN A 134 -7.61 -24.02 -1.84
N TYR A 135 -6.79 -22.98 -1.75
CA TYR A 135 -7.18 -21.64 -2.17
C TYR A 135 -5.93 -20.86 -2.56
N LYS A 136 -6.00 -20.11 -3.63
CA LYS A 136 -4.87 -19.31 -4.05
C LYS A 136 -5.16 -17.85 -3.70
N LEU A 137 -4.30 -17.24 -2.89
CA LEU A 137 -4.54 -15.88 -2.43
C LEU A 137 -3.88 -14.85 -3.32
N ASN A 138 -4.69 -14.18 -4.13
CA ASN A 138 -4.16 -13.14 -4.98
C ASN A 138 -4.65 -11.80 -4.44
N GLN A 139 -3.89 -10.73 -4.69
CA GLN A 139 -4.25 -9.39 -4.21
C GLN A 139 -5.72 -9.08 -4.49
N TYR A 140 -6.19 -9.58 -5.62
CA TYR A 140 -7.56 -9.38 -6.05
C TYR A 140 -8.54 -10.38 -5.44
N GLY A 141 -8.04 -11.40 -4.76
CA GLY A 141 -8.97 -12.36 -4.20
C GLY A 141 -8.39 -13.75 -3.98
N LEU A 142 -9.30 -14.72 -3.99
CA LEU A 142 -8.93 -16.10 -3.80
C LEU A 142 -9.17 -16.86 -5.09
N PHE A 143 -8.13 -17.48 -5.61
CA PHE A 143 -8.28 -18.28 -6.81
C PHE A 143 -8.34 -19.75 -6.45
N LYS A 144 -9.23 -20.46 -7.12
CA LYS A 144 -9.40 -21.87 -6.88
C LYS A 144 -9.70 -22.58 -8.19
N ASN A 145 -8.83 -23.51 -8.56
CA ASN A 145 -8.99 -24.30 -9.80
C ASN A 145 -9.45 -23.42 -10.96
N GLN A 146 -8.67 -22.36 -11.22
CA GLN A 146 -8.97 -21.42 -12.29
C GLN A 146 -10.18 -20.53 -12.00
N THR A 147 -10.81 -20.72 -10.84
CA THR A 147 -11.96 -19.93 -10.46
C THR A 147 -11.54 -18.85 -9.47
N LEU A 148 -12.25 -17.72 -9.48
CA LEU A 148 -11.94 -16.60 -8.60
C LEU A 148 -12.99 -16.44 -7.49
N VAL A 149 -12.52 -16.12 -6.30
CA VAL A 149 -13.37 -15.91 -5.14
C VAL A 149 -12.95 -14.61 -4.44
N PRO A 150 -13.88 -13.65 -4.30
CA PRO A 150 -13.60 -12.37 -3.66
C PRO A 150 -13.69 -12.41 -2.13
N LEU A 151 -13.16 -11.38 -1.49
CA LEU A 151 -13.15 -11.25 -0.04
C LEU A 151 -14.37 -10.47 0.44
N LYS A 152 -14.84 -10.75 1.66
CA LYS A 152 -16.01 -10.08 2.19
C LYS A 152 -15.71 -9.41 3.54
N ILE A 153 -14.45 -9.05 3.78
CA ILE A 153 -14.07 -8.44 5.05
C ILE A 153 -13.26 -7.16 4.86
N THR A 154 -12.93 -6.52 5.97
CA THR A 154 -12.15 -5.30 5.97
C THR A 154 -11.52 -5.02 7.36
N THR A 155 -11.27 -6.09 8.12
CA THR A 155 -10.69 -5.96 9.45
C THR A 155 -9.61 -7.03 9.67
N GLU A 156 -8.77 -6.84 10.69
CA GLU A 156 -7.68 -7.76 10.98
C GLU A 156 -8.17 -9.14 11.41
N LYS A 157 -9.06 -9.16 12.42
CA LYS A 157 -9.60 -10.42 12.90
C LYS A 157 -10.35 -11.10 11.77
N GLU A 158 -11.13 -10.30 11.06
CA GLU A 158 -11.84 -10.79 9.92
C GLU A 158 -10.83 -11.25 8.88
N LEU A 159 -9.76 -10.48 8.70
CA LEU A 159 -8.71 -10.85 7.76
C LEU A 159 -8.18 -12.23 8.15
N ILE A 160 -7.78 -12.36 9.42
CA ILE A 160 -7.25 -13.63 9.87
C ILE A 160 -8.35 -14.71 9.79
N LYS A 161 -9.57 -14.42 10.29
CA LYS A 161 -10.68 -15.37 10.21
C LYS A 161 -11.14 -15.60 8.75
N GLU A 162 -10.84 -14.65 7.86
CA GLU A 162 -11.19 -14.81 6.45
C GLU A 162 -10.08 -15.61 5.78
N LEU A 163 -8.85 -15.40 6.28
CA LEU A 163 -7.68 -16.08 5.73
C LEU A 163 -7.52 -17.47 6.33
N GLY A 164 -7.98 -17.63 7.57
CA GLY A 164 -7.89 -18.91 8.24
C GLY A 164 -6.60 -19.07 9.00
N PHE A 165 -6.08 -17.96 9.53
CA PHE A 165 -4.83 -17.97 10.28
C PHE A 165 -4.92 -17.10 11.52
N THR A 166 -3.83 -17.03 12.26
CA THR A 166 -3.75 -16.22 13.47
C THR A 166 -2.94 -14.94 13.18
N TYR A 167 -3.26 -13.87 13.90
CA TYR A 167 -2.56 -12.60 13.71
C TYR A 167 -1.09 -12.71 14.13
N ARG A 168 -0.19 -12.19 13.30
CA ARG A 168 1.25 -12.25 13.58
C ARG A 168 1.90 -10.88 13.41
N ILE A 169 2.98 -10.65 14.15
CA ILE A 169 3.71 -9.39 14.08
C ILE A 169 5.05 -9.59 13.37
N PRO A 170 5.24 -8.94 12.21
CA PRO A 170 6.47 -9.05 11.41
C PRO A 170 7.73 -9.04 12.27
N LYS A 171 7.77 -8.13 13.23
CA LYS A 171 8.90 -8.01 14.15
C LYS A 171 9.21 -9.32 14.85
N LYS A 172 8.24 -10.25 14.86
CA LYS A 172 8.46 -11.53 15.49
C LYS A 172 8.99 -12.54 14.48
N ARG A 173 9.08 -12.10 13.21
CA ARG A 173 9.56 -12.95 12.12
C ARG A 173 8.74 -14.23 12.03
N LEU A 174 7.65 -14.15 11.27
CA LEU A 174 6.74 -15.28 11.08
C LEU A 174 5.92 -15.52 12.34
N1 DOC B 23 8.66 -5.10 -6.39
C2 DOC B 23 7.83 -5.99 -7.09
N3 DOC B 23 8.30 -7.22 -7.40
C4 DOC B 23 9.54 -7.57 -7.05
C5 DOC B 23 10.40 -6.70 -6.34
C6 DOC B 23 9.92 -5.47 -6.04
O2 DOC B 23 6.69 -5.62 -7.40
N4 DOC B 23 9.95 -8.81 -7.37
C1' DOC B 23 8.15 -3.76 -6.06
C2' DOC B 23 8.04 -3.50 -4.57
C3' DOC B 23 9.40 -2.91 -4.24
C4' DOC B 23 9.75 -2.13 -5.50
O4' DOC B 23 9.06 -2.81 -6.58
C5' DOC B 23 11.22 -2.07 -5.83
O5' DOC B 23 11.40 -1.84 -7.23
P DOC B 23 12.69 -1.11 -7.79
OP1 DOC B 23 12.24 0.12 -8.49
OP2 DOC B 23 13.69 -1.00 -6.70
H5 DOC B 23 11.41 -7.00 -6.06
H6 DOC B 23 10.57 -4.77 -5.51
HN41 DOC B 23 10.87 -9.12 -7.12
HN42 DOC B 23 9.32 -9.44 -7.86
H1' DOC B 23 7.19 -3.63 -6.55
H2' DOC B 23 7.86 -4.41 -4.00
H2'' DOC B 23 7.24 -2.80 -4.34
H3'1 DOC B 23 10.14 -3.69 -4.06
H3'2 DOC B 23 9.34 -2.23 -3.38
H4' DOC B 23 9.40 -1.11 -5.34
H5' DOC B 23 11.68 -1.24 -5.28
H5'' DOC B 23 11.69 -3.00 -5.54
PG DGT C . 11.83 -1.54 3.01
O1G DGT C . 13.29 -1.24 2.41
O2G DGT C . 11.84 -1.77 4.47
O3G DGT C . 10.94 -0.26 2.60
O3B DGT C . 11.24 -2.79 2.18
PB DGT C . 9.91 -2.66 1.29
O1B DGT C . 9.32 -4.02 1.18
O2B DGT C . 9.06 -1.58 1.84
O3A DGT C . 10.48 -2.22 -0.14
PA DGT C . 9.84 -0.99 -0.97
O1A DGT C . 10.11 0.26 -0.23
O2A DGT C . 10.31 -1.08 -2.37
O5' DGT C . 8.27 -1.33 -0.92
C5' DGT C . 7.77 -2.42 -1.71
C4' DGT C . 6.25 -2.60 -1.53
O4' DGT C . 5.87 -3.78 -2.26
C3' DGT C . 5.97 -2.97 -0.08
O3' DGT C . 4.56 -3.06 0.12
C2' DGT C . 6.56 -4.37 -0.09
C1' DGT C . 5.84 -4.88 -1.34
N9 DGT C . 6.50 -6.08 -1.88
C8 DGT C . 5.91 -7.26 -2.10
N7 DGT C . 6.80 -8.11 -2.61
C5 DGT C . 7.97 -7.47 -2.72
C6 DGT C . 9.23 -7.86 -3.16
O6 DGT C . 9.43 -9.00 -3.58
N1 DGT C . 10.26 -6.92 -3.14
C2 DGT C . 10.01 -5.63 -2.65
N2 DGT C . 11.00 -4.73 -2.61
N3 DGT C . 8.79 -5.29 -2.23
C4 DGT C . 7.78 -6.17 -2.26
HO3' DGT C . 4.14 -2.18 -0.09
HN2 DGT C . 10.82 -3.81 -2.26
HN2A DGT C . 11.91 -4.98 -2.92
H16 DGT C . 11.18 -7.17 -3.45
MG MG D . 9.68 2.43 -0.99
MG MG E . 10.06 0.51 1.94
N MET A 1 17.62 7.28 5.86
CA MET A 1 17.47 8.21 4.71
C MET A 1 16.88 9.55 5.17
N LEU A 2 15.70 9.50 5.78
CA LEU A 2 15.04 10.70 6.25
C LEU A 2 14.63 10.53 7.71
N THR A 3 14.12 11.60 8.32
CA THR A 3 13.72 11.56 9.71
C THR A 3 12.24 11.29 9.88
N LEU A 4 11.88 10.80 11.08
CA LEU A 4 10.51 10.49 11.42
C LEU A 4 9.64 11.73 11.22
N ILE A 5 10.11 12.88 11.70
CA ILE A 5 9.38 14.11 11.53
C ILE A 5 9.20 14.44 10.06
N GLN A 6 10.26 14.21 9.27
CA GLN A 6 10.19 14.42 7.83
C GLN A 6 9.15 13.45 7.28
N GLY A 7 9.28 12.20 7.71
CA GLY A 7 8.34 11.18 7.30
C GLY A 7 6.93 11.59 7.68
N LYS A 8 6.80 12.08 8.91
CA LYS A 8 5.52 12.52 9.42
C LYS A 8 5.04 13.69 8.57
N LYS A 9 5.92 14.68 8.38
CA LYS A 9 5.62 15.85 7.57
C LYS A 9 5.20 15.43 6.17
N ILE A 10 6.00 14.58 5.51
CA ILE A 10 5.66 14.15 4.16
C ILE A 10 4.38 13.32 4.20
N VAL A 11 4.26 12.45 5.22
CA VAL A 11 3.07 11.64 5.36
C VAL A 11 1.87 12.55 5.57
N ASN A 12 2.05 13.58 6.41
CA ASN A 12 0.96 14.51 6.69
C ASN A 12 0.65 15.31 5.43
N HIS A 13 1.72 15.81 4.81
CA HIS A 13 1.58 16.55 3.57
C HIS A 13 0.84 15.68 2.54
N LEU A 14 1.34 14.47 2.34
CA LEU A 14 0.68 13.54 1.41
C LEU A 14 -0.72 13.19 1.92
N ARG A 15 -0.84 13.11 3.24
CA ARG A 15 -2.12 12.79 3.88
C ARG A 15 -3.13 13.93 3.76
N SER A 16 -2.66 15.17 3.72
CA SER A 16 -3.58 16.31 3.61
C SER A 16 -3.51 17.07 2.27
N ARG A 17 -2.49 16.81 1.46
CA ARG A 17 -2.32 17.58 0.22
C ARG A 17 -2.27 16.76 -1.08
N LEU A 18 -2.47 15.45 -1.07
CA LEU A 18 -2.37 14.69 -2.33
C LEU A 18 -3.45 15.08 -3.33
N ALA A 19 -3.19 14.83 -4.62
CA ALA A 19 -4.16 15.18 -5.67
C ALA A 19 -4.03 14.26 -6.87
N PHE A 20 -5.09 14.17 -7.66
CA PHE A 20 -5.08 13.35 -8.84
C PHE A 20 -5.87 14.02 -9.96
N GLU A 21 -5.40 13.80 -11.18
CA GLU A 21 -6.00 14.37 -12.36
C GLU A 21 -6.32 13.28 -13.38
N TYR A 22 -7.54 13.38 -13.90
CA TYR A 22 -8.09 12.47 -14.89
C TYR A 22 -8.94 13.25 -15.88
N ASN A 23 -8.66 13.12 -17.18
CA ASN A 23 -9.42 13.82 -18.23
C ASN A 23 -9.56 15.32 -17.94
N GLY A 24 -8.55 15.91 -17.30
CA GLY A 24 -8.62 17.32 -16.97
C GLY A 24 -9.25 17.54 -15.60
N GLN A 25 -9.84 16.47 -15.10
CA GLN A 25 -10.49 16.50 -13.80
C GLN A 25 -9.42 16.30 -12.74
N LEU A 26 -9.26 17.29 -11.88
CA LEU A 26 -8.25 17.25 -10.84
C LEU A 26 -8.92 17.22 -9.49
N ILE A 27 -8.72 16.14 -8.76
CA ILE A 27 -9.32 15.97 -7.45
C ILE A 27 -8.23 15.71 -6.42
N LYS A 28 -8.35 16.35 -5.27
CA LYS A 28 -7.38 16.16 -4.20
C LYS A 28 -7.68 14.85 -3.48
N ILE A 29 -6.66 14.27 -2.86
CA ILE A 29 -6.83 13.02 -2.14
C ILE A 29 -6.75 13.30 -0.64
N LEU A 30 -7.75 12.80 0.09
CA LEU A 30 -7.86 13.01 1.52
C LEU A 30 -7.24 11.88 2.33
N SER A 31 -7.12 12.14 3.63
CA SER A 31 -6.51 11.23 4.59
C SER A 31 -7.12 9.82 4.60
N LYS A 32 -8.45 9.70 4.69
CA LYS A 32 -9.13 8.38 4.75
C LYS A 32 -8.86 7.45 3.55
N ASN A 33 -8.12 7.93 2.56
CA ASN A 33 -7.82 7.15 1.37
C ASN A 33 -6.34 6.78 1.35
N ILE A 34 -5.65 7.10 2.43
CA ILE A 34 -4.22 6.90 2.54
C ILE A 34 -3.82 6.14 3.80
N VAL A 35 -2.92 5.17 3.66
CA VAL A 35 -2.43 4.39 4.80
C VAL A 35 -0.90 4.29 4.74
N ALA A 36 -0.24 4.70 5.80
CA ALA A 36 1.23 4.71 5.86
C ALA A 36 1.80 3.29 5.88
N VAL A 37 2.97 3.14 5.27
CA VAL A 37 3.65 1.85 5.21
C VAL A 37 5.15 2.02 5.46
N GLY A 38 5.72 1.16 6.27
CA GLY A 38 7.13 1.28 6.53
C GLY A 38 7.54 0.65 7.83
N SER A 39 8.77 0.87 8.20
CA SER A 39 9.31 0.33 9.42
C SER A 39 8.68 1.00 10.65
N LEU A 40 8.16 2.22 10.52
CA LEU A 40 7.55 2.88 11.67
C LEU A 40 6.35 2.06 12.11
N ARG A 41 5.68 1.49 11.11
CA ARG A 41 4.55 0.62 11.32
C ARG A 41 5.09 -0.71 11.89
N ARG A 42 6.43 -0.88 11.77
CA ARG A 42 7.12 -2.08 12.28
C ARG A 42 8.04 -1.74 13.49
N GLU A 43 8.07 -0.44 13.91
CA GLU A 43 8.82 0.03 15.10
C GLU A 43 10.29 0.43 14.83
N GLU A 44 10.44 1.37 13.90
CA GLU A 44 11.74 1.93 13.52
C GLU A 44 11.96 3.32 14.13
N LYS A 45 13.18 3.62 14.56
CA LYS A 45 13.47 4.96 15.06
C LYS A 45 14.10 5.81 13.96
N MET A 46 14.28 5.22 12.79
CA MET A 46 14.89 5.93 11.70
C MET A 46 14.39 5.42 10.37
N LEU A 47 13.89 6.34 9.58
CA LEU A 47 13.32 5.95 8.30
C LEU A 47 14.31 5.79 7.18
N ASN A 48 14.21 4.61 6.58
CA ASN A 48 14.99 4.19 5.43
C ASN A 48 14.17 4.41 4.17
N ASP A 49 12.97 3.84 4.14
CA ASP A 49 12.04 3.98 3.02
C ASP A 49 10.64 4.09 3.60
N VAL A 50 9.87 5.10 3.22
CA VAL A 50 8.52 5.22 3.74
C VAL A 50 7.52 4.89 2.65
N ASP A 51 6.73 3.88 2.88
CA ASP A 51 5.74 3.48 1.92
C ASP A 51 4.39 4.04 2.38
N LEU A 52 3.41 4.03 1.51
CA LEU A 52 2.13 4.62 1.84
C LEU A 52 1.03 4.11 0.92
N LEU A 53 0.12 3.32 1.45
CA LEU A 53 -0.96 2.77 0.66
C LEU A 53 -2.03 3.81 0.38
N ILE A 54 -2.53 3.75 -0.83
CA ILE A 54 -3.60 4.60 -1.30
C ILE A 54 -4.60 3.71 -2.00
N ILE A 55 -5.74 3.45 -1.38
CA ILE A 55 -6.74 2.57 -1.93
C ILE A 55 -8.03 3.31 -2.32
N VAL A 56 -8.69 2.81 -3.35
CA VAL A 56 -9.94 3.41 -3.83
C VAL A 56 -11.10 2.43 -3.62
N PRO A 57 -12.15 2.87 -2.89
CA PRO A 57 -13.32 2.04 -2.60
C PRO A 57 -14.29 1.97 -3.77
N GLU A 58 -13.75 1.86 -4.97
CA GLU A 58 -14.59 1.75 -6.16
C GLU A 58 -13.82 0.99 -7.22
N LYS A 59 -14.52 0.20 -7.99
CA LYS A 59 -13.87 -0.60 -9.00
C LYS A 59 -13.47 0.19 -10.25
N LYS A 60 -14.06 1.39 -10.51
CA LYS A 60 -13.65 2.10 -11.72
C LYS A 60 -12.57 3.11 -11.33
N LEU A 61 -12.98 4.18 -10.57
CA LEU A 61 -12.01 5.19 -10.05
C LEU A 61 -10.71 4.62 -9.50
N LEU A 62 -10.71 3.37 -9.05
CA LEU A 62 -9.46 2.78 -8.55
C LEU A 62 -8.34 2.99 -9.55
N LYS A 63 -8.67 2.84 -10.84
CA LYS A 63 -7.69 3.01 -11.91
C LYS A 63 -7.65 4.45 -12.42
N HIS A 64 -8.72 5.21 -12.19
CA HIS A 64 -8.80 6.60 -12.68
C HIS A 64 -7.94 7.54 -11.85
N VAL A 65 -7.52 7.08 -10.70
CA VAL A 65 -6.65 7.87 -9.83
C VAL A 65 -5.23 7.81 -10.38
N LEU A 66 -4.95 6.70 -11.06
CA LEU A 66 -3.63 6.44 -11.65
C LEU A 66 -3.18 7.55 -12.62
N PRO A 67 -4.01 7.95 -13.65
CA PRO A 67 -3.69 9.00 -14.62
C PRO A 67 -2.72 10.04 -14.08
N ASN A 68 -3.19 11.14 -13.50
CA ASN A 68 -2.22 12.06 -12.91
C ASN A 68 -2.37 12.10 -11.41
N ILE A 69 -1.58 11.32 -10.69
CA ILE A 69 -1.64 11.32 -9.23
C ILE A 69 -0.45 12.12 -8.69
N ARG A 70 -0.71 13.28 -8.09
CA ARG A 70 0.38 14.16 -7.65
C ARG A 70 -0.01 15.17 -6.55
N ILE A 71 0.98 16.01 -6.20
CA ILE A 71 0.81 17.09 -5.24
C ILE A 71 0.92 18.43 -5.99
N LYS A 72 0.30 19.50 -5.49
CA LYS A 72 0.36 20.80 -6.17
C LYS A 72 1.59 21.65 -5.81
N GLY A 73 2.34 22.12 -6.83
CA GLY A 73 3.46 23.03 -6.59
C GLY A 73 4.75 22.44 -6.05
N LEU A 74 5.10 21.21 -6.45
CA LEU A 74 6.33 20.59 -5.94
C LEU A 74 7.15 19.94 -7.06
N SER A 75 8.30 19.36 -6.68
CA SER A 75 9.10 18.68 -7.67
C SER A 75 8.84 17.19 -7.52
N PHE A 76 8.32 16.54 -8.55
CA PHE A 76 8.06 15.12 -8.44
C PHE A 76 8.04 14.41 -9.78
N SER A 77 8.58 13.22 -9.77
CA SER A 77 8.59 12.38 -10.94
C SER A 77 7.87 11.08 -10.60
N VAL A 78 6.78 10.79 -11.30
CA VAL A 78 5.99 9.59 -11.05
C VAL A 78 6.14 8.59 -12.18
N LYS A 79 6.56 7.37 -11.86
CA LYS A 79 6.68 6.33 -12.86
C LYS A 79 5.88 5.11 -12.38
N VAL A 80 5.25 4.39 -13.29
CA VAL A 80 4.46 3.24 -12.90
C VAL A 80 5.21 1.94 -13.20
N CYS A 81 5.30 1.09 -12.19
CA CYS A 81 5.98 -0.18 -12.33
C CYS A 81 5.04 -1.36 -12.04
N GLY A 82 5.31 -2.47 -12.70
CA GLY A 82 4.54 -3.67 -12.51
C GLY A 82 3.10 -3.50 -12.89
N GLU A 83 2.26 -4.08 -12.07
CA GLU A 83 0.82 -4.02 -12.25
C GLU A 83 0.30 -2.74 -11.62
N ARG A 84 0.67 -2.51 -10.36
CA ARG A 84 0.22 -1.32 -9.65
C ARG A 84 1.32 -0.69 -8.81
N LYS A 85 2.58 -0.74 -9.26
CA LYS A 85 3.64 -0.13 -8.46
C LYS A 85 3.84 1.30 -8.90
N CYS A 86 3.87 2.20 -7.93
CA CYS A 86 4.03 3.61 -8.25
C CYS A 86 5.39 4.09 -7.76
N VAL A 87 6.24 4.43 -8.72
CA VAL A 87 7.57 4.88 -8.41
C VAL A 87 7.61 6.38 -8.51
N LEU A 88 7.68 7.02 -7.38
CA LEU A 88 7.68 8.46 -7.34
C LEU A 88 9.01 8.99 -6.87
N PHE A 89 9.42 10.06 -7.49
CA PHE A 89 10.62 10.75 -7.12
C PHE A 89 10.13 12.08 -6.64
N ILE A 90 10.45 12.48 -5.43
CA ILE A 90 9.92 13.74 -4.95
C ILE A 90 11.04 14.69 -4.60
N GLU A 91 10.90 15.89 -5.10
CA GLU A 91 11.86 16.93 -4.89
C GLU A 91 11.19 18.20 -4.33
N TRP A 92 11.81 18.65 -3.24
CA TRP A 92 11.39 19.82 -2.48
C TRP A 92 12.49 20.23 -1.51
N GLU A 93 12.55 21.54 -1.21
CA GLU A 93 13.54 22.07 -0.25
C GLU A 93 14.95 21.68 -0.66
N LYS A 94 15.17 21.65 -1.97
CA LYS A 94 16.46 21.26 -2.53
C LYS A 94 16.75 19.79 -2.27
N LYS A 95 15.73 19.04 -1.83
CA LYS A 95 15.91 17.62 -1.57
C LYS A 95 15.05 16.78 -2.50
N THR A 96 15.64 15.66 -2.91
CA THR A 96 15.02 14.70 -3.82
C THR A 96 14.92 13.33 -3.16
N TYR A 97 13.72 12.78 -3.01
CA TYR A 97 13.56 11.46 -2.42
C TYR A 97 12.82 10.51 -3.35
N GLN A 98 12.99 9.22 -3.09
CA GLN A 98 12.37 8.15 -3.87
C GLN A 98 11.21 7.53 -3.10
N LEU A 99 10.01 7.66 -3.63
CA LEU A 99 8.81 7.12 -3.01
C LEU A 99 8.19 6.01 -3.87
N ASP A 100 8.04 4.84 -3.29
CA ASP A 100 7.45 3.70 -3.99
C ASP A 100 6.05 3.45 -3.46
N LEU A 101 5.06 3.99 -4.14
CA LEU A 101 3.68 3.87 -3.72
C LEU A 101 2.91 2.80 -4.49
N PHE A 102 1.67 2.56 -4.06
CA PHE A 102 0.83 1.55 -4.68
C PHE A 102 -0.65 1.89 -4.47
N THR A 103 -1.39 1.84 -5.56
CA THR A 103 -2.84 2.07 -5.52
C THR A 103 -3.54 0.76 -5.86
N ALA A 104 -4.41 0.26 -4.97
CA ALA A 104 -5.08 -1.02 -5.17
C ALA A 104 -6.53 -0.91 -4.68
N LEU A 105 -7.27 -2.03 -4.70
CA LEU A 105 -8.67 -2.00 -4.26
C LEU A 105 -8.79 -1.99 -2.73
N ALA A 106 -9.64 -1.09 -2.23
CA ALA A 106 -9.87 -0.91 -0.79
C ALA A 106 -10.28 -2.21 -0.14
N GLU A 107 -10.91 -3.08 -0.92
CA GLU A 107 -11.33 -4.37 -0.42
C GLU A 107 -10.12 -5.27 -0.18
N GLU A 108 -9.01 -5.02 -0.88
CA GLU A 108 -7.83 -5.87 -0.69
C GLU A 108 -6.99 -5.38 0.48
N LYS A 109 -7.43 -4.24 1.04
CA LYS A 109 -6.79 -3.60 2.20
C LYS A 109 -6.16 -4.58 3.21
N PRO A 110 -6.90 -5.57 3.78
CA PRO A 110 -6.32 -6.51 4.74
C PRO A 110 -5.11 -7.25 4.16
N TYR A 111 -5.36 -7.89 3.01
CA TYR A 111 -4.32 -8.63 2.31
C TYR A 111 -3.19 -7.69 1.96
N ALA A 112 -3.57 -6.54 1.38
CA ALA A 112 -2.60 -5.53 1.00
C ALA A 112 -1.75 -5.18 2.22
N ILE A 113 -2.43 -4.83 3.32
CA ILE A 113 -1.74 -4.48 4.55
C ILE A 113 -0.87 -5.65 4.99
N PHE A 114 -1.47 -6.84 5.16
CA PHE A 114 -0.69 -8.01 5.57
C PHE A 114 0.47 -8.26 4.62
N HIS A 115 0.15 -8.38 3.34
CA HIS A 115 1.14 -8.59 2.29
C HIS A 115 2.23 -7.51 2.36
N PHE A 116 1.81 -6.25 2.37
CA PHE A 116 2.75 -5.11 2.40
C PHE A 116 3.50 -4.91 3.72
N THR A 117 2.87 -5.18 4.87
CA THR A 117 3.51 -4.90 6.16
C THR A 117 4.77 -5.70 6.59
N GLY A 118 5.01 -7.00 6.26
CA GLY A 118 6.26 -7.55 6.83
C GLY A 118 7.43 -7.81 5.84
N PRO A 119 7.92 -9.07 5.65
CA PRO A 119 9.02 -9.36 4.72
C PRO A 119 8.73 -10.43 3.64
N VAL A 120 9.07 -10.07 2.39
CA VAL A 120 8.85 -10.89 1.19
C VAL A 120 8.93 -12.39 1.46
N SER A 121 10.11 -12.90 1.84
CA SER A 121 10.27 -14.32 2.14
C SER A 121 9.20 -14.86 3.09
N TYR A 122 8.84 -14.06 4.10
CA TYR A 122 7.86 -14.52 5.07
C TYR A 122 6.54 -14.48 4.37
N LEU A 123 6.36 -13.40 3.62
CA LEU A 123 5.17 -13.21 2.85
C LEU A 123 5.02 -14.40 1.91
N ILE A 124 6.06 -14.77 1.15
CA ILE A 124 6.00 -15.91 0.26
C ILE A 124 5.80 -17.19 1.05
N ARG A 125 6.67 -17.43 2.06
CA ARG A 125 6.48 -18.61 2.92
C ARG A 125 5.02 -18.67 3.40
N ILE A 126 4.58 -17.56 3.97
CA ILE A 126 3.21 -17.45 4.46
C ILE A 126 2.27 -17.71 3.28
N ARG A 127 2.57 -17.11 2.15
CA ARG A 127 1.77 -17.28 0.95
C ARG A 127 1.74 -18.75 0.50
N ALA A 128 2.90 -19.40 0.32
CA ALA A 128 2.89 -20.82 -0.04
C ALA A 128 2.26 -21.64 1.07
N ALA A 129 2.72 -21.39 2.31
CA ALA A 129 2.13 -22.03 3.48
C ALA A 129 0.62 -21.92 3.34
N LEU A 130 0.16 -20.72 3.00
CA LEU A 130 -1.26 -20.51 2.77
C LEU A 130 -1.71 -21.27 1.52
N LYS A 131 -0.94 -21.22 0.41
CA LYS A 131 -1.35 -21.93 -0.80
C LYS A 131 -1.57 -23.39 -0.46
N LYS A 132 -0.63 -23.95 0.31
CA LYS A 132 -0.78 -25.31 0.80
C LYS A 132 -2.16 -25.55 1.45
N LYS A 133 -2.93 -24.49 1.73
CA LYS A 133 -4.27 -24.65 2.27
C LYS A 133 -5.26 -24.74 1.11
N ASN A 134 -4.69 -24.83 -0.10
CA ASN A 134 -5.45 -24.92 -1.34
C ASN A 134 -6.09 -23.58 -1.62
N TYR A 135 -5.31 -22.52 -1.40
CA TYR A 135 -5.75 -21.16 -1.59
C TYR A 135 -4.56 -20.26 -1.94
N LYS A 136 -4.71 -19.46 -2.96
CA LYS A 136 -3.63 -18.56 -3.39
C LYS A 136 -3.96 -17.13 -2.98
N LEU A 137 -3.09 -16.48 -2.22
CA LEU A 137 -3.37 -15.12 -1.78
C LEU A 137 -2.61 -14.12 -2.63
N ASN A 138 -3.34 -13.35 -3.43
CA ASN A 138 -2.69 -12.36 -4.28
C ASN A 138 -3.36 -11.00 -4.11
N GLN A 139 -2.67 -9.94 -4.55
CA GLN A 139 -3.15 -8.55 -4.46
C GLN A 139 -4.54 -8.38 -5.07
N TYR A 140 -5.01 -9.39 -5.78
CA TYR A 140 -6.32 -9.40 -6.39
C TYR A 140 -7.33 -10.15 -5.53
N GLY A 141 -6.82 -11.00 -4.65
CA GLY A 141 -7.70 -11.76 -3.81
C GLY A 141 -7.12 -13.11 -3.44
N LEU A 142 -8.03 -14.08 -3.33
CA LEU A 142 -7.64 -15.44 -3.02
C LEU A 142 -7.95 -16.31 -4.23
N PHE A 143 -6.96 -16.97 -4.77
CA PHE A 143 -7.18 -17.84 -5.90
C PHE A 143 -7.30 -19.27 -5.43
N LYS A 144 -8.43 -19.87 -5.75
CA LYS A 144 -8.69 -21.25 -5.39
C LYS A 144 -8.76 -22.07 -6.67
N ASN A 145 -7.81 -23.00 -6.83
CA ASN A 145 -7.76 -23.83 -8.04
C ASN A 145 -7.80 -22.94 -9.27
N GLN A 146 -7.09 -21.80 -9.16
CA GLN A 146 -7.02 -20.79 -10.23
C GLN A 146 -8.31 -19.97 -10.31
N THR A 147 -9.26 -20.24 -9.42
CA THR A 147 -10.50 -19.48 -9.38
C THR A 147 -10.34 -18.30 -8.43
N LEU A 148 -10.85 -17.14 -8.84
CA LEU A 148 -10.73 -15.94 -8.03
C LEU A 148 -11.73 -15.93 -6.87
N VAL A 149 -11.21 -15.76 -5.67
CA VAL A 149 -12.01 -15.72 -4.45
C VAL A 149 -11.70 -14.42 -3.71
N PRO A 150 -12.73 -13.60 -3.44
CA PRO A 150 -12.59 -12.32 -2.75
C PRO A 150 -12.56 -12.46 -1.22
N LEU A 151 -12.53 -11.30 -0.55
CA LEU A 151 -12.49 -11.24 0.91
C LEU A 151 -13.84 -10.88 1.51
N LYS A 152 -14.09 -11.34 2.72
CA LYS A 152 -15.34 -11.06 3.41
C LYS A 152 -15.06 -10.32 4.72
N ILE A 153 -13.79 -9.99 4.96
CA ILE A 153 -13.39 -9.30 6.18
C ILE A 153 -12.50 -8.09 5.92
N THR A 154 -12.24 -7.31 6.98
CA THR A 154 -11.41 -6.12 6.87
C THR A 154 -10.59 -5.89 8.16
N THR A 155 -10.68 -6.82 9.10
CA THR A 155 -9.98 -6.69 10.38
C THR A 155 -8.86 -7.74 10.50
N GLU A 156 -7.87 -7.48 11.35
CA GLU A 156 -6.73 -8.38 11.50
C GLU A 156 -7.14 -9.73 12.11
N LYS A 157 -7.99 -9.69 13.13
CA LYS A 157 -8.45 -10.93 13.77
C LYS A 157 -9.23 -11.73 12.75
N GLU A 158 -10.12 -11.04 12.05
CA GLU A 158 -10.89 -11.65 11.01
C GLU A 158 -9.91 -12.12 9.93
N LEU A 159 -8.91 -11.28 9.64
CA LEU A 159 -7.91 -11.62 8.66
C LEU A 159 -7.27 -12.95 9.07
N ILE A 160 -6.75 -12.99 10.29
CA ILE A 160 -6.12 -14.21 10.78
C ILE A 160 -7.14 -15.35 10.85
N LYS A 161 -8.32 -15.11 11.46
CA LYS A 161 -9.35 -16.15 11.56
C LYS A 161 -9.92 -16.52 10.17
N GLU A 162 -9.79 -15.62 9.20
CA GLU A 162 -10.27 -15.93 7.85
C GLU A 162 -9.14 -16.59 7.07
N LEU A 163 -7.90 -16.20 7.39
CA LEU A 163 -6.72 -16.75 6.72
C LEU A 163 -6.33 -18.08 7.34
N GLY A 164 -6.63 -18.25 8.63
CA GLY A 164 -6.31 -19.49 9.31
C GLY A 164 -4.92 -19.45 9.92
N PHE A 165 -4.56 -18.30 10.47
CA PHE A 165 -3.26 -18.12 11.09
C PHE A 165 -3.38 -17.35 12.40
N THR A 166 -2.27 -17.18 13.08
CA THR A 166 -2.24 -16.45 14.34
C THR A 166 -1.62 -15.07 14.12
N TYR A 167 -2.03 -14.10 14.92
CA TYR A 167 -1.51 -12.73 14.80
C TYR A 167 0.00 -12.71 14.87
N ARG A 168 0.62 -12.28 13.78
CA ARG A 168 2.07 -12.20 13.70
C ARG A 168 2.51 -10.75 13.82
N ILE A 169 3.43 -10.50 14.75
CA ILE A 169 3.93 -9.15 14.97
C ILE A 169 5.34 -9.01 14.41
N PRO A 170 5.53 -8.00 13.52
CA PRO A 170 6.81 -7.71 12.86
C PRO A 170 8.02 -8.02 13.73
N LYS A 171 8.08 -7.41 14.91
CA LYS A 171 9.19 -7.62 15.84
C LYS A 171 9.49 -9.11 16.08
N LYS A 172 8.54 -10.00 15.82
CA LYS A 172 8.78 -11.41 16.00
C LYS A 172 8.92 -12.12 14.65
N ARG A 173 9.20 -11.33 13.60
CA ARG A 173 9.38 -11.85 12.23
C ARG A 173 10.11 -13.20 12.15
N LEU A 174 9.68 -14.02 11.18
CA LEU A 174 10.25 -15.34 10.93
C LEU A 174 10.08 -16.28 12.12
N1 DOC B 23 8.65 -5.39 -5.95
C2 DOC B 23 7.66 -6.27 -6.42
N3 DOC B 23 7.97 -7.57 -6.64
C4 DOC B 23 9.20 -8.01 -6.40
C5 DOC B 23 10.23 -7.14 -5.93
C6 DOC B 23 9.91 -5.85 -5.72
O2 DOC B 23 6.51 -5.82 -6.62
N4 DOC B 23 9.47 -9.29 -6.64
C1' DOC B 23 8.31 -3.98 -5.72
C2' DOC B 23 7.97 -3.63 -4.28
C3' DOC B 23 8.35 -2.16 -4.22
C4' DOC B 23 9.55 -2.07 -5.17
O4' DOC B 23 9.45 -3.20 -6.06
C5' DOC B 23 10.90 -2.09 -4.48
O5' DOC B 23 11.91 -1.59 -5.36
P DOC B 23 13.43 -2.02 -5.20
OP1 DOC B 23 14.28 -0.84 -5.56
OP2 DOC B 23 13.62 -2.66 -3.88
H5 DOC B 23 11.24 -7.51 -5.73
H6 DOC B 23 10.68 -5.17 -5.34
HN41 DOC B 23 10.39 -9.66 -6.47
HN42 DOC B 23 8.74 -9.93 -6.95
H1' DOC B 23 7.50 -3.71 -6.40
H2' DOC B 23 8.55 -4.22 -3.57
H2'' DOC B 23 6.91 -3.78 -4.06
H3'1 DOC B 23 8.64 -1.87 -3.20
H3'2 DOC B 23 7.54 -1.53 -4.58
H4' DOC B 23 9.46 -1.10 -5.68
H5' DOC B 23 10.86 -1.48 -3.59
H5'' DOC B 23 11.14 -3.12 -4.21
PG DGT C . 11.25 -1.88 3.66
O1G DGT C . 12.56 -1.50 2.81
O2G DGT C . 11.52 -1.99 5.11
O3G DGT C . 10.18 -0.72 3.32
O3B DGT C . 10.66 -3.24 3.03
PB DGT C . 9.40 -3.24 2.03
O1B DGT C . 8.88 -4.62 1.98
O2B DGT C . 8.46 -2.17 2.44
O3A DGT C . 10.06 -2.88 0.61
PA DGT C . 9.50 -1.69 -0.33
O1A DGT C . 9.69 -0.41 0.37
O2A DGT C . 10.11 -1.86 -1.67
O5' DGT C . 7.93 -2.05 -0.41
C5' DGT C . 7.46 -3.05 -1.32
C4' DGT C . 5.96 -3.26 -1.12
O4' DGT C . 5.53 -4.40 -1.90
C3' DGT C . 5.76 -3.69 0.33
O3' DGT C . 4.36 -3.70 0.63
C2' DGT C . 6.27 -5.12 0.21
C1' DGT C . 5.45 -5.54 -1.01
N9 DGT C . 5.99 -6.76 -1.64
C8 DGT C . 5.35 -7.90 -1.80
N7 DGT C . 6.15 -8.78 -2.42
C5 DGT C . 7.32 -8.17 -2.65
C6 DGT C . 8.51 -8.58 -3.24
O6 DGT C . 8.64 -9.72 -3.67
N1 DGT C . 9.56 -7.67 -3.31
C2 DGT C . 9.40 -6.37 -2.79
N2 DGT C . 10.39 -5.49 -2.86
N3 DGT C . 8.24 -6.02 -2.23
C4 DGT C . 7.21 -6.88 -2.16
HO3' DGT C . 3.97 -2.81 0.44
HN2 DGT C . 10.27 -4.57 -2.49
HN2A DGT C . 11.26 -5.75 -3.29
H16 DGT C . 10.44 -7.93 -3.72
MG MG D . 9.17 1.72 -0.53
MG MG E . 9.27 -0.02 2.59
N MET A 1 17.83 7.43 6.64
CA MET A 1 18.14 8.86 6.81
C MET A 1 16.91 9.63 7.27
N LEU A 2 15.73 9.16 6.88
CA LEU A 2 14.49 9.82 7.27
C LEU A 2 14.13 9.47 8.71
N THR A 3 13.53 10.42 9.40
CA THR A 3 13.13 10.21 10.78
C THR A 3 11.63 10.00 10.89
N LEU A 4 11.21 9.34 11.96
CA LEU A 4 9.80 9.05 12.21
C LEU A 4 8.98 10.33 12.15
N ILE A 5 9.41 11.37 12.87
CA ILE A 5 8.70 12.64 12.86
C ILE A 5 8.63 13.22 11.46
N GLN A 6 9.74 13.21 10.75
CA GLN A 6 9.78 13.72 9.39
C GLN A 6 8.82 12.87 8.55
N GLY A 7 8.96 11.55 8.73
CA GLY A 7 8.09 10.63 8.02
C GLY A 7 6.64 10.93 8.36
N LYS A 8 6.38 11.15 9.64
CA LYS A 8 5.05 11.46 10.11
C LYS A 8 4.61 12.78 9.48
N LYS A 9 5.46 13.80 9.61
CA LYS A 9 5.16 15.11 9.04
C LYS A 9 4.92 15.01 7.55
N ILE A 10 5.82 14.32 6.82
CA ILE A 10 5.62 14.19 5.39
C ILE A 10 4.41 13.32 5.12
N VAL A 11 4.20 12.28 5.94
CA VAL A 11 3.02 11.44 5.77
C VAL A 11 1.79 12.30 6.02
N ASN A 12 1.89 13.20 7.00
CA ASN A 12 0.78 14.08 7.31
C ASN A 12 0.60 15.05 6.14
N HIS A 13 1.70 15.69 5.77
CA HIS A 13 1.70 16.61 4.63
C HIS A 13 1.11 15.89 3.42
N LEU A 14 1.67 14.73 3.12
CA LEU A 14 1.22 13.93 1.99
C LEU A 14 -0.25 13.49 2.21
N ARG A 15 -0.60 13.14 3.44
CA ARG A 15 -1.98 12.71 3.72
C ARG A 15 -2.94 13.90 3.81
N SER A 16 -2.42 15.12 3.98
CA SER A 16 -3.28 16.30 4.04
C SER A 16 -3.12 17.20 2.80
N ARG A 17 -2.08 16.98 2.01
CA ARG A 17 -1.85 17.82 0.83
C ARG A 17 -1.81 17.08 -0.52
N LEU A 18 -2.03 15.76 -0.56
CA LEU A 18 -1.96 15.05 -1.85
C LEU A 18 -3.06 15.47 -2.81
N ALA A 19 -2.75 15.37 -4.12
CA ALA A 19 -3.71 15.76 -5.14
C ALA A 19 -3.53 14.96 -6.42
N PHE A 20 -4.54 14.95 -7.25
CA PHE A 20 -4.48 14.26 -8.51
C PHE A 20 -5.20 15.05 -9.58
N GLU A 21 -4.65 15.01 -10.77
CA GLU A 21 -5.18 15.72 -11.91
C GLU A 21 -5.65 14.70 -12.93
N TYR A 22 -6.92 14.83 -13.28
CA TYR A 22 -7.59 13.97 -14.24
C TYR A 22 -8.54 14.80 -15.10
N ASN A 23 -8.63 14.43 -16.39
CA ASN A 23 -9.49 15.13 -17.34
C ASN A 23 -9.18 16.62 -17.29
N GLY A 24 -7.93 16.90 -16.97
CA GLY A 24 -7.48 18.26 -16.85
C GLY A 24 -7.79 18.85 -15.49
N GLN A 25 -8.69 18.23 -14.70
CA GLN A 25 -9.04 18.76 -13.39
C GLN A 25 -8.11 18.24 -12.31
N LEU A 26 -8.06 18.99 -11.21
CA LEU A 26 -7.20 18.67 -10.08
C LEU A 26 -8.05 18.42 -8.85
N ILE A 27 -7.87 17.26 -8.24
CA ILE A 27 -8.61 16.91 -7.04
C ILE A 27 -7.63 16.50 -5.94
N LYS A 28 -7.87 16.99 -4.73
CA LYS A 28 -7.01 16.67 -3.60
C LYS A 28 -7.36 15.30 -3.04
N ILE A 29 -6.41 14.66 -2.38
CA ILE A 29 -6.65 13.35 -1.80
C ILE A 29 -6.79 13.49 -0.29
N LEU A 30 -7.82 12.83 0.25
CA LEU A 30 -8.14 12.91 1.68
C LEU A 30 -7.50 11.77 2.48
N SER A 31 -7.61 11.90 3.80
CA SER A 31 -7.05 10.95 4.76
C SER A 31 -7.56 9.51 4.58
N LYS A 32 -8.88 9.31 4.50
CA LYS A 32 -9.49 7.97 4.35
C LYS A 32 -9.03 7.20 3.09
N ASN A 33 -8.19 7.82 2.28
CA ASN A 33 -7.70 7.19 1.06
C ASN A 33 -6.21 6.90 1.19
N ILE A 34 -5.67 7.16 2.38
CA ILE A 34 -4.23 7.01 2.61
C ILE A 34 -3.94 6.12 3.81
N VAL A 35 -3.09 5.12 3.60
CA VAL A 35 -2.66 4.20 4.64
C VAL A 35 -1.14 4.16 4.65
N ALA A 36 -0.52 3.81 5.75
CA ALA A 36 0.94 3.78 5.79
C ALA A 36 1.50 2.39 5.53
N VAL A 37 2.67 2.36 4.92
CA VAL A 37 3.36 1.09 4.69
C VAL A 37 4.84 1.27 4.97
N GLY A 38 5.43 0.53 5.85
CA GLY A 38 6.83 0.79 6.01
C GLY A 38 7.27 0.78 7.44
N SER A 39 8.14 1.74 7.69
CA SER A 39 8.69 2.04 8.99
C SER A 39 7.59 2.21 10.04
N LEU A 40 6.52 2.95 9.71
CA LEU A 40 5.39 3.16 10.63
C LEU A 40 4.87 1.84 11.21
N ARG A 41 4.66 0.85 10.35
CA ARG A 41 4.16 -0.45 10.81
C ARG A 41 5.29 -1.26 11.43
N ARG A 42 6.49 -1.12 10.89
CA ARG A 42 7.66 -1.85 11.37
C ARG A 42 8.25 -1.24 12.64
N GLU A 43 7.96 0.03 12.89
CA GLU A 43 8.44 0.76 14.07
C GLU A 43 9.96 0.87 14.06
N GLU A 44 10.50 1.02 12.85
CA GLU A 44 11.95 1.15 12.63
C GLU A 44 12.45 2.51 13.14
N LYS A 45 13.56 2.49 13.88
CA LYS A 45 14.13 3.73 14.41
C LYS A 45 14.99 4.41 13.34
N MET A 46 15.37 3.64 12.32
CA MET A 46 16.10 4.23 11.20
C MET A 46 15.70 3.51 9.94
N LEU A 47 15.05 4.24 9.06
CA LEU A 47 14.62 3.61 7.83
C LEU A 47 15.26 4.15 6.57
N ASN A 48 14.98 3.44 5.49
CA ASN A 48 15.48 3.75 4.17
C ASN A 48 14.35 4.39 3.37
N ASP A 49 13.22 3.68 3.27
CA ASP A 49 12.06 4.16 2.54
C ASP A 49 10.78 4.02 3.38
N VAL A 50 9.91 5.01 3.29
CA VAL A 50 8.63 5.00 4.00
C VAL A 50 7.55 4.79 2.95
N ASP A 51 6.72 3.78 3.10
CA ASP A 51 5.71 3.51 2.09
C ASP A 51 4.31 3.90 2.62
N LEU A 52 3.36 3.84 1.73
CA LEU A 52 1.99 4.22 2.04
C LEU A 52 1.06 3.51 1.10
N LEU A 53 -0.19 3.46 1.46
CA LEU A 53 -1.18 2.81 0.67
C LEU A 53 -2.24 3.82 0.30
N ILE A 54 -2.49 3.95 -0.98
CA ILE A 54 -3.48 4.86 -1.49
C ILE A 54 -4.45 4.06 -2.31
N ILE A 55 -5.63 3.81 -1.78
CA ILE A 55 -6.61 3.01 -2.50
C ILE A 55 -7.87 3.80 -2.84
N VAL A 56 -8.48 3.47 -3.97
CA VAL A 56 -9.68 4.16 -4.42
C VAL A 56 -10.88 3.22 -4.37
N PRO A 57 -11.97 3.63 -3.69
CA PRO A 57 -13.18 2.82 -3.58
C PRO A 57 -14.03 2.90 -4.86
N GLU A 58 -13.95 4.04 -5.54
CA GLU A 58 -14.71 4.26 -6.76
C GLU A 58 -14.14 3.38 -7.87
N LYS A 59 -15.02 2.80 -8.67
CA LYS A 59 -14.60 1.91 -9.74
C LYS A 59 -13.99 2.64 -10.92
N LYS A 60 -14.41 3.88 -11.18
CA LYS A 60 -13.85 4.61 -12.32
C LYS A 60 -12.63 5.38 -11.86
N LEU A 61 -12.82 6.36 -10.95
CA LEU A 61 -11.68 7.10 -10.38
C LEU A 61 -10.56 6.20 -9.87
N LEU A 62 -10.86 4.91 -9.72
CA LEU A 62 -9.86 3.95 -9.32
C LEU A 62 -8.64 4.08 -10.22
N LYS A 63 -8.89 4.18 -11.52
CA LYS A 63 -7.84 4.32 -12.51
C LYS A 63 -7.55 5.80 -12.80
N HIS A 64 -8.59 6.63 -12.70
CA HIS A 64 -8.47 8.06 -13.01
C HIS A 64 -7.63 8.83 -11.99
N VAL A 65 -7.27 8.17 -10.91
CA VAL A 65 -6.42 8.81 -9.91
C VAL A 65 -4.98 8.81 -10.42
N LEU A 66 -4.69 7.82 -11.27
CA LEU A 66 -3.38 7.62 -11.85
C LEU A 66 -2.91 8.78 -12.75
N PRO A 67 -3.74 9.27 -13.73
CA PRO A 67 -3.41 10.38 -14.64
C PRO A 67 -2.34 11.30 -14.09
N ASN A 68 -2.68 12.36 -13.35
CA ASN A 68 -1.60 13.14 -12.76
C ASN A 68 -1.75 13.18 -11.25
N ILE A 69 -1.06 12.28 -10.54
CA ILE A 69 -1.16 12.23 -9.09
C ILE A 69 0.05 12.96 -8.47
N ARG A 70 -0.21 14.03 -7.71
CA ARG A 70 0.89 14.84 -7.18
C ARG A 70 0.54 15.69 -5.94
N ILE A 71 1.57 16.45 -5.50
CA ILE A 71 1.47 17.39 -4.39
C ILE A 71 1.76 18.79 -4.91
N LYS A 72 1.16 19.81 -4.33
CA LYS A 72 1.35 21.18 -4.81
C LYS A 72 2.59 21.91 -4.22
N GLY A 73 3.41 22.51 -5.11
CA GLY A 73 4.54 23.32 -4.66
C GLY A 73 5.79 22.60 -4.18
N LEU A 74 6.12 21.43 -4.72
CA LEU A 74 7.32 20.71 -4.27
C LEU A 74 8.10 20.07 -5.42
N SER A 75 9.05 19.18 -5.07
CA SER A 75 9.80 18.50 -6.10
C SER A 75 9.43 17.03 -6.06
N PHE A 76 8.83 16.52 -7.13
CA PHE A 76 8.44 15.12 -7.14
C PHE A 76 8.48 14.52 -8.52
N SER A 77 8.91 13.27 -8.59
CA SER A 77 8.93 12.56 -9.83
C SER A 77 8.18 11.25 -9.67
N VAL A 78 7.11 11.09 -10.44
CA VAL A 78 6.26 9.90 -10.36
C VAL A 78 6.40 9.00 -11.58
N LYS A 79 6.80 7.75 -11.37
CA LYS A 79 6.90 6.77 -12.45
C LYS A 79 6.04 5.55 -12.08
N VAL A 80 5.45 4.89 -13.06
CA VAL A 80 4.62 3.73 -12.77
C VAL A 80 5.38 2.43 -13.02
N CYS A 81 5.27 1.49 -12.08
CA CYS A 81 5.98 0.22 -12.20
C CYS A 81 5.05 -0.97 -11.98
N GLY A 82 5.41 -2.09 -12.60
CA GLY A 82 4.63 -3.30 -12.48
C GLY A 82 3.22 -3.13 -12.98
N GLU A 83 2.26 -3.70 -12.28
CA GLU A 83 0.88 -3.55 -12.69
C GLU A 83 0.24 -2.41 -11.91
N ARG A 84 0.67 -2.23 -10.65
CA ARG A 84 0.13 -1.17 -9.82
C ARG A 84 1.20 -0.52 -8.93
N LYS A 85 2.47 -0.48 -9.35
CA LYS A 85 3.49 0.14 -8.50
C LYS A 85 3.67 1.60 -8.86
N CYS A 86 3.73 2.43 -7.84
CA CYS A 86 3.91 3.85 -8.06
C CYS A 86 5.29 4.24 -7.55
N VAL A 87 6.17 4.61 -8.45
CA VAL A 87 7.52 4.97 -8.09
C VAL A 87 7.63 6.48 -8.05
N LEU A 88 7.76 7.01 -6.86
CA LEU A 88 7.83 8.43 -6.71
C LEU A 88 9.17 8.85 -6.13
N PHE A 89 9.65 9.94 -6.62
CA PHE A 89 10.87 10.52 -6.12
C PHE A 89 10.41 11.82 -5.55
N ILE A 90 10.70 12.08 -4.28
CA ILE A 90 10.21 13.29 -3.70
C ILE A 90 11.37 14.15 -3.26
N GLU A 91 11.28 15.41 -3.62
CA GLU A 91 12.30 16.36 -3.29
C GLU A 91 11.69 17.63 -2.70
N TRP A 92 12.34 18.02 -1.60
CA TRP A 92 11.96 19.17 -0.79
C TRP A 92 13.10 19.54 0.14
N GLU A 93 13.22 20.84 0.44
CA GLU A 93 14.26 21.34 1.35
C GLU A 93 15.64 20.89 0.89
N LYS A 94 15.82 20.84 -0.42
CA LYS A 94 17.09 20.42 -1.02
C LYS A 94 17.32 18.93 -0.76
N LYS A 95 16.27 18.22 -0.34
CA LYS A 95 16.40 16.79 -0.10
C LYS A 95 15.51 16.02 -1.05
N THR A 96 16.11 14.97 -1.62
CA THR A 96 15.44 14.09 -2.57
C THR A 96 15.33 12.68 -2.00
N TYR A 97 14.13 12.12 -1.97
CA TYR A 97 13.93 10.77 -1.45
C TYR A 97 13.13 9.93 -2.44
N GLN A 98 13.31 8.63 -2.34
CA GLN A 98 12.64 7.67 -3.23
C GLN A 98 11.48 6.99 -2.52
N LEU A 99 10.27 7.24 -3.01
CA LEU A 99 9.07 6.66 -2.45
C LEU A 99 8.40 5.72 -3.44
N ASP A 100 8.18 4.47 -3.06
CA ASP A 100 7.52 3.56 -3.96
C ASP A 100 6.17 3.20 -3.34
N LEU A 101 5.14 3.80 -3.91
CA LEU A 101 3.79 3.62 -3.44
C LEU A 101 3.03 2.63 -4.29
N PHE A 102 1.84 2.29 -3.84
CA PHE A 102 1.01 1.36 -4.57
C PHE A 102 -0.45 1.82 -4.48
N THR A 103 -1.08 1.90 -5.63
CA THR A 103 -2.47 2.25 -5.71
C THR A 103 -3.24 1.10 -6.32
N ALA A 104 -4.24 0.58 -5.63
CA ALA A 104 -5.00 -0.56 -6.11
C ALA A 104 -6.45 -0.45 -5.64
N LEU A 105 -7.26 -1.47 -5.93
CA LEU A 105 -8.68 -1.44 -5.55
C LEU A 105 -8.84 -1.47 -4.02
N ALA A 106 -9.75 -0.64 -3.52
CA ALA A 106 -10.01 -0.53 -2.09
C ALA A 106 -10.31 -1.88 -1.46
N GLU A 107 -10.83 -2.80 -2.26
CA GLU A 107 -11.14 -4.14 -1.77
C GLU A 107 -9.86 -4.96 -1.58
N GLU A 108 -8.75 -4.49 -2.14
CA GLU A 108 -7.48 -5.22 -2.00
C GLU A 108 -6.86 -4.94 -0.65
N LYS A 109 -7.32 -3.83 -0.02
CA LYS A 109 -6.84 -3.36 1.28
C LYS A 109 -6.38 -4.47 2.24
N PRO A 110 -7.22 -5.44 2.63
CA PRO A 110 -6.80 -6.49 3.57
C PRO A 110 -5.57 -7.27 3.05
N TYR A 111 -5.71 -7.81 1.85
CA TYR A 111 -4.64 -8.58 1.21
C TYR A 111 -3.43 -7.68 1.03
N ALA A 112 -3.71 -6.50 0.50
CA ALA A 112 -2.67 -5.51 0.27
C ALA A 112 -1.96 -5.23 1.57
N ILE A 113 -2.74 -4.95 2.61
CA ILE A 113 -2.20 -4.67 3.92
C ILE A 113 -1.39 -5.88 4.37
N PHE A 114 -2.02 -7.07 4.39
CA PHE A 114 -1.31 -8.28 4.78
C PHE A 114 -0.03 -8.44 3.96
N HIS A 115 -0.17 -8.46 2.63
CA HIS A 115 0.97 -8.56 1.74
C HIS A 115 2.03 -7.50 2.07
N PHE A 116 1.60 -6.24 2.07
CA PHE A 116 2.52 -5.12 2.31
C PHE A 116 3.12 -5.11 3.70
N THR A 117 2.36 -5.53 4.69
CA THR A 117 2.86 -5.47 6.04
C THR A 117 3.97 -6.51 6.40
N GLY A 118 3.90 -7.80 5.98
CA GLY A 118 4.95 -8.70 6.53
C GLY A 118 6.26 -8.84 5.71
N PRO A 119 6.63 -10.12 5.34
CA PRO A 119 7.82 -10.46 4.50
C PRO A 119 7.62 -11.61 3.44
N VAL A 120 8.14 -11.35 2.22
CA VAL A 120 8.09 -12.29 1.07
C VAL A 120 8.05 -13.80 1.45
N SER A 121 9.08 -14.32 2.13
CA SER A 121 9.09 -15.74 2.54
C SER A 121 7.79 -16.15 3.24
N TYR A 122 7.27 -15.28 4.11
CA TYR A 122 6.06 -15.57 4.85
C TYR A 122 4.94 -15.53 3.86
N LEU A 123 5.02 -14.50 3.02
CA LEU A 123 4.08 -14.33 1.95
C LEU A 123 4.03 -15.62 1.15
N ILE A 124 5.17 -16.07 0.60
CA ILE A 124 5.20 -17.33 -0.14
C ILE A 124 4.75 -18.50 0.72
N ARG A 125 5.36 -18.64 1.90
CA ARG A 125 4.95 -19.71 2.82
C ARG A 125 3.44 -19.68 2.98
N ILE A 126 2.90 -18.48 3.19
CA ILE A 126 1.47 -18.28 3.34
C ILE A 126 0.78 -18.64 2.02
N ARG A 127 1.36 -18.16 0.91
CA ARG A 127 0.81 -18.44 -0.42
C ARG A 127 0.75 -19.95 -0.63
N ALA A 128 1.88 -20.64 -0.45
CA ALA A 128 1.90 -22.10 -0.57
C ALA A 128 0.99 -22.74 0.48
N ALA A 129 1.20 -22.33 1.75
CA ALA A 129 0.36 -22.82 2.83
C ALA A 129 -1.08 -22.71 2.41
N LEU A 130 -1.49 -21.51 1.99
CA LEU A 130 -2.85 -21.33 1.51
C LEU A 130 -3.11 -22.19 0.27
N LYS A 131 -2.20 -22.18 -0.73
CA LYS A 131 -2.43 -22.98 -1.93
C LYS A 131 -2.69 -24.41 -1.53
N LYS A 132 -1.86 -24.94 -0.64
CA LYS A 132 -2.06 -26.28 -0.10
C LYS A 132 -3.50 -26.49 0.38
N LYS A 133 -4.25 -25.42 0.64
CA LYS A 133 -5.64 -25.58 1.07
C LYS A 133 -6.56 -25.49 -0.15
N ASN A 134 -5.93 -25.49 -1.33
CA ASN A 134 -6.62 -25.43 -2.62
C ASN A 134 -7.20 -24.04 -2.86
N TYR A 135 -6.42 -23.00 -2.59
CA TYR A 135 -6.86 -21.64 -2.81
C TYR A 135 -5.66 -20.73 -3.07
N LYS A 136 -5.76 -19.86 -4.05
CA LYS A 136 -4.68 -18.93 -4.36
C LYS A 136 -5.09 -17.52 -3.93
N LEU A 137 -4.31 -16.89 -3.08
CA LEU A 137 -4.69 -15.57 -2.57
C LEU A 137 -3.88 -14.46 -3.22
N ASN A 138 -4.55 -13.54 -3.91
CA ASN A 138 -3.87 -12.43 -4.52
C ASN A 138 -4.64 -11.15 -4.28
N GLN A 139 -3.96 -10.02 -4.35
CA GLN A 139 -4.61 -8.72 -4.12
C GLN A 139 -5.91 -8.61 -4.90
N TYR A 140 -5.95 -9.21 -6.09
CA TYR A 140 -7.13 -9.21 -6.93
C TYR A 140 -8.26 -10.04 -6.31
N GLY A 141 -7.87 -11.02 -5.49
CA GLY A 141 -8.84 -11.87 -4.86
C GLY A 141 -8.31 -13.24 -4.49
N LEU A 142 -9.21 -14.21 -4.46
CA LEU A 142 -8.87 -15.57 -4.15
C LEU A 142 -9.12 -16.43 -5.39
N PHE A 143 -8.09 -17.12 -5.84
CA PHE A 143 -8.22 -17.98 -7.00
C PHE A 143 -8.38 -19.42 -6.55
N LYS A 144 -9.51 -19.99 -6.94
CA LYS A 144 -9.85 -21.36 -6.61
C LYS A 144 -9.92 -22.16 -7.89
N ASN A 145 -9.03 -23.14 -8.03
CA ASN A 145 -8.98 -24.01 -9.21
C ASN A 145 -9.13 -23.19 -10.49
N GLN A 146 -8.32 -22.14 -10.60
CA GLN A 146 -8.30 -21.24 -11.75
C GLN A 146 -9.53 -20.32 -11.77
N THR A 147 -10.39 -20.41 -10.75
CA THR A 147 -11.58 -19.56 -10.68
C THR A 147 -11.35 -18.41 -9.70
N LEU A 148 -11.83 -17.23 -10.07
CA LEU A 148 -11.67 -16.04 -9.23
C LEU A 148 -12.76 -15.97 -8.15
N VAL A 149 -12.34 -15.73 -6.92
CA VAL A 149 -13.24 -15.63 -5.78
C VAL A 149 -12.89 -14.36 -4.98
N PRO A 150 -13.89 -13.52 -4.65
CA PRO A 150 -13.69 -12.27 -3.89
C PRO A 150 -13.51 -12.47 -2.38
N LEU A 151 -13.54 -11.35 -1.65
CA LEU A 151 -13.35 -11.35 -0.20
C LEU A 151 -14.54 -10.70 0.52
N LYS A 152 -14.86 -11.20 1.72
CA LYS A 152 -15.99 -10.68 2.50
C LYS A 152 -15.53 -10.12 3.86
N ILE A 153 -14.36 -9.49 3.91
CA ILE A 153 -13.84 -8.93 5.17
C ILE A 153 -13.17 -7.57 4.97
N THR A 154 -12.68 -6.99 6.06
CA THR A 154 -12.01 -5.70 6.01
C THR A 154 -10.92 -5.56 7.09
N THR A 155 -10.84 -6.49 8.04
CA THR A 155 -9.84 -6.41 9.10
C THR A 155 -8.70 -7.42 8.95
N GLU A 156 -7.63 -7.22 9.72
CA GLU A 156 -6.43 -8.05 9.63
C GLU A 156 -6.65 -9.41 10.28
N LYS A 157 -7.06 -9.42 11.55
CA LYS A 157 -7.26 -10.67 12.23
C LYS A 157 -8.43 -11.34 11.56
N GLU A 158 -9.30 -10.48 11.06
CA GLU A 158 -10.45 -10.90 10.33
C GLU A 158 -9.97 -11.59 9.07
N LEU A 159 -9.07 -10.94 8.31
CA LEU A 159 -8.56 -11.55 7.09
C LEU A 159 -7.77 -12.82 7.43
N ILE A 160 -7.00 -12.79 8.53
CA ILE A 160 -6.25 -13.99 8.86
C ILE A 160 -7.24 -15.06 9.27
N LYS A 161 -8.15 -14.75 10.22
CA LYS A 161 -9.21 -15.67 10.60
C LYS A 161 -10.11 -15.98 9.40
N GLU A 162 -10.10 -15.08 8.42
CA GLU A 162 -10.88 -15.28 7.22
C GLU A 162 -10.21 -16.37 6.40
N LEU A 163 -8.89 -16.25 6.14
CA LEU A 163 -8.22 -17.30 5.38
C LEU A 163 -7.88 -18.52 6.25
N GLY A 164 -7.72 -18.31 7.55
CA GLY A 164 -7.39 -19.40 8.45
C GLY A 164 -5.92 -19.43 8.82
N PHE A 165 -5.36 -18.26 9.14
CA PHE A 165 -3.95 -18.16 9.50
C PHE A 165 -3.78 -17.27 10.74
N THR A 166 -2.53 -17.09 11.16
CA THR A 166 -2.22 -16.27 12.33
C THR A 166 -1.51 -14.98 11.89
N TYR A 167 -1.69 -13.91 12.66
CA TYR A 167 -1.07 -12.63 12.35
C TYR A 167 0.33 -12.52 12.97
N ARG A 168 1.36 -12.48 12.13
CA ARG A 168 2.73 -12.37 12.61
C ARG A 168 3.34 -11.05 12.13
N ILE A 169 4.09 -10.38 13.01
CA ILE A 169 4.72 -9.10 12.66
C ILE A 169 6.14 -9.30 12.13
N PRO A 170 6.50 -8.66 10.98
CA PRO A 170 7.82 -8.74 10.35
C PRO A 170 8.97 -8.73 11.31
N LYS A 171 8.85 -7.88 12.32
CA LYS A 171 9.87 -7.74 13.32
C LYS A 171 10.18 -9.10 13.94
N LYS A 172 9.29 -10.07 13.78
CA LYS A 172 9.52 -11.40 14.31
C LYS A 172 10.29 -12.25 13.30
N ARG A 173 10.39 -11.75 12.06
CA ARG A 173 11.10 -12.43 10.97
C ARG A 173 10.62 -13.86 10.79
N LEU A 174 9.32 -14.05 10.84
CA LEU A 174 8.71 -15.35 10.69
C LEU A 174 7.42 -15.23 9.91
N1 DOC B 23 8.81 -5.79 -5.63
C2 DOC B 23 7.91 -6.68 -6.21
N3 DOC B 23 8.34 -7.91 -6.61
C4 DOC B 23 9.62 -8.24 -6.43
C5 DOC B 23 10.57 -7.35 -5.86
C6 DOC B 23 10.11 -6.14 -5.47
O2 DOC B 23 6.72 -6.34 -6.36
N4 DOC B 23 10.01 -9.45 -6.82
C1' DOC B 23 8.33 -4.48 -5.19
C2' DOC B 23 8.40 -4.28 -3.68
C3' DOC B 23 8.82 -2.83 -3.54
C4' DOC B 23 9.67 -2.58 -4.78
O4' DOC B 23 9.16 -3.49 -5.78
C5' DOC B 23 11.15 -2.79 -4.60
O5' DOC B 23 11.76 -3.07 -5.86
P DOC B 23 12.38 -1.89 -6.75
OP1 DOC B 23 11.27 -1.17 -7.41
OP2 DOC B 23 13.34 -1.14 -5.90
H5 DOC B 23 11.61 -7.63 -5.72
H6 DOC B 23 10.82 -5.44 -5.03
HN41 DOC B 23 10.97 -9.75 -6.72
HN42 DOC B 23 9.34 -10.11 -7.22
H1' DOC B 23 7.31 -4.34 -5.56
H2' DOC B 23 9.11 -4.95 -3.21
H2'' DOC B 23 7.43 -4.46 -3.22
H3'1 DOC B 23 9.42 -2.67 -2.63
H3'2 DOC B 23 7.95 -2.16 -3.53
H4' DOC B 23 9.51 -1.53 -5.05
H5' DOC B 23 11.59 -1.89 -4.17
H5'' DOC B 23 11.32 -3.62 -3.93
PG DGT C . 11.76 -0.44 3.80
O1G DGT C . 12.54 0.02 2.48
O2G DGT C . 12.47 -0.09 5.05
O3G DGT C . 10.32 0.29 3.70
O3B DGT C . 11.47 -2.02 3.64
PB DGT C . 10.19 -2.55 2.79
O1B DGT C . 10.02 -3.98 3.15
O2B DGT C . 9.05 -1.63 3.01
O3A DGT C . 10.69 -2.44 1.27
PA DGT C . 9.91 -1.58 0.17
O1A DGT C . 9.88 -0.16 0.59
O2A DGT C . 10.49 -1.88 -1.16
O5' DGT C . 8.41 -2.16 0.22
C5' DGT C . 8.02 -3.23 -0.65
C4' DGT C . 6.53 -3.50 -0.54
O4' DGT C . 6.19 -4.63 -1.35
C3' DGT C . 6.23 -3.93 0.89
O3' DGT C . 4.81 -3.96 1.10
C2' DGT C . 6.76 -5.36 0.81
C1' DGT C . 6.06 -5.78 -0.47
N9 DGT C . 6.70 -6.98 -1.05
C8 DGT C . 6.14 -8.17 -1.22
N7 DGT C . 7.02 -9.00 -1.79
C5 DGT C . 8.14 -8.33 -1.98
C6 DGT C . 9.38 -8.68 -2.53
O6 DGT C . 9.58 -9.81 -2.95
N1 DGT C . 10.38 -7.70 -2.58
C2 DGT C . 10.12 -6.41 -2.10
N2 DGT C . 11.07 -5.49 -2.14
N3 DGT C . 8.92 -6.12 -1.58
C4 DGT C . 7.95 -7.04 -1.52
HO3' DGT C . 4.38 -4.48 0.37
HN2 DGT C . 10.87 -4.56 -1.79
HN2A DGT C . 11.96 -5.70 -2.53
H16 DGT C . 11.27 -7.93 -2.98
MG MG D . 9.02 1.60 -0.68
MG MG E . 9.50 0.62 2.65
N MET A 1 19.28 9.18 5.64
CA MET A 1 17.94 8.68 6.05
C MET A 1 17.15 9.80 6.72
N LEU A 2 15.88 9.55 6.95
CA LEU A 2 15.00 10.54 7.58
C LEU A 2 14.50 10.04 8.93
N THR A 3 13.80 10.88 9.65
CA THR A 3 13.28 10.53 10.97
C THR A 3 11.77 10.33 10.98
N LEU A 4 11.29 9.72 12.05
CA LEU A 4 9.87 9.43 12.23
C LEU A 4 9.04 10.71 12.14
N ILE A 5 9.45 11.74 12.87
CA ILE A 5 8.72 13.02 12.84
C ILE A 5 8.65 13.56 11.42
N GLN A 6 9.78 13.52 10.73
CA GLN A 6 9.85 13.97 9.35
C GLN A 6 8.97 13.07 8.50
N GLY A 7 9.13 11.76 8.70
CA GLY A 7 8.31 10.81 7.98
C GLY A 7 6.84 11.09 8.24
N LYS A 8 6.53 11.33 9.51
CA LYS A 8 5.17 11.62 9.92
C LYS A 8 4.73 12.92 9.25
N LYS A 9 5.57 13.96 9.38
CA LYS A 9 5.28 15.24 8.76
C LYS A 9 5.08 15.09 7.26
N ILE A 10 6.01 14.41 6.57
CA ILE A 10 5.86 14.23 5.14
C ILE A 10 4.65 13.35 4.86
N VAL A 11 4.46 12.31 5.68
CA VAL A 11 3.30 11.45 5.51
C VAL A 11 2.04 12.28 5.71
N ASN A 12 2.07 13.19 6.69
CA ASN A 12 0.92 14.05 6.95
C ASN A 12 0.77 15.03 5.79
N HIS A 13 1.91 15.58 5.37
CA HIS A 13 1.93 16.49 4.25
C HIS A 13 1.32 15.78 3.04
N LEU A 14 1.83 14.59 2.74
CA LEU A 14 1.30 13.80 1.64
C LEU A 14 -0.16 13.39 1.94
N ARG A 15 -0.41 13.13 3.22
CA ARG A 15 -1.74 12.74 3.69
C ARG A 15 -2.74 13.90 3.55
N SER A 16 -2.27 15.14 3.65
CA SER A 16 -3.16 16.29 3.53
C SER A 16 -2.92 17.13 2.26
N ARG A 17 -1.83 16.88 1.54
CA ARG A 17 -1.54 17.71 0.34
C ARG A 17 -1.38 16.91 -0.98
N LEU A 18 -1.52 15.59 -0.98
CA LEU A 18 -1.33 14.83 -2.24
C LEU A 18 -2.39 15.13 -3.29
N ALA A 19 -2.01 14.98 -4.57
CA ALA A 19 -2.93 15.27 -5.67
C ALA A 19 -2.67 14.38 -6.88
N PHE A 20 -3.68 14.24 -7.71
CA PHE A 20 -3.57 13.44 -8.91
C PHE A 20 -4.33 14.11 -10.04
N GLU A 21 -3.88 13.87 -11.26
CA GLU A 21 -4.51 14.44 -12.43
C GLU A 21 -5.68 13.59 -12.87
N TYR A 22 -6.65 14.27 -13.48
CA TYR A 22 -7.88 13.66 -13.93
C TYR A 22 -8.36 14.36 -15.18
N ASN A 23 -8.35 13.63 -16.30
CA ASN A 23 -8.81 14.15 -17.59
C ASN A 23 -8.17 15.52 -17.90
N GLY A 24 -6.93 15.70 -17.46
CA GLY A 24 -6.25 16.95 -17.71
C GLY A 24 -6.45 17.96 -16.58
N GLN A 25 -7.24 17.60 -15.58
CA GLN A 25 -7.49 18.50 -14.45
C GLN A 25 -6.94 17.87 -13.18
N LEU A 26 -6.42 18.70 -12.28
CA LEU A 26 -5.88 18.19 -11.02
C LEU A 26 -6.94 17.95 -9.93
N ILE A 27 -6.78 16.84 -9.24
CA ILE A 27 -7.66 16.44 -8.14
C ILE A 27 -6.79 16.06 -6.93
N LYS A 28 -7.10 16.58 -5.75
CA LYS A 28 -6.29 16.27 -4.57
C LYS A 28 -6.74 14.98 -3.89
N ILE A 29 -5.84 14.36 -3.13
CA ILE A 29 -6.16 13.09 -2.46
C ILE A 29 -6.30 13.29 -0.94
N LEU A 30 -7.48 12.92 -0.43
CA LEU A 30 -7.81 13.02 0.99
C LEU A 30 -7.07 11.98 1.82
N SER A 31 -7.18 12.13 3.14
CA SER A 31 -6.51 11.25 4.09
C SER A 31 -6.99 9.78 4.09
N LYS A 32 -8.31 9.54 4.21
CA LYS A 32 -8.86 8.16 4.24
C LYS A 32 -8.54 7.32 2.99
N ASN A 33 -7.90 7.92 2.00
CA ASN A 33 -7.54 7.24 0.75
C ASN A 33 -6.07 6.87 0.77
N ILE A 34 -5.47 7.04 1.95
CA ILE A 34 -4.05 6.82 2.11
C ILE A 34 -3.75 6.06 3.42
N VAL A 35 -2.98 4.98 3.29
CA VAL A 35 -2.59 4.14 4.43
C VAL A 35 -1.07 4.10 4.51
N ALA A 36 -0.51 3.89 5.69
CA ALA A 36 0.94 3.86 5.84
C ALA A 36 1.52 2.44 5.85
N VAL A 37 2.81 2.41 5.59
CA VAL A 37 3.61 1.19 5.64
C VAL A 37 5.06 1.55 5.90
N GLY A 38 5.69 0.91 6.84
CA GLY A 38 7.06 1.27 7.10
C GLY A 38 7.36 1.24 8.57
N SER A 39 8.15 2.24 8.97
CA SER A 39 8.52 2.42 10.35
C SER A 39 7.29 2.37 11.26
N LEU A 40 6.26 3.14 10.92
CA LEU A 40 5.01 3.19 11.69
C LEU A 40 4.44 1.83 12.09
N ARG A 41 4.38 0.89 11.15
CA ARG A 41 3.82 -0.43 11.44
C ARG A 41 4.67 -1.21 12.44
N ARG A 42 5.93 -0.83 12.61
CA ARG A 42 6.81 -1.52 13.54
C ARG A 42 7.25 -0.60 14.69
N GLU A 43 7.09 0.72 14.49
CA GLU A 43 7.47 1.75 15.46
C GLU A 43 8.99 1.84 15.55
N GLU A 44 9.60 1.97 14.38
CA GLU A 44 11.05 2.07 14.25
C GLU A 44 11.54 3.48 14.54
N LYS A 45 12.70 3.56 15.18
CA LYS A 45 13.32 4.84 15.50
C LYS A 45 14.13 5.32 14.30
N MET A 46 14.63 4.35 13.54
CA MET A 46 15.41 4.61 12.34
C MET A 46 14.79 3.81 11.20
N LEU A 47 14.72 4.41 10.02
CA LEU A 47 14.10 3.74 8.90
C LEU A 47 14.78 4.13 7.58
N ASN A 48 14.46 3.39 6.53
CA ASN A 48 15.02 3.67 5.21
C ASN A 48 14.04 4.55 4.44
N ASP A 49 12.82 4.05 4.29
CA ASP A 49 11.77 4.78 3.61
C ASP A 49 10.44 4.57 4.31
N VAL A 50 9.59 5.58 4.31
CA VAL A 50 8.27 5.47 4.91
C VAL A 50 7.30 5.18 3.80
N ASP A 51 6.71 4.01 3.80
CA ASP A 51 5.83 3.62 2.72
C ASP A 51 4.37 3.94 3.07
N LEU A 52 3.54 3.87 2.05
CA LEU A 52 2.14 4.20 2.16
C LEU A 52 1.37 3.41 1.14
N LEU A 53 0.08 3.29 1.36
CA LEU A 53 -0.79 2.59 0.45
C LEU A 53 -1.95 3.51 0.09
N ILE A 54 -2.20 3.65 -1.18
CA ILE A 54 -3.28 4.51 -1.63
C ILE A 54 -4.16 3.71 -2.56
N ILE A 55 -5.33 3.33 -2.08
CA ILE A 55 -6.26 2.53 -2.85
C ILE A 55 -7.48 3.34 -3.32
N VAL A 56 -7.98 3.03 -4.51
CA VAL A 56 -9.15 3.72 -5.07
C VAL A 56 -10.41 2.87 -4.86
N PRO A 57 -11.47 3.47 -4.29
CA PRO A 57 -12.73 2.75 -4.04
C PRO A 57 -13.54 2.55 -5.31
N GLU A 58 -13.64 3.60 -6.11
CA GLU A 58 -14.38 3.51 -7.36
C GLU A 58 -13.55 2.77 -8.40
N LYS A 59 -14.24 2.07 -9.29
CA LYS A 59 -13.58 1.31 -10.32
C LYS A 59 -13.13 2.22 -11.45
N LYS A 60 -13.73 3.42 -11.56
CA LYS A 60 -13.40 4.28 -12.69
C LYS A 60 -12.03 4.92 -12.51
N LEU A 61 -11.94 5.92 -11.61
CA LEU A 61 -10.65 6.55 -11.28
C LEU A 61 -9.59 5.58 -10.81
N LEU A 62 -9.95 4.31 -10.68
CA LEU A 62 -9.01 3.30 -10.25
C LEU A 62 -7.76 3.38 -11.13
N LYS A 63 -7.97 3.50 -12.43
CA LYS A 63 -6.87 3.61 -13.37
C LYS A 63 -6.53 5.06 -13.72
N HIS A 64 -7.33 6.01 -13.25
CA HIS A 64 -7.11 7.43 -13.57
C HIS A 64 -6.21 8.12 -12.57
N VAL A 65 -6.06 7.54 -11.40
CA VAL A 65 -5.17 8.12 -10.39
C VAL A 65 -3.72 7.86 -10.80
N LEU A 66 -3.54 6.77 -11.54
CA LEU A 66 -2.24 6.35 -12.02
C LEU A 66 -1.53 7.41 -12.88
N PRO A 67 -2.19 7.97 -13.94
CA PRO A 67 -1.62 8.98 -14.82
C PRO A 67 -0.68 9.96 -14.11
N ASN A 68 -1.20 11.00 -13.49
CA ASN A 68 -0.32 11.93 -12.78
C ASN A 68 -0.72 12.07 -11.32
N ILE A 69 -0.01 11.36 -10.44
CA ILE A 69 -0.27 11.42 -9.00
C ILE A 69 0.93 12.08 -8.30
N ARG A 70 0.75 13.28 -7.75
CA ARG A 70 1.85 14.00 -7.13
C ARG A 70 1.41 15.08 -6.13
N ILE A 71 2.42 15.80 -5.62
CA ILE A 71 2.21 16.90 -4.67
C ILE A 71 2.68 18.23 -5.30
N LYS A 72 1.94 19.31 -5.05
CA LYS A 72 2.29 20.61 -5.60
C LYS A 72 3.32 21.33 -4.73
N GLY A 73 4.43 21.83 -5.33
CA GLY A 73 5.39 22.60 -4.55
C GLY A 73 6.61 21.86 -4.04
N LEU A 74 7.14 20.89 -4.77
CA LEU A 74 8.32 20.16 -4.29
C LEU A 74 9.18 19.64 -5.44
N SER A 75 10.17 18.82 -5.09
CA SER A 75 10.99 18.21 -6.10
C SER A 75 10.60 16.75 -6.15
N PHE A 76 9.92 16.33 -7.21
CA PHE A 76 9.49 14.94 -7.25
C PHE A 76 9.64 14.32 -8.61
N SER A 77 10.12 13.09 -8.60
CA SER A 77 10.22 12.31 -9.80
C SER A 77 9.48 11.01 -9.55
N VAL A 78 8.42 10.78 -10.31
CA VAL A 78 7.62 9.57 -10.14
C VAL A 78 7.86 8.58 -11.28
N LYS A 79 8.36 7.41 -10.92
CA LYS A 79 8.60 6.35 -11.87
C LYS A 79 7.69 5.18 -11.53
N VAL A 80 6.83 4.84 -12.47
CA VAL A 80 5.89 3.75 -12.26
C VAL A 80 6.56 2.40 -12.47
N CYS A 81 6.34 1.47 -11.54
CA CYS A 81 6.90 0.15 -11.68
C CYS A 81 5.71 -0.79 -11.81
N GLY A 82 5.43 -1.16 -13.04
CA GLY A 82 4.28 -1.96 -13.30
C GLY A 82 3.03 -1.26 -12.81
N GLU A 83 1.88 -1.85 -12.96
CA GLU A 83 0.68 -1.25 -12.42
C GLU A 83 0.68 -1.48 -10.92
N ARG A 84 1.55 -2.40 -10.51
CA ARG A 84 1.67 -2.82 -9.12
C ARG A 84 2.47 -1.85 -8.23
N LYS A 85 3.54 -1.22 -8.74
CA LYS A 85 4.36 -0.34 -7.87
C LYS A 85 4.63 1.05 -8.47
N CYS A 86 4.83 2.03 -7.59
CA CYS A 86 5.12 3.39 -8.03
C CYS A 86 6.34 3.94 -7.27
N VAL A 87 7.43 4.17 -7.99
CA VAL A 87 8.64 4.68 -7.39
C VAL A 87 8.67 6.19 -7.47
N LEU A 88 8.92 6.83 -6.36
CA LEU A 88 8.96 8.26 -6.29
C LEU A 88 10.30 8.74 -5.74
N PHE A 89 10.84 9.75 -6.38
CA PHE A 89 12.08 10.34 -5.96
C PHE A 89 11.71 11.74 -5.56
N ILE A 90 11.82 12.09 -4.29
CA ILE A 90 11.39 13.42 -3.88
C ILE A 90 12.48 14.22 -3.21
N GLU A 91 12.59 15.45 -3.64
CA GLU A 91 13.52 16.38 -3.08
C GLU A 91 12.77 17.59 -2.52
N TRP A 92 13.26 17.98 -1.35
CA TRP A 92 12.75 19.11 -0.60
C TRP A 92 13.81 19.57 0.38
N GLU A 93 13.89 20.89 0.62
CA GLU A 93 14.89 21.45 1.52
C GLU A 93 16.28 20.98 1.08
N LYS A 94 16.41 20.82 -0.24
CA LYS A 94 17.64 20.34 -0.87
C LYS A 94 17.92 18.88 -0.51
N LYS A 95 16.95 18.20 0.10
CA LYS A 95 17.12 16.81 0.45
C LYS A 95 16.25 15.95 -0.44
N THR A 96 16.85 14.88 -0.96
CA THR A 96 16.17 13.94 -1.83
C THR A 96 15.88 12.64 -1.10
N TYR A 97 14.73 12.04 -1.38
CA TYR A 97 14.31 10.79 -0.77
C TYR A 97 13.63 9.91 -1.82
N GLN A 98 13.84 8.61 -1.69
CA GLN A 98 13.27 7.65 -2.63
C GLN A 98 12.11 6.89 -1.97
N LEU A 99 10.92 7.06 -2.50
CA LEU A 99 9.75 6.38 -1.95
C LEU A 99 9.13 5.44 -2.97
N ASP A 100 8.88 4.20 -2.59
CA ASP A 100 8.25 3.26 -3.51
C ASP A 100 6.83 2.99 -3.05
N LEU A 101 5.89 3.68 -3.65
CA LEU A 101 4.49 3.55 -3.29
C LEU A 101 3.79 2.56 -4.19
N PHE A 102 2.54 2.25 -3.87
CA PHE A 102 1.77 1.34 -4.67
C PHE A 102 0.29 1.72 -4.59
N THR A 103 -0.30 1.88 -5.75
CA THR A 103 -1.73 2.16 -5.84
C THR A 103 -2.41 0.95 -6.45
N ALA A 104 -3.39 0.35 -5.77
CA ALA A 104 -4.04 -0.84 -6.28
C ALA A 104 -5.52 -0.84 -5.90
N LEU A 105 -6.23 -1.92 -6.22
CA LEU A 105 -7.66 -2.02 -5.94
C LEU A 105 -7.97 -2.09 -4.44
N ALA A 106 -8.99 -1.32 -4.03
CA ALA A 106 -9.41 -1.26 -2.62
C ALA A 106 -9.63 -2.65 -2.03
N GLU A 107 -10.08 -3.58 -2.86
CA GLU A 107 -10.32 -4.94 -2.43
C GLU A 107 -9.00 -5.65 -2.12
N GLU A 108 -7.88 -5.10 -2.58
CA GLU A 108 -6.59 -5.73 -2.32
C GLU A 108 -6.10 -5.40 -0.91
N LYS A 109 -6.63 -4.30 -0.36
CA LYS A 109 -6.27 -3.79 0.98
C LYS A 109 -5.84 -4.87 1.99
N PRO A 110 -6.68 -5.87 2.35
CA PRO A 110 -6.27 -6.88 3.34
C PRO A 110 -4.96 -7.57 2.96
N TYR A 111 -4.99 -8.23 1.81
CA TYR A 111 -3.84 -8.93 1.29
C TYR A 111 -2.70 -7.95 1.11
N ALA A 112 -3.02 -6.81 0.50
CA ALA A 112 -2.04 -5.77 0.27
C ALA A 112 -1.36 -5.40 1.58
N ILE A 113 -2.18 -5.04 2.56
CA ILE A 113 -1.65 -4.67 3.86
C ILE A 113 -0.85 -5.83 4.43
N PHE A 114 -1.49 -7.03 4.53
CA PHE A 114 -0.78 -8.20 5.05
C PHE A 114 0.54 -8.41 4.28
N HIS A 115 0.44 -8.48 2.96
CA HIS A 115 1.58 -8.62 2.07
C HIS A 115 2.63 -7.55 2.34
N PHE A 116 2.21 -6.30 2.20
CA PHE A 116 3.08 -5.14 2.36
C PHE A 116 3.64 -4.97 3.78
N THR A 117 2.91 -5.39 4.79
CA THR A 117 3.37 -5.17 6.16
C THR A 117 4.50 -6.10 6.70
N GLY A 118 4.47 -7.45 6.48
CA GLY A 118 5.55 -8.22 7.11
C GLY A 118 6.69 -8.77 6.22
N PRO A 119 6.88 -10.11 6.05
CA PRO A 119 8.00 -10.65 5.27
C PRO A 119 7.64 -11.63 4.11
N VAL A 120 8.03 -11.23 2.89
CA VAL A 120 7.81 -12.02 1.65
C VAL A 120 7.82 -13.55 1.87
N SER A 121 8.91 -14.11 2.41
CA SER A 121 8.98 -15.55 2.68
C SER A 121 7.78 -16.04 3.49
N TYR A 122 7.34 -15.25 4.47
CA TYR A 122 6.21 -15.63 5.31
C TYR A 122 5.01 -15.63 4.41
N LEU A 123 4.90 -14.54 3.67
CA LEU A 123 3.85 -14.37 2.68
C LEU A 123 3.84 -15.58 1.76
N ILE A 124 4.99 -15.93 1.16
CA ILE A 124 5.06 -17.10 0.29
C ILE A 124 4.72 -18.38 1.04
N ARG A 125 5.41 -18.61 2.17
CA ARG A 125 5.10 -19.79 2.99
C ARG A 125 3.60 -19.85 3.27
N ILE A 126 3.05 -18.71 3.67
CA ILE A 126 1.62 -18.62 3.94
C ILE A 126 0.87 -18.89 2.63
N ARG A 127 1.33 -18.25 1.55
CA ARG A 127 0.75 -18.43 0.22
C ARG A 127 0.71 -19.93 -0.10
N ALA A 128 1.86 -20.61 -0.03
CA ALA A 128 1.91 -22.05 -0.30
C ALA A 128 1.12 -22.83 0.75
N ALA A 129 1.41 -22.55 2.03
CA ALA A 129 0.70 -23.19 3.13
C ALA A 129 -0.78 -23.13 2.86
N LEU A 130 -1.30 -21.93 2.63
CA LEU A 130 -2.69 -21.80 2.30
C LEU A 130 -3.00 -22.47 0.97
N LYS A 131 -2.15 -22.29 -0.06
CA LYS A 131 -2.42 -22.90 -1.35
C LYS A 131 -2.65 -24.40 -1.15
N LYS A 132 -1.69 -25.05 -0.46
CA LYS A 132 -1.84 -26.47 -0.17
C LYS A 132 -3.15 -26.78 0.57
N LYS A 133 -3.86 -25.75 1.05
CA LYS A 133 -5.13 -25.99 1.71
C LYS A 133 -6.23 -25.96 0.65
N ASN A 134 -5.76 -25.93 -0.61
CA ASN A 134 -6.62 -25.94 -1.79
C ASN A 134 -7.32 -24.61 -1.97
N TYR A 135 -6.65 -23.54 -1.59
CA TYR A 135 -7.17 -22.19 -1.72
C TYR A 135 -5.99 -21.26 -1.94
N LYS A 136 -6.07 -20.46 -2.98
CA LYS A 136 -4.99 -19.52 -3.26
C LYS A 136 -5.44 -18.12 -2.90
N LEU A 137 -4.69 -17.45 -2.06
CA LEU A 137 -5.06 -16.12 -1.65
C LEU A 137 -4.33 -15.12 -2.52
N ASN A 138 -5.02 -14.58 -3.50
CA ASN A 138 -4.43 -13.62 -4.40
C ASN A 138 -4.91 -12.25 -4.02
N GLN A 139 -4.07 -11.24 -4.22
CA GLN A 139 -4.43 -9.85 -3.89
C GLN A 139 -5.81 -9.51 -4.47
N TYR A 140 -6.18 -10.20 -5.55
CA TYR A 140 -7.46 -9.99 -6.21
C TYR A 140 -8.58 -10.85 -5.59
N GLY A 141 -8.20 -11.83 -4.76
CA GLY A 141 -9.22 -12.68 -4.15
C GLY A 141 -8.72 -14.07 -3.77
N LEU A 142 -9.68 -14.99 -3.68
CA LEU A 142 -9.35 -16.37 -3.32
C LEU A 142 -9.47 -17.23 -4.55
N PHE A 143 -8.41 -17.89 -4.93
CA PHE A 143 -8.43 -18.77 -6.07
C PHE A 143 -8.53 -20.22 -5.63
N LYS A 144 -9.62 -20.84 -6.02
CA LYS A 144 -9.87 -22.23 -5.70
C LYS A 144 -9.86 -23.04 -6.99
N ASN A 145 -8.81 -23.84 -7.18
CA ASN A 145 -8.66 -24.66 -8.38
C ASN A 145 -8.98 -23.84 -9.63
N GLN A 146 -8.34 -22.68 -9.73
CA GLN A 146 -8.52 -21.75 -10.84
C GLN A 146 -9.85 -20.99 -10.77
N THR A 147 -10.65 -21.26 -9.73
CA THR A 147 -11.92 -20.55 -9.57
C THR A 147 -11.70 -19.36 -8.64
N LEU A 148 -12.15 -18.19 -9.07
CA LEU A 148 -12.00 -16.97 -8.28
C LEU A 148 -13.12 -16.85 -7.25
N VAL A 149 -12.74 -16.61 -6.01
CA VAL A 149 -13.67 -16.47 -4.91
C VAL A 149 -13.35 -15.18 -4.12
N PRO A 150 -14.38 -14.36 -3.83
CA PRO A 150 -14.21 -13.11 -3.08
C PRO A 150 -14.19 -13.28 -1.55
N LEU A 151 -14.18 -12.15 -0.84
CA LEU A 151 -14.16 -12.15 0.62
C LEU A 151 -15.20 -11.17 1.15
N LYS A 152 -15.75 -11.45 2.33
CA LYS A 152 -16.79 -10.60 2.91
C LYS A 152 -16.25 -9.66 4.00
N ILE A 153 -14.97 -9.77 4.31
CA ILE A 153 -14.38 -8.92 5.35
C ILE A 153 -13.60 -7.75 4.77
N THR A 154 -13.12 -6.87 5.65
CA THR A 154 -12.36 -5.70 5.24
C THR A 154 -11.11 -5.49 6.11
N THR A 155 -11.12 -6.07 7.32
CA THR A 155 -9.99 -5.93 8.23
C THR A 155 -9.05 -7.13 8.12
N GLU A 156 -7.74 -6.87 8.05
CA GLU A 156 -6.74 -7.93 7.93
C GLU A 156 -6.84 -9.03 8.99
N LYS A 157 -7.23 -8.67 10.23
CA LYS A 157 -7.25 -9.70 11.25
C LYS A 157 -8.52 -10.48 10.98
N GLU A 158 -9.52 -9.72 10.59
CA GLU A 158 -10.81 -10.26 10.22
C GLU A 158 -10.57 -11.17 9.02
N LEU A 159 -9.68 -10.75 8.12
CA LEU A 159 -9.31 -11.54 6.95
C LEU A 159 -8.65 -12.83 7.42
N ILE A 160 -7.56 -12.71 8.19
CA ILE A 160 -6.93 -13.94 8.70
C ILE A 160 -7.98 -14.76 9.47
N LYS A 161 -8.73 -14.08 10.34
CA LYS A 161 -9.81 -14.71 11.09
C LYS A 161 -10.83 -15.36 10.15
N GLU A 162 -11.05 -14.71 8.99
CA GLU A 162 -11.96 -15.24 7.99
C GLU A 162 -11.32 -16.44 7.31
N LEU A 163 -10.04 -16.32 6.91
CA LEU A 163 -9.37 -17.44 6.26
C LEU A 163 -9.04 -18.57 7.24
N GLY A 164 -8.85 -18.24 8.51
CA GLY A 164 -8.56 -19.25 9.51
C GLY A 164 -7.09 -19.31 9.88
N PHE A 165 -6.49 -18.16 10.10
CA PHE A 165 -5.09 -18.09 10.50
C PHE A 165 -4.94 -17.13 11.67
N THR A 166 -3.74 -16.99 12.19
CA THR A 166 -3.51 -16.10 13.33
C THR A 166 -2.75 -14.84 12.91
N TYR A 167 -3.07 -13.72 13.55
CA TYR A 167 -2.40 -12.46 13.24
C TYR A 167 -1.11 -12.35 14.05
N ARG A 168 -0.06 -11.91 13.38
CA ARG A 168 1.23 -11.76 14.03
C ARG A 168 1.74 -10.33 13.87
N ILE A 169 2.66 -9.94 14.75
CA ILE A 169 3.21 -8.58 14.72
C ILE A 169 4.66 -8.58 14.20
N PRO A 170 4.92 -7.82 13.11
CA PRO A 170 6.25 -7.73 12.49
C PRO A 170 7.35 -7.61 13.53
N LYS A 171 7.11 -6.79 14.56
CA LYS A 171 8.06 -6.59 15.65
C LYS A 171 8.47 -7.91 16.30
N LYS A 172 7.70 -8.97 16.06
CA LYS A 172 8.02 -10.27 16.62
C LYS A 172 8.68 -11.15 15.55
N ARG A 173 8.83 -10.59 14.33
CA ARG A 173 9.42 -11.31 13.19
C ARG A 173 8.45 -12.37 12.66
N LEU A 174 8.52 -12.60 11.34
CA LEU A 174 7.66 -13.56 10.67
C LEU A 174 6.20 -13.17 10.82
N1 DOC B 23 8.96 -5.07 -6.21
C2 DOC B 23 7.92 -5.97 -6.46
N3 DOC B 23 8.21 -7.23 -6.82
C4 DOC B 23 9.49 -7.61 -6.94
C5 DOC B 23 10.57 -6.71 -6.71
C6 DOC B 23 10.27 -5.46 -6.35
O2 DOC B 23 6.74 -5.58 -6.32
N4 DOC B 23 9.74 -8.87 -7.30
C1' DOC B 23 8.64 -3.70 -5.81
C2' DOC B 23 9.61 -3.12 -4.79
C3' DOC B 23 9.83 -1.70 -5.26
C4' DOC B 23 9.64 -1.80 -6.78
O4' DOC B 23 8.72 -2.87 -6.98
C5' DOC B 23 10.90 -2.09 -7.56
O5' DOC B 23 11.98 -1.26 -7.12
P DOC B 23 13.22 -0.97 -8.08
OP1 DOC B 23 12.98 0.32 -8.76
OP2 DOC B 23 14.46 -1.18 -7.30
H5 DOC B 23 11.61 -7.04 -6.82
H6 DOC B 23 11.07 -4.76 -6.17
HN41 DOC B 23 10.68 -9.21 -7.40
HN42 DOC B 23 8.96 -9.51 -7.44
H1' DOC B 23 7.62 -3.67 -5.45
H2' DOC B 23 10.54 -3.67 -4.75
H2'' DOC B 23 9.18 -3.14 -3.79
H3'1 DOC B 23 10.85 -1.34 -5.03
H3'2 DOC B 23 9.09 -1.01 -4.84
H4' DOC B 23 9.27 -0.83 -7.11
H5' DOC B 23 11.17 -3.14 -7.42
H5'' DOC B 23 10.71 -1.91 -8.62
PG DGT C . 11.68 -0.43 5.25
O1G DGT C . 13.19 0.13 5.14
O2G DGT C . 11.23 -0.54 6.65
O3G DGT C . 10.79 0.60 4.39
O3B DGT C . 11.65 -1.83 4.45
PB DGT C . 10.35 -2.27 3.62
O1B DGT C . 10.06 -3.68 3.96
O2B DGT C . 9.28 -1.26 3.82
O3A DGT C . 10.88 -2.21 2.09
PA DGT C . 10.22 -1.25 0.97
O1A DGT C . 10.25 0.16 1.44
O2A DGT C . 10.88 -1.56 -0.31
O5' DGT C . 8.70 -1.75 0.89
C5' DGT C . 8.30 -2.65 -0.15
C4' DGT C . 6.79 -2.90 -0.11
O4' DGT C . 6.46 -3.94 -1.05
C3' DGT C . 6.45 -3.49 1.25
O3' DGT C . 5.03 -3.54 1.39
C2' DGT C . 7.01 -4.88 1.03
C1' DGT C . 6.32 -5.15 -0.30
N9 DGT C . 6.91 -6.30 -1.03
C8 DGT C . 6.34 -7.50 -1.19
N7 DGT C . 7.14 -8.26 -1.94
C5 DGT C . 8.23 -7.54 -2.26
C6 DGT C . 9.36 -7.82 -3.00
O6 DGT C . 9.51 -8.92 -3.53
N1 DGT C . 10.33 -6.82 -3.14
C2 DGT C . 10.12 -5.58 -2.53
N2 DGT C . 11.04 -4.62 -2.63
N3 DGT C . 9.00 -5.35 -1.82
C4 DGT C . 8.06 -6.29 -1.68
HO3' DGT C . 4.64 -2.65 1.19
HN2 DGT C . 10.88 -3.74 -2.18
HN2A DGT C . 11.87 -4.79 -3.16
H16 DGT C . 11.16 -6.99 -3.68
MG MG D . 9.35 1.84 0.12
MG MG E . 9.86 0.96 3.49
#